data_6HTG
#
_entry.id   6HTG
#
_cell.length_a   70.660
_cell.length_b   70.640
_cell.length_c   98.330
_cell.angle_alpha   77.73
_cell.angle_beta   75.86
_cell.angle_gamma   85.63
#
_symmetry.space_group_name_H-M   'P 1'
#
loop_
_entity.id
_entity.type
_entity.pdbx_description
1 polymer 'Histone deacetylase'
2 non-polymer 'ZINC ION'
3 non-polymer 'POTASSIUM ION'
4 non-polymer 3-benzamido-4-chloranyl-~{N}-oxidanyl-benzamide
5 non-polymer DIMETHYLFORMAMIDE
6 non-polymer GLYCEROL
7 water water
#
_entity_poly.entity_id   1
_entity_poly.type   'polypeptide(L)'
_entity_poly.pdbx_seq_one_letter_code
;HMSVGIVYGDQYRQLCCSSPKFGDRYALVMDLINAYKLIPELSRVPPLQWDSPSRMYEAVTAFHSTEYVDALKKLQMLHC
EEKELTADDELLMDSFSLNYDCPGFPSVFDYSLAAVQGSLAAASALICRHCEVVINWGGGWHHAKRSEASGFCYLNDIVL
AIHRLVSSTPPETSPNRQTRVLYVDLDLHHGDGVEEAFWYSPRVVTFSVHHASPGFFPGTGTWNMVDNDKLPIFLNGAGR
GRFSAFNLPLEEGINDLDWSNAIGPILDSLNIVIQPSYVVVQCGADCLATDPHRIFRLTNFYPNLNLDSDCDSECSLSGY
LYAIKKILSWKVPTLILGGGGYNFPDTARLWTRVTALTIEEVKGKKMTISPEIPEHSYFSRYGPDFELDIDYFPHESHNK
TLDSIQKHHRRILEQLRNYADLNKLIYDYDQVYQLYNLTGMGSLVPR
;
_entity_poly.pdbx_strand_id   A,B,C,D
#
loop_
_chem_comp.id
_chem_comp.type
_chem_comp.name
_chem_comp.formula
DMF non-polymer DIMETHYLFORMAMIDE 'C3 H7 N O'
GOL non-polymer GLYCEROL 'C3 H8 O3'
K non-polymer 'POTASSIUM ION' 'K 1'
T61 non-polymer 3-benzamido-4-chloranyl-~{N}-oxidanyl-benzamide 'C14 H11 Cl N2 O3'
ZN non-polymer 'ZINC ION' 'Zn 2'
#
# COMPACT_ATOMS: atom_id res chain seq x y z
N SER A 3 -36.17 14.09 -0.32
CA SER A 3 -36.40 12.69 0.00
C SER A 3 -35.64 12.30 1.26
N VAL A 4 -36.30 11.47 2.07
CA VAL A 4 -35.73 10.91 3.29
C VAL A 4 -35.42 9.45 3.00
N GLY A 5 -34.16 9.06 3.20
CA GLY A 5 -33.73 7.69 2.98
C GLY A 5 -33.68 6.96 4.30
N ILE A 6 -33.79 5.64 4.23
CA ILE A 6 -33.62 4.78 5.42
C ILE A 6 -32.94 3.48 4.97
N VAL A 7 -31.93 3.05 5.73
CA VAL A 7 -31.17 1.86 5.40
C VAL A 7 -31.92 0.63 5.89
N TYR A 8 -32.26 -0.27 4.97
CA TYR A 8 -32.69 -1.61 5.35
C TYR A 8 -32.48 -2.57 4.19
N GLY A 9 -32.68 -3.84 4.49
CA GLY A 9 -32.53 -4.91 3.53
C GLY A 9 -32.73 -6.21 4.27
N ASP A 10 -33.06 -7.25 3.52
CA ASP A 10 -33.33 -8.53 4.15
C ASP A 10 -32.10 -9.10 4.85
N GLN A 11 -30.97 -9.16 4.12
CA GLN A 11 -29.73 -9.57 4.76
C GLN A 11 -29.33 -8.60 5.85
N TYR A 12 -29.41 -7.30 5.58
CA TYR A 12 -29.07 -6.29 6.59
C TYR A 12 -29.81 -6.57 7.89
N ARG A 13 -31.12 -6.79 7.77
CA ARG A 13 -31.96 -7.06 8.93
C ARG A 13 -31.50 -8.31 9.68
N GLN A 14 -31.19 -9.38 8.95
CA GLN A 14 -30.74 -10.61 9.59
C GLN A 14 -29.49 -10.37 10.42
N LEU A 15 -28.53 -9.63 9.84
CA LEU A 15 -27.28 -9.41 10.54
C LEU A 15 -27.47 -8.47 11.71
N CYS A 16 -28.24 -7.39 11.53
CA CYS A 16 -28.47 -6.45 12.63
C CYS A 16 -29.20 -7.11 13.79
N CYS A 17 -29.91 -8.21 13.54
CA CYS A 17 -30.62 -8.96 14.57
C CYS A 17 -29.85 -10.18 15.08
N SER A 18 -28.56 -10.30 14.77
CA SER A 18 -27.85 -11.53 15.10
C SER A 18 -26.97 -11.41 16.33
N SER A 19 -27.07 -10.30 17.10
CA SER A 19 -26.17 -10.20 18.24
C SER A 19 -26.87 -10.59 19.54
N PRO A 20 -26.11 -11.07 20.53
CA PRO A 20 -26.72 -11.44 21.82
C PRO A 20 -27.21 -10.26 22.63
N LYS A 21 -26.61 -9.08 22.49
CA LYS A 21 -27.02 -7.93 23.29
C LYS A 21 -28.27 -7.25 22.73
N PHE A 22 -28.34 -7.05 21.41
CA PHE A 22 -29.43 -6.27 20.85
C PHE A 22 -30.54 -7.12 20.24
N GLY A 23 -30.38 -8.44 20.23
CA GLY A 23 -31.41 -9.35 19.78
C GLY A 23 -32.11 -8.86 18.53
N ASP A 24 -33.44 -8.78 18.59
CA ASP A 24 -34.25 -8.42 17.43
C ASP A 24 -34.71 -6.97 17.47
N ARG A 25 -34.08 -6.13 18.29
CA ARG A 25 -34.49 -4.73 18.39
C ARG A 25 -34.67 -4.11 17.01
N TYR A 26 -33.73 -4.34 16.09
CA TYR A 26 -33.82 -3.73 14.77
C TYR A 26 -35.08 -4.16 14.03
N ALA A 27 -35.47 -5.44 14.14
CA ALA A 27 -36.71 -5.89 13.52
C ALA A 27 -37.92 -5.18 14.10
N LEU A 28 -37.95 -4.98 15.42
CA LEU A 28 -39.06 -4.24 16.03
C LEU A 28 -39.13 -2.84 15.50
N VAL A 29 -37.98 -2.16 15.43
CA VAL A 29 -37.95 -0.77 14.98
C VAL A 29 -38.49 -0.67 13.56
N MET A 30 -37.97 -1.50 12.66
CA MET A 30 -38.36 -1.37 11.26
C MET A 30 -39.78 -1.88 11.01
N ASP A 31 -40.22 -2.91 11.76
CA ASP A 31 -41.59 -3.37 11.60
C ASP A 31 -42.59 -2.40 12.19
N LEU A 32 -42.23 -1.67 13.25
CA LEU A 32 -43.15 -0.65 13.76
C LEU A 32 -43.23 0.53 12.78
N ILE A 33 -42.09 0.91 12.20
CA ILE A 33 -42.11 1.91 11.13
C ILE A 33 -43.00 1.43 9.97
N ASN A 34 -42.87 0.16 9.60
CA ASN A 34 -43.72 -0.42 8.56
C ASN A 34 -45.19 -0.48 8.97
N ALA A 35 -45.47 -0.91 10.20
CA ALA A 35 -46.86 -0.98 10.68
C ALA A 35 -47.54 0.39 10.64
N TYR A 36 -46.79 1.47 10.79
CA TYR A 36 -47.33 2.83 10.76
C TYR A 36 -47.40 3.44 9.35
N LYS A 37 -47.10 2.64 8.32
CA LYS A 37 -47.23 3.02 6.91
C LYS A 37 -46.30 4.17 6.53
N LEU A 38 -45.12 4.22 7.16
CA LEU A 38 -44.10 5.20 6.85
C LEU A 38 -43.18 4.77 5.71
N ILE A 39 -43.04 3.47 5.47
CA ILE A 39 -42.06 2.98 4.46
C ILE A 39 -42.32 3.54 3.07
N PRO A 40 -43.56 3.63 2.56
CA PRO A 40 -43.77 4.25 1.23
C PRO A 40 -43.35 5.70 1.16
N GLU A 41 -43.20 6.41 2.29
CA GLU A 41 -42.70 7.78 2.26
C GLU A 41 -41.18 7.86 2.17
N LEU A 42 -40.48 6.74 2.29
CA LEU A 42 -39.05 6.72 2.51
C LEU A 42 -38.37 6.02 1.34
N SER A 43 -37.18 6.51 1.00
CA SER A 43 -36.34 5.90 -0.01
C SER A 43 -35.46 4.83 0.64
N ARG A 44 -35.53 3.58 0.17
CA ARG A 44 -34.65 2.56 0.73
C ARG A 44 -33.22 2.78 0.26
N VAL A 45 -32.29 2.91 1.20
CA VAL A 45 -30.87 3.00 0.92
C VAL A 45 -30.25 1.62 1.16
N PRO A 46 -29.70 0.96 0.14
CA PRO A 46 -29.11 -0.36 0.35
C PRO A 46 -27.76 -0.27 1.01
N PRO A 47 -27.44 -1.17 1.93
CA PRO A 47 -26.09 -1.18 2.51
C PRO A 47 -25.02 -1.34 1.43
N LEU A 48 -23.88 -0.71 1.66
CA LEU A 48 -22.75 -0.77 0.73
C LEU A 48 -22.14 -2.16 0.70
N GLN A 49 -21.82 -2.63 -0.51
CA GLN A 49 -21.07 -3.88 -0.66
C GLN A 49 -19.84 -3.61 -1.52
N TRP A 50 -18.80 -4.44 -1.35
CA TRP A 50 -17.49 -4.16 -1.92
C TRP A 50 -17.12 -5.15 -3.02
N ASP A 51 -16.23 -4.71 -3.91
CA ASP A 51 -15.74 -5.50 -5.05
C ASP A 51 -14.76 -6.61 -4.68
N SER A 52 -14.24 -6.64 -3.46
CA SER A 52 -13.20 -7.58 -3.09
C SER A 52 -12.93 -7.43 -1.60
N PRO A 53 -12.31 -8.45 -0.98
CA PRO A 53 -11.80 -8.28 0.38
C PRO A 53 -10.87 -7.08 0.50
N SER A 54 -10.04 -6.80 -0.51
CA SER A 54 -9.09 -5.68 -0.36
C SER A 54 -9.84 -4.35 -0.29
N ARG A 55 -10.89 -4.17 -1.10
CA ARG A 55 -11.66 -2.92 -1.02
C ARG A 55 -12.37 -2.82 0.32
N MET A 56 -12.84 -3.94 0.85
CA MET A 56 -13.48 -3.86 2.16
C MET A 56 -12.47 -3.45 3.23
N TYR A 57 -11.30 -4.07 3.25
CA TYR A 57 -10.29 -3.68 4.23
C TYR A 57 -9.89 -2.23 4.06
N GLU A 58 -9.80 -1.76 2.81
CA GLU A 58 -9.39 -0.38 2.58
C GLU A 58 -10.41 0.59 3.18
N ALA A 59 -11.70 0.24 3.12
CA ALA A 59 -12.73 1.11 3.69
C ALA A 59 -12.68 1.11 5.20
N VAL A 60 -12.64 -0.07 5.80
CA VAL A 60 -12.75 -0.14 7.25
C VAL A 60 -11.50 0.43 7.92
N THR A 61 -10.30 0.16 7.32
CA THR A 61 -9.02 0.61 7.86
C THR A 61 -8.72 2.05 7.49
N ALA A 62 -9.69 2.75 6.91
CA ALA A 62 -9.64 4.20 6.93
C ALA A 62 -9.61 4.71 8.37
N PHE A 63 -10.10 3.91 9.31
CA PHE A 63 -10.06 4.29 10.72
C PHE A 63 -9.41 3.21 11.58
N HIS A 64 -9.90 1.98 11.46
CA HIS A 64 -9.40 0.87 12.27
C HIS A 64 -8.06 0.33 11.75
N SER A 65 -7.22 -0.15 12.66
CA SER A 65 -5.96 -0.77 12.22
C SER A 65 -6.24 -2.10 11.52
N THR A 66 -5.35 -2.47 10.57
CA THR A 66 -5.50 -3.79 9.95
C THR A 66 -5.49 -4.90 11.00
N GLU A 67 -4.59 -4.80 11.98
CA GLU A 67 -4.45 -5.84 13.00
C GLU A 67 -5.76 -6.02 13.79
N TYR A 68 -6.43 -4.93 14.14
CA TYR A 68 -7.68 -5.09 14.87
C TYR A 68 -8.75 -5.73 13.99
N VAL A 69 -8.87 -5.26 12.74
CA VAL A 69 -9.82 -5.88 11.82
C VAL A 69 -9.54 -7.37 11.67
N ASP A 70 -8.26 -7.72 11.44
CA ASP A 70 -7.89 -9.14 11.37
C ASP A 70 -8.36 -9.89 12.62
N ALA A 71 -8.12 -9.33 13.82
CA ALA A 71 -8.49 -10.06 15.03
C ALA A 71 -10.01 -10.18 15.16
N LEU A 72 -10.75 -9.16 14.73
CA LEU A 72 -12.20 -9.23 14.81
C LEU A 72 -12.74 -10.31 13.88
N LYS A 73 -12.18 -10.42 12.68
CA LYS A 73 -12.57 -11.47 11.76
C LYS A 73 -12.18 -12.84 12.30
N LYS A 74 -10.99 -12.95 12.91
CA LYS A 74 -10.61 -14.23 13.51
C LYS A 74 -11.55 -14.59 14.64
N LEU A 75 -11.99 -13.60 15.39
CA LEU A 75 -12.90 -13.86 16.50
C LEU A 75 -14.19 -14.52 15.99
N GLN A 76 -14.77 -13.97 14.92
CA GLN A 76 -15.93 -14.62 14.31
C GLN A 76 -15.61 -16.06 13.93
N MET A 77 -14.50 -16.27 13.23
CA MET A 77 -14.17 -17.62 12.76
C MET A 77 -14.00 -18.57 13.95
N LEU A 78 -13.37 -18.11 15.02
CA LEU A 78 -13.19 -18.95 16.21
C LEU A 78 -14.53 -19.29 16.85
N HIS A 79 -15.47 -18.35 16.85
CA HIS A 79 -16.76 -18.64 17.43
C HIS A 79 -17.67 -19.45 16.51
N CYS A 80 -17.26 -19.70 15.26
CA CYS A 80 -18.01 -20.56 14.35
C CYS A 80 -17.53 -22.01 14.37
N GLU A 81 -16.52 -22.33 15.17
CA GLU A 81 -16.14 -23.70 15.46
C GLU A 81 -16.41 -23.99 16.94
N GLU A 82 -16.33 -25.26 17.30
CA GLU A 82 -16.70 -25.68 18.65
C GLU A 82 -15.55 -25.57 19.64
N LYS A 83 -14.33 -25.93 19.20
CA LYS A 83 -13.14 -25.88 20.05
C LYS A 83 -13.09 -24.57 20.84
N GLU A 84 -12.74 -24.67 22.12
CA GLU A 84 -12.49 -23.50 22.93
C GLU A 84 -11.30 -22.69 22.37
N LEU A 85 -11.27 -21.40 22.69
CA LEU A 85 -10.14 -20.57 22.30
C LEU A 85 -8.88 -21.04 23.02
N THR A 86 -7.76 -20.97 22.33
CA THR A 86 -6.49 -21.23 22.97
C THR A 86 -6.06 -20.03 23.80
N ALA A 87 -5.13 -20.30 24.73
CA ALA A 87 -4.57 -19.24 25.58
C ALA A 87 -3.99 -18.11 24.72
N ASP A 88 -3.21 -18.46 23.69
CA ASP A 88 -2.67 -17.42 22.80
C ASP A 88 -3.77 -16.64 22.10
N ASP A 89 -4.84 -17.29 21.67
CA ASP A 89 -5.90 -16.51 21.02
C ASP A 89 -6.67 -15.65 22.02
N GLU A 90 -6.88 -16.14 23.24
CA GLU A 90 -7.47 -15.30 24.29
C GLU A 90 -6.63 -14.05 24.53
N LEU A 91 -5.31 -14.22 24.57
CA LEU A 91 -4.45 -13.07 24.83
C LEU A 91 -4.52 -12.08 23.68
N LEU A 92 -4.47 -12.58 22.43
CA LEU A 92 -4.67 -11.74 21.27
C LEU A 92 -5.95 -10.91 21.40
N MET A 93 -7.06 -11.57 21.69
CA MET A 93 -8.34 -10.88 21.80
C MET A 93 -8.32 -9.84 22.93
N ASP A 94 -7.79 -10.20 24.10
CA ASP A 94 -7.64 -9.25 25.19
C ASP A 94 -6.84 -8.00 24.78
N SER A 95 -5.86 -8.14 23.88
CA SER A 95 -5.08 -6.97 23.45
C SER A 95 -5.93 -5.98 22.63
N PHE A 96 -7.09 -6.41 22.13
CA PHE A 96 -8.00 -5.51 21.43
C PHE A 96 -9.31 -5.29 22.19
N SER A 97 -9.34 -5.67 23.46
CA SER A 97 -10.55 -5.59 24.31
C SER A 97 -11.72 -6.35 23.71
N LEU A 98 -11.43 -7.42 22.96
CA LEU A 98 -12.49 -8.25 22.41
C LEU A 98 -12.80 -9.30 23.47
N ASN A 99 -13.59 -8.87 24.47
CA ASN A 99 -13.87 -9.68 25.64
C ASN A 99 -14.83 -8.96 26.58
N TYR A 100 -15.18 -9.60 27.69
CA TYR A 100 -16.05 -9.01 28.69
C TYR A 100 -17.30 -8.46 28.03
N ASP A 101 -17.45 -7.14 28.00
CA ASP A 101 -18.64 -6.51 27.42
C ASP A 101 -18.63 -6.47 25.90
N CYS A 102 -17.55 -6.87 25.23
CA CYS A 102 -17.53 -7.00 23.78
C CYS A 102 -17.15 -8.44 23.43
N PRO A 103 -18.05 -9.39 23.67
CA PRO A 103 -17.71 -10.79 23.46
C PRO A 103 -17.74 -11.17 21.98
N GLY A 104 -17.16 -12.33 21.70
CA GLY A 104 -17.37 -12.95 20.41
C GLY A 104 -18.69 -13.69 20.34
N PHE A 105 -19.18 -13.83 19.12
CA PHE A 105 -20.33 -14.65 18.78
C PHE A 105 -20.24 -14.98 17.29
N PRO A 106 -20.98 -16.04 16.82
CA PRO A 106 -20.77 -16.56 15.45
C PRO A 106 -20.82 -15.53 14.33
N SER A 107 -21.54 -14.41 14.52
CA SER A 107 -21.65 -13.43 13.43
C SER A 107 -20.99 -12.10 13.78
N VAL A 108 -20.09 -12.07 14.78
CA VAL A 108 -19.64 -10.78 15.32
C VAL A 108 -19.02 -9.88 14.25
N PHE A 109 -18.22 -10.46 13.34
CA PHE A 109 -17.62 -9.62 12.30
C PHE A 109 -18.68 -9.15 11.29
N ASP A 110 -19.49 -10.07 10.74
CA ASP A 110 -20.54 -9.66 9.80
C ASP A 110 -21.51 -8.67 10.43
N TYR A 111 -21.84 -8.87 11.72
CA TYR A 111 -22.76 -7.97 12.42
C TYR A 111 -22.19 -6.57 12.51
N SER A 112 -20.94 -6.48 12.96
CA SER A 112 -20.27 -5.19 13.11
C SER A 112 -20.10 -4.49 11.76
N LEU A 113 -19.69 -5.24 10.75
CA LEU A 113 -19.45 -4.69 9.42
C LEU A 113 -20.75 -4.18 8.80
N ALA A 114 -21.87 -4.87 9.07
CA ALA A 114 -23.13 -4.47 8.48
C ALA A 114 -23.45 -3.02 8.81
N ALA A 115 -23.24 -2.62 10.06
CA ALA A 115 -23.50 -1.23 10.44
C ALA A 115 -22.62 -0.27 9.66
N VAL A 116 -21.35 -0.64 9.45
CA VAL A 116 -20.47 0.17 8.60
C VAL A 116 -21.03 0.25 7.17
N GLN A 117 -21.44 -0.88 6.62
CA GLN A 117 -22.03 -0.90 5.29
C GLN A 117 -23.26 0.00 5.22
N GLY A 118 -24.08 -0.03 6.27
CA GLY A 118 -25.26 0.83 6.25
C GLY A 118 -24.89 2.30 6.31
N SER A 119 -24.01 2.68 7.24
CA SER A 119 -23.77 4.10 7.43
C SER A 119 -22.92 4.69 6.31
N LEU A 120 -22.01 3.92 5.71
CA LEU A 120 -21.31 4.41 4.52
C LEU A 120 -22.27 4.60 3.34
N ALA A 121 -23.19 3.67 3.13
CA ALA A 121 -24.18 3.89 2.06
C ALA A 121 -25.02 5.12 2.37
N ALA A 122 -25.35 5.32 3.64
CA ALA A 122 -26.10 6.53 3.98
C ALA A 122 -25.32 7.79 3.63
N ALA A 123 -24.05 7.84 4.01
CA ALA A 123 -23.26 9.03 3.71
C ALA A 123 -23.20 9.27 2.20
N SER A 124 -23.04 8.17 1.43
CA SER A 124 -23.02 8.27 -0.03
C SER A 124 -24.28 8.91 -0.59
N ALA A 125 -25.44 8.50 -0.08
CA ALA A 125 -26.71 9.02 -0.58
C ALA A 125 -26.84 10.52 -0.30
N LEU A 126 -26.23 11.01 0.79
CA LEU A 126 -26.26 12.45 1.05
C LEU A 126 -25.32 13.20 0.12
N ILE A 127 -24.13 12.62 -0.08
CA ILE A 127 -23.09 13.26 -0.88
C ILE A 127 -23.56 13.47 -2.32
N CYS A 128 -24.20 12.48 -2.91
CA CYS A 128 -24.65 12.59 -4.30
C CYS A 128 -25.96 13.35 -4.39
N ARG A 129 -26.50 13.77 -3.25
CA ARG A 129 -27.74 14.54 -3.13
C ARG A 129 -28.98 13.74 -3.48
N HIS A 130 -28.90 12.41 -3.46
CA HIS A 130 -30.11 11.60 -3.62
C HIS A 130 -31.09 11.85 -2.47
N CYS A 131 -30.57 11.97 -1.24
CA CYS A 131 -31.37 12.20 -0.06
C CYS A 131 -30.92 13.46 0.67
N GLU A 132 -31.90 14.19 1.21
CA GLU A 132 -31.65 15.29 2.14
C GLU A 132 -31.29 14.80 3.52
N VAL A 133 -31.89 13.69 3.95
CA VAL A 133 -31.65 13.09 5.25
C VAL A 133 -31.63 11.58 5.02
N VAL A 134 -30.75 10.86 5.73
CA VAL A 134 -30.79 9.40 5.73
C VAL A 134 -30.80 8.92 7.18
N ILE A 135 -31.62 7.92 7.43
CA ILE A 135 -31.76 7.26 8.73
C ILE A 135 -31.14 5.87 8.64
N ASN A 136 -30.35 5.50 9.66
CA ASN A 136 -29.83 4.13 9.80
C ASN A 136 -30.02 3.67 11.24
N TRP A 137 -31.13 3.00 11.51
CA TRP A 137 -31.35 2.51 12.87
C TRP A 137 -30.51 1.28 13.21
N GLY A 138 -29.72 0.75 12.27
CA GLY A 138 -28.75 -0.26 12.65
C GLY A 138 -27.37 0.28 12.92
N GLY A 139 -27.17 1.60 12.85
CA GLY A 139 -25.88 2.22 13.05
C GLY A 139 -25.82 2.99 14.36
N GLY A 140 -24.73 3.73 14.52
CA GLY A 140 -24.56 4.58 15.69
C GLY A 140 -23.62 4.06 16.77
N TRP A 141 -22.62 3.24 16.40
CA TRP A 141 -21.80 2.52 17.38
C TRP A 141 -20.60 3.38 17.76
N HIS A 142 -20.87 4.35 18.64
CA HIS A 142 -19.94 5.45 18.83
C HIS A 142 -18.75 5.12 19.73
N HIS A 143 -18.72 3.96 20.40
CA HIS A 143 -17.65 3.72 21.38
C HIS A 143 -16.42 3.03 20.78
N ALA A 144 -16.53 2.39 19.63
CA ALA A 144 -15.38 1.67 19.08
C ALA A 144 -14.22 2.60 18.75
N LYS A 145 -13.01 2.16 19.06
CA LYS A 145 -11.78 2.90 18.81
C LYS A 145 -10.98 2.20 17.71
N ARG A 146 -9.97 2.92 17.22
CA ARG A 146 -9.14 2.43 16.13
C ARG A 146 -8.76 0.95 16.29
N SER A 147 -8.28 0.56 17.47
CA SER A 147 -7.84 -0.82 17.67
C SER A 147 -8.47 -1.39 18.93
N GLU A 148 -9.70 -1.03 19.23
CA GLU A 148 -10.28 -1.46 20.49
C GLU A 148 -11.81 -1.50 20.38
N ALA A 149 -12.40 -2.65 20.71
CA ALA A 149 -13.84 -2.72 20.90
C ALA A 149 -14.18 -2.10 22.24
N SER A 150 -15.36 -1.50 22.32
CA SER A 150 -15.78 -0.91 23.59
C SER A 150 -17.29 -0.76 23.63
N GLY A 151 -17.89 -1.08 24.76
CA GLY A 151 -19.33 -0.82 24.91
C GLY A 151 -20.20 -1.52 23.90
N PHE A 152 -19.84 -2.75 23.53
CA PHE A 152 -20.50 -3.55 22.48
C PHE A 152 -20.46 -2.87 21.13
N CYS A 153 -19.51 -1.95 20.95
CA CYS A 153 -19.19 -1.36 19.66
C CYS A 153 -17.92 -2.01 19.16
N TYR A 154 -18.00 -2.68 18.01
CA TYR A 154 -16.83 -3.33 17.46
C TYR A 154 -16.18 -2.51 16.34
N LEU A 155 -16.97 -1.98 15.43
CA LEU A 155 -16.49 -1.10 14.38
C LEU A 155 -17.21 0.23 14.48
N ASN A 156 -16.49 1.33 14.27
CA ASN A 156 -17.15 2.62 14.46
C ASN A 156 -17.70 3.08 13.11
N ASP A 157 -18.98 2.78 12.89
CA ASP A 157 -19.58 3.17 11.62
C ASP A 157 -19.72 4.67 11.53
N ILE A 158 -19.85 5.35 12.66
CA ILE A 158 -20.03 6.80 12.62
C ILE A 158 -18.76 7.46 12.10
N VAL A 159 -17.62 7.11 12.68
CA VAL A 159 -16.35 7.69 12.24
C VAL A 159 -16.13 7.46 10.76
N LEU A 160 -16.40 6.24 10.28
CA LEU A 160 -16.22 5.95 8.86
C LEU A 160 -17.18 6.78 8.00
N ALA A 161 -18.45 6.91 8.42
CA ALA A 161 -19.36 7.75 7.64
C ALA A 161 -18.90 9.20 7.64
N ILE A 162 -18.50 9.72 8.82
CA ILE A 162 -18.08 11.12 8.90
C ILE A 162 -16.84 11.34 8.07
N HIS A 163 -15.95 10.35 8.07
CA HIS A 163 -14.75 10.48 7.27
C HIS A 163 -15.09 10.55 5.78
N ARG A 164 -16.07 9.78 5.35
CA ARG A 164 -16.52 9.88 3.96
C ARG A 164 -17.16 11.25 3.68
N LEU A 165 -17.98 11.76 4.60
CA LEU A 165 -18.54 13.09 4.40
C LEU A 165 -17.46 14.17 4.29
N VAL A 166 -16.48 14.19 5.21
CA VAL A 166 -15.54 15.32 5.22
C VAL A 166 -14.62 15.26 4.02
N SER A 167 -14.32 14.06 3.53
CA SER A 167 -13.49 13.86 2.36
C SER A 167 -14.28 14.00 1.06
N SER A 168 -15.37 14.77 1.06
CA SER A 168 -16.18 14.97 -0.13
C SER A 168 -16.11 16.43 -0.54
N GLN A 178 -14.76 24.84 2.19
CA GLN A 178 -14.26 23.62 2.84
C GLN A 178 -15.39 22.90 3.60
N THR A 179 -15.27 21.57 3.68
CA THR A 179 -16.32 20.75 4.25
C THR A 179 -16.18 20.69 5.78
N ARG A 180 -17.29 20.93 6.47
CA ARG A 180 -17.34 20.81 7.91
C ARG A 180 -18.48 19.89 8.27
N VAL A 181 -18.28 19.01 9.23
CA VAL A 181 -19.32 18.14 9.74
C VAL A 181 -19.54 18.46 11.21
N LEU A 182 -20.79 18.62 11.60
CA LEU A 182 -21.16 18.73 13.00
C LEU A 182 -21.74 17.39 13.43
N TYR A 183 -21.14 16.79 14.45
CA TYR A 183 -21.64 15.54 15.00
C TYR A 183 -22.31 15.81 16.34
N VAL A 184 -23.54 15.31 16.51
CA VAL A 184 -24.36 15.52 17.70
C VAL A 184 -24.71 14.15 18.27
N ASP A 185 -24.29 13.88 19.52
CA ASP A 185 -24.44 12.57 20.15
C ASP A 185 -25.45 12.71 21.31
N LEU A 186 -26.65 12.20 21.11
CA LEU A 186 -27.74 12.34 22.08
C LEU A 186 -27.85 11.13 23.00
N ASP A 187 -27.04 10.11 22.77
CA ASP A 187 -27.00 8.92 23.59
C ASP A 187 -26.79 9.26 25.07
N LEU A 188 -27.31 8.39 25.94
CA LEU A 188 -27.04 8.51 27.39
C LEU A 188 -25.55 8.54 27.68
N HIS A 189 -24.76 7.84 26.88
CA HIS A 189 -23.33 7.70 27.13
C HIS A 189 -22.53 8.68 26.30
N HIS A 190 -21.40 9.08 26.85
CA HIS A 190 -20.45 9.93 26.14
C HIS A 190 -19.98 9.26 24.85
N GLY A 191 -20.04 10.01 23.74
CA GLY A 191 -19.58 9.52 22.46
C GLY A 191 -18.06 9.58 22.32
N ASP A 192 -17.33 8.76 23.08
CA ASP A 192 -15.89 8.93 23.22
C ASP A 192 -15.13 8.51 21.95
N GLY A 193 -15.57 7.45 21.27
CA GLY A 193 -14.83 6.98 20.12
C GLY A 193 -14.84 7.99 18.97
N VAL A 194 -16.01 8.56 18.69
CA VAL A 194 -16.10 9.59 17.66
C VAL A 194 -15.32 10.83 18.08
N GLU A 195 -15.46 11.24 19.35
CA GLU A 195 -14.72 12.40 19.83
C GLU A 195 -13.22 12.21 19.68
N GLU A 196 -12.72 11.03 20.09
CA GLU A 196 -11.30 10.73 19.98
C GLU A 196 -10.82 10.68 18.54
N ALA A 197 -11.57 10.01 17.65
CA ALA A 197 -11.12 9.94 16.24
C ALA A 197 -10.89 11.31 15.65
N PHE A 198 -11.63 12.32 16.08
CA PHE A 198 -11.54 13.63 15.44
C PHE A 198 -10.96 14.69 16.37
N TRP A 199 -10.28 14.22 17.43
CA TRP A 199 -9.70 15.08 18.46
C TRP A 199 -8.80 16.17 17.86
N TYR A 200 -8.09 15.85 16.78
CA TYR A 200 -7.14 16.77 16.17
C TYR A 200 -7.67 17.42 14.90
N SER A 201 -8.95 17.28 14.60
N SER A 201 -8.96 17.29 14.61
CA SER A 201 -9.51 17.80 13.36
CA SER A 201 -9.54 17.78 13.36
C SER A 201 -10.51 18.91 13.65
C SER A 201 -10.52 18.90 13.63
N PRO A 202 -10.23 20.15 13.25
CA PRO A 202 -11.23 21.21 13.43
C PRO A 202 -12.45 21.08 12.50
N ARG A 203 -12.35 20.31 11.41
CA ARG A 203 -13.43 20.25 10.43
C ARG A 203 -14.54 19.32 10.85
N VAL A 204 -14.31 18.51 11.87
CA VAL A 204 -15.37 17.69 12.45
C VAL A 204 -15.55 18.19 13.89
N VAL A 205 -16.62 18.91 14.13
CA VAL A 205 -16.93 19.38 15.48
C VAL A 205 -17.87 18.37 16.10
N THR A 206 -17.47 17.80 17.24
CA THR A 206 -18.26 16.79 17.92
C THR A 206 -18.90 17.41 19.17
N PHE A 207 -20.13 16.99 19.46
CA PHE A 207 -20.88 17.53 20.61
C PHE A 207 -21.68 16.38 21.19
N SER A 208 -21.38 16.02 22.44
CA SER A 208 -22.07 14.94 23.13
C SER A 208 -22.77 15.49 24.36
N VAL A 209 -24.03 15.11 24.54
CA VAL A 209 -24.74 15.37 25.79
C VAL A 209 -25.00 13.99 26.38
N HIS A 210 -24.81 13.86 27.69
CA HIS A 210 -24.73 12.50 28.23
C HIS A 210 -24.75 12.60 29.75
N HIS A 211 -25.02 11.47 30.39
CA HIS A 211 -24.79 11.40 31.83
C HIS A 211 -23.33 11.12 32.10
N ALA A 212 -22.80 11.75 33.13
CA ALA A 212 -21.47 11.39 33.61
C ALA A 212 -21.50 11.45 35.13
N SER A 213 -20.86 10.48 35.78
CA SER A 213 -20.76 10.45 37.24
C SER A 213 -19.71 9.40 37.59
N PRO A 214 -19.20 9.38 38.82
CA PRO A 214 -18.06 8.49 39.11
C PRO A 214 -18.40 7.03 38.86
N GLY A 215 -17.57 6.37 38.05
CA GLY A 215 -17.76 4.96 37.74
C GLY A 215 -18.75 4.65 36.63
N PHE A 216 -19.39 5.66 36.05
CA PHE A 216 -20.36 5.44 34.97
C PHE A 216 -19.65 5.39 33.62
N PHE A 217 -19.99 4.40 32.82
CA PHE A 217 -19.35 4.18 31.52
C PHE A 217 -19.54 5.37 30.55
N PRO A 218 -18.49 5.75 29.75
CA PRO A 218 -17.13 5.20 29.70
C PRO A 218 -16.16 6.01 30.54
N GLY A 219 -16.68 7.06 31.17
CA GLY A 219 -15.96 7.85 32.16
C GLY A 219 -15.46 9.19 31.65
N THR A 220 -15.51 9.42 30.33
CA THR A 220 -15.04 10.65 29.73
C THR A 220 -16.22 11.61 29.51
N GLY A 221 -15.96 12.72 28.82
CA GLY A 221 -16.97 13.72 28.54
C GLY A 221 -17.26 14.63 29.70
N THR A 222 -16.31 14.77 30.64
CA THR A 222 -16.58 15.56 31.83
C THR A 222 -15.27 16.12 32.34
N TRP A 223 -15.33 16.75 33.52
CA TRP A 223 -14.13 17.31 34.13
C TRP A 223 -13.04 16.25 34.23
N ASN A 224 -11.80 16.65 33.94
CA ASN A 224 -10.69 15.73 33.71
C ASN A 224 -9.68 15.90 34.84
N MET A 225 -9.47 14.83 35.62
CA MET A 225 -8.82 14.93 36.92
C MET A 225 -7.30 14.83 36.86
N LEU A 231 -8.28 23.06 40.33
CA LEU A 231 -9.53 23.06 39.58
C LEU A 231 -9.37 22.27 38.28
N PRO A 232 -9.87 21.03 38.24
CA PRO A 232 -9.81 20.24 37.00
C PRO A 232 -10.54 20.94 35.87
N ILE A 233 -10.16 20.59 34.63
CA ILE A 233 -10.67 21.30 33.46
C ILE A 233 -11.27 20.32 32.47
N PHE A 234 -11.96 20.89 31.49
CA PHE A 234 -12.52 20.14 30.38
C PHE A 234 -11.51 20.11 29.24
N LEU A 235 -11.05 18.93 28.85
CA LEU A 235 -10.35 18.86 27.58
C LEU A 235 -11.35 19.04 26.43
N ASN A 236 -10.84 19.55 25.29
CA ASN A 236 -11.75 19.94 24.20
C ASN A 236 -11.12 19.81 22.81
N GLY A 237 -10.14 18.94 22.62
CA GLY A 237 -9.44 18.86 21.35
C GLY A 237 -7.98 19.24 21.53
N ALA A 238 -7.18 18.99 20.49
CA ALA A 238 -5.76 19.31 20.60
C ALA A 238 -5.22 19.63 19.21
N GLY A 239 -4.05 20.27 19.18
CA GLY A 239 -3.51 20.70 17.90
C GLY A 239 -4.41 21.70 17.22
N ARG A 240 -4.52 21.59 15.90
CA ARG A 240 -5.47 22.40 15.17
C ARG A 240 -6.92 22.05 15.50
N GLY A 241 -7.15 20.96 16.24
CA GLY A 241 -8.47 20.57 16.72
C GLY A 241 -8.81 21.12 18.09
N ARG A 242 -7.98 22.01 18.64
CA ARG A 242 -8.28 22.55 19.97
C ARG A 242 -9.65 23.22 19.94
N PHE A 243 -10.43 23.04 21.01
CA PHE A 243 -11.75 23.66 21.18
C PHE A 243 -12.83 23.06 20.28
N SER A 244 -12.53 21.97 19.54
CA SER A 244 -13.47 21.41 18.58
C SER A 244 -14.24 20.19 19.08
N ALA A 245 -14.05 19.78 20.34
CA ALA A 245 -14.82 18.70 20.93
C ALA A 245 -15.60 19.27 22.11
N PHE A 246 -16.92 19.23 22.02
CA PHE A 246 -17.81 19.84 23.00
C PHE A 246 -18.53 18.75 23.77
N ASN A 247 -18.72 18.96 25.07
CA ASN A 247 -19.41 18.03 25.93
C ASN A 247 -20.33 18.75 26.92
N LEU A 248 -21.46 18.12 27.19
CA LEU A 248 -22.42 18.58 28.21
C LEU A 248 -22.81 17.40 29.09
N PRO A 249 -22.11 17.19 30.21
CA PRO A 249 -22.53 16.12 31.14
C PRO A 249 -23.67 16.60 32.00
N LEU A 250 -24.64 15.72 32.24
CA LEU A 250 -25.85 16.10 32.97
C LEU A 250 -26.09 15.14 34.13
N GLU A 251 -26.59 15.70 35.24
CA GLU A 251 -26.95 14.92 36.42
C GLU A 251 -28.07 13.93 36.10
N GLU A 252 -28.12 12.82 36.82
CA GLU A 252 -29.23 11.90 36.61
C GLU A 252 -30.57 12.56 36.96
N GLY A 253 -31.64 12.02 36.37
CA GLY A 253 -32.99 12.43 36.67
C GLY A 253 -33.57 13.52 35.77
N ILE A 254 -32.85 13.96 34.73
CA ILE A 254 -33.28 15.13 33.97
C ILE A 254 -34.47 14.77 33.09
N ASN A 255 -35.43 15.70 32.96
CA ASN A 255 -36.65 15.45 32.20
C ASN A 255 -36.53 16.04 30.81
N ASP A 256 -37.61 15.93 30.02
CA ASP A 256 -37.58 16.40 28.63
C ASP A 256 -37.32 17.89 28.55
N LEU A 257 -38.00 18.66 29.40
CA LEU A 257 -37.91 20.13 29.30
C LEU A 257 -36.52 20.61 29.65
N ASP A 258 -35.99 20.17 30.81
CA ASP A 258 -34.69 20.63 31.23
C ASP A 258 -33.61 20.17 30.24
N TRP A 259 -33.70 18.94 29.76
CA TRP A 259 -32.72 18.46 28.78
C TRP A 259 -32.80 19.30 27.51
N SER A 260 -34.02 19.63 27.06
CA SER A 260 -34.22 20.46 25.87
C SER A 260 -33.65 21.87 26.04
N ASN A 261 -33.95 22.51 27.17
CA ASN A 261 -33.37 23.83 27.43
C ASN A 261 -31.85 23.78 27.56
N ALA A 262 -31.32 22.67 28.07
CA ALA A 262 -29.87 22.56 28.19
C ALA A 262 -29.20 22.49 26.83
N ILE A 263 -29.74 21.70 25.91
CA ILE A 263 -29.06 21.41 24.66
C ILE A 263 -29.43 22.42 23.56
N GLY A 264 -30.61 23.04 23.65
CA GLY A 264 -31.17 23.78 22.53
C GLY A 264 -30.32 24.96 22.10
N PRO A 265 -29.99 25.85 23.03
CA PRO A 265 -29.09 26.96 22.66
C PRO A 265 -27.71 26.50 22.19
N ILE A 266 -27.21 25.38 22.70
CA ILE A 266 -25.92 24.89 22.22
C ILE A 266 -26.02 24.46 20.76
N LEU A 267 -27.08 23.74 20.41
CA LEU A 267 -27.22 23.27 19.04
C LEU A 267 -27.30 24.45 18.09
N ASP A 268 -28.09 25.46 18.46
CA ASP A 268 -28.28 26.60 17.57
C ASP A 268 -26.99 27.39 17.41
N SER A 269 -26.25 27.57 18.49
CA SER A 269 -25.00 28.32 18.41
C SER A 269 -23.96 27.56 17.59
N LEU A 270 -23.92 26.23 17.69
CA LEU A 270 -22.97 25.47 16.91
C LEU A 270 -23.26 25.61 15.42
N ASN A 271 -24.53 25.55 15.06
CA ASN A 271 -24.91 25.68 13.65
C ASN A 271 -24.60 27.07 13.09
N ILE A 272 -24.97 28.14 13.82
CA ILE A 272 -24.65 29.50 13.40
C ILE A 272 -23.16 29.69 13.16
N VAL A 273 -22.33 29.30 14.14
CA VAL A 273 -20.89 29.53 14.10
C VAL A 273 -20.21 28.55 13.13
N ILE A 274 -20.56 27.26 13.17
CA ILE A 274 -19.79 26.29 12.39
C ILE A 274 -20.29 26.24 10.97
N GLN A 275 -21.55 26.55 10.73
CA GLN A 275 -22.15 26.43 9.40
C GLN A 275 -21.77 25.09 8.76
N PRO A 276 -22.15 23.96 9.39
CA PRO A 276 -21.73 22.65 8.86
C PRO A 276 -22.27 22.37 7.47
N SER A 277 -21.48 21.62 6.69
CA SER A 277 -21.94 21.09 5.41
C SER A 277 -22.84 19.88 5.61
N TYR A 278 -22.66 19.14 6.70
CA TYR A 278 -23.46 17.96 7.04
C TYR A 278 -23.61 17.90 8.55
N VAL A 279 -24.74 17.36 9.01
CA VAL A 279 -24.89 17.03 10.42
C VAL A 279 -25.02 15.52 10.54
N VAL A 280 -24.39 14.94 11.55
CA VAL A 280 -24.57 13.54 11.87
C VAL A 280 -25.07 13.47 13.30
N VAL A 281 -26.23 12.84 13.50
CA VAL A 281 -26.87 12.75 14.81
C VAL A 281 -26.92 11.29 15.21
N GLN A 282 -26.33 10.96 16.35
CA GLN A 282 -26.54 9.69 17.01
C GLN A 282 -27.74 9.84 17.95
N CYS A 283 -28.71 8.95 17.84
CA CYS A 283 -29.97 9.10 18.57
CA CYS A 283 -29.97 9.09 18.57
C CYS A 283 -30.20 7.92 19.52
N GLY A 284 -29.15 7.53 20.23
CA GLY A 284 -29.26 6.50 21.26
C GLY A 284 -30.44 6.73 22.18
N ALA A 285 -31.24 5.67 22.39
CA ALA A 285 -32.53 5.78 23.04
C ALA A 285 -32.43 5.45 24.52
N ASP A 286 -31.22 5.33 25.05
CA ASP A 286 -31.09 4.95 26.46
C ASP A 286 -31.34 6.11 27.41
N CYS A 287 -31.68 7.31 26.91
CA CYS A 287 -32.14 8.37 27.82
C CYS A 287 -33.61 8.27 28.17
N LEU A 288 -34.38 7.36 27.55
CA LEU A 288 -35.78 7.24 27.92
C LEU A 288 -35.92 6.83 29.38
N ALA A 289 -36.90 7.47 30.06
CA ALA A 289 -37.24 7.13 31.44
C ALA A 289 -37.49 5.64 31.65
N THR A 290 -37.94 4.94 30.61
CA THR A 290 -38.20 3.52 30.72
C THR A 290 -37.03 2.65 30.28
N ASP A 291 -35.88 3.24 29.95
CA ASP A 291 -34.72 2.41 29.66
C ASP A 291 -34.23 1.75 30.94
N PRO A 292 -33.75 0.49 30.86
CA PRO A 292 -33.24 -0.19 32.07
C PRO A 292 -32.16 0.59 32.83
N HIS A 293 -31.37 1.45 32.16
CA HIS A 293 -30.42 2.26 32.92
C HIS A 293 -31.11 3.13 33.95
N ARG A 294 -32.34 3.58 33.66
CA ARG A 294 -33.11 4.43 34.57
C ARG A 294 -32.31 5.62 35.07
N ILE A 295 -31.71 6.37 34.14
CA ILE A 295 -30.86 7.53 34.48
C ILE A 295 -31.56 8.84 34.16
N PHE A 296 -31.87 9.08 32.88
CA PHE A 296 -32.60 10.26 32.45
C PHE A 296 -34.09 9.93 32.36
N ARG A 297 -34.92 10.97 32.25
CA ARG A 297 -36.37 10.80 32.22
C ARG A 297 -36.95 11.35 30.93
N LEU A 298 -36.25 11.13 29.81
CA LEU A 298 -36.79 11.57 28.54
C LEU A 298 -37.95 10.67 28.11
N THR A 299 -38.81 11.21 27.24
CA THR A 299 -39.92 10.43 26.71
C THR A 299 -39.87 10.46 25.18
N ASN A 300 -40.86 9.82 24.56
CA ASN A 300 -41.14 9.99 23.13
C ASN A 300 -42.42 10.81 22.89
N PHE A 301 -42.88 11.60 23.88
CA PHE A 301 -44.16 12.26 23.76
C PHE A 301 -44.14 13.36 22.70
N TYR A 302 -45.26 13.52 22.01
CA TYR A 302 -45.37 14.50 20.93
C TYR A 302 -46.72 15.19 21.02
N PRO A 303 -46.83 16.28 21.80
CA PRO A 303 -48.12 16.95 22.01
C PRO A 303 -48.62 17.67 20.76
N LEU A 317 -43.10 17.52 25.61
CA LEU A 317 -42.43 17.20 24.33
C LEU A 317 -41.10 16.47 24.49
N SER A 318 -41.00 15.27 23.90
CA SER A 318 -39.78 14.48 23.92
C SER A 318 -38.54 15.32 23.60
N GLY A 319 -37.54 15.28 24.50
CA GLY A 319 -36.28 15.96 24.23
C GLY A 319 -35.66 15.52 22.91
N TYR A 320 -35.73 14.22 22.60
CA TYR A 320 -35.28 13.71 21.31
C TYR A 320 -35.98 14.41 20.12
N LEU A 321 -37.31 14.49 20.15
CA LEU A 321 -38.01 15.08 19.00
C LEU A 321 -37.75 16.58 18.92
N TYR A 322 -37.62 17.25 20.06
CA TYR A 322 -37.22 18.67 20.06
C TYR A 322 -35.86 18.85 19.40
N ALA A 323 -34.87 18.05 19.81
CA ALA A 323 -33.52 18.16 19.23
C ALA A 323 -33.55 17.88 17.73
N ILE A 324 -34.19 16.79 17.31
CA ILE A 324 -34.16 16.42 15.89
C ILE A 324 -34.88 17.49 15.07
N LYS A 325 -36.03 17.97 15.56
CA LYS A 325 -36.76 18.99 14.82
C LYS A 325 -35.92 20.25 14.66
N LYS A 326 -35.25 20.66 15.73
CA LYS A 326 -34.36 21.81 15.66
C LYS A 326 -33.25 21.57 14.64
N ILE A 327 -32.59 20.41 14.69
CA ILE A 327 -31.48 20.13 13.77
C ILE A 327 -31.99 20.13 12.32
N LEU A 328 -33.10 19.44 12.06
CA LEU A 328 -33.67 19.42 10.72
C LEU A 328 -34.09 20.81 10.24
N SER A 329 -34.51 21.69 11.16
CA SER A 329 -34.89 23.05 10.77
C SER A 329 -33.72 23.82 10.16
N TRP A 330 -32.50 23.33 10.28
CA TRP A 330 -31.37 23.99 9.67
C TRP A 330 -31.28 23.75 8.18
N LYS A 331 -32.02 22.76 7.65
CA LYS A 331 -31.95 22.39 6.24
C LYS A 331 -30.52 22.08 5.81
N VAL A 332 -29.77 21.37 6.65
CA VAL A 332 -28.46 20.85 6.30
C VAL A 332 -28.61 19.35 6.06
N PRO A 333 -28.02 18.79 4.99
CA PRO A 333 -28.05 17.34 4.79
C PRO A 333 -27.57 16.60 6.04
N THR A 334 -28.36 15.62 6.46
CA THR A 334 -28.25 15.08 7.81
C THR A 334 -28.33 13.56 7.79
N LEU A 335 -27.50 12.96 8.64
CA LEU A 335 -27.47 11.53 8.90
C LEU A 335 -28.00 11.28 10.30
N ILE A 336 -29.05 10.46 10.42
CA ILE A 336 -29.63 10.11 11.71
C ILE A 336 -29.33 8.65 11.98
N LEU A 337 -28.73 8.37 13.13
CA LEU A 337 -28.24 7.05 13.46
C LEU A 337 -28.84 6.61 14.78
N GLY A 338 -28.90 5.30 15.00
CA GLY A 338 -29.32 4.80 16.29
C GLY A 338 -28.22 4.75 17.35
N GLY A 339 -28.21 3.70 18.15
CA GLY A 339 -27.18 3.55 19.14
C GLY A 339 -27.75 2.80 20.32
N GLY A 340 -27.50 3.28 21.53
CA GLY A 340 -28.03 2.64 22.73
C GLY A 340 -29.56 2.52 22.70
N GLY A 341 -30.06 1.75 23.66
CA GLY A 341 -31.50 1.58 23.79
C GLY A 341 -31.85 0.14 24.12
N TYR A 342 -32.08 -0.14 25.40
CA TYR A 342 -32.14 -1.51 25.90
C TYR A 342 -33.55 -1.92 26.29
N ASN A 343 -34.53 -1.02 26.17
CA ASN A 343 -35.96 -1.37 26.19
C ASN A 343 -36.36 -1.38 24.72
N PHE A 344 -36.39 -2.58 24.10
CA PHE A 344 -36.57 -2.64 22.66
C PHE A 344 -37.91 -2.07 22.17
N PRO A 345 -39.07 -2.40 22.77
CA PRO A 345 -40.31 -1.77 22.28
C PRO A 345 -40.31 -0.25 22.42
N ASP A 346 -39.77 0.27 23.53
CA ASP A 346 -39.77 1.73 23.72
C ASP A 346 -38.74 2.41 22.82
N THR A 347 -37.65 1.73 22.51
CA THR A 347 -36.73 2.22 21.49
C THR A 347 -37.42 2.29 20.13
N ALA A 348 -38.20 1.26 19.77
CA ALA A 348 -39.01 1.29 18.55
C ALA A 348 -40.02 2.45 18.58
N ARG A 349 -40.75 2.60 19.69
CA ARG A 349 -41.71 3.69 19.84
C ARG A 349 -41.05 5.05 19.63
N LEU A 350 -39.84 5.25 20.18
CA LEU A 350 -39.15 6.51 19.98
C LEU A 350 -38.71 6.68 18.51
N TRP A 351 -38.04 5.67 17.94
CA TRP A 351 -37.43 5.86 16.64
C TRP A 351 -38.48 5.91 15.54
N THR A 352 -39.62 5.26 15.76
CA THR A 352 -40.75 5.44 14.85
C THR A 352 -41.20 6.90 14.82
N ARG A 353 -41.29 7.55 15.98
CA ARG A 353 -41.67 8.96 15.97
C ARG A 353 -40.58 9.85 15.36
N VAL A 354 -39.30 9.54 15.62
CA VAL A 354 -38.22 10.28 14.96
C VAL A 354 -38.36 10.17 13.44
N THR A 355 -38.67 8.98 12.95
CA THR A 355 -38.77 8.76 11.51
C THR A 355 -39.91 9.58 10.93
N ALA A 356 -41.08 9.51 11.57
CA ALA A 356 -42.24 10.27 11.11
C ALA A 356 -41.95 11.77 11.17
N LEU A 357 -41.23 12.20 12.20
CA LEU A 357 -40.91 13.63 12.29
C LEU A 357 -39.97 14.05 11.17
N THR A 358 -39.03 13.19 10.81
CA THR A 358 -38.12 13.53 9.73
C THR A 358 -38.87 13.68 8.40
N ILE A 359 -39.80 12.77 8.11
CA ILE A 359 -40.62 12.90 6.91
C ILE A 359 -41.34 14.23 6.88
N GLU A 360 -42.03 14.56 7.98
CA GLU A 360 -42.83 15.78 8.06
C GLU A 360 -41.96 17.03 7.87
N GLU A 361 -40.83 17.09 8.59
CA GLU A 361 -39.95 18.25 8.50
C GLU A 361 -39.30 18.37 7.11
N VAL A 362 -38.88 17.26 6.52
CA VAL A 362 -38.14 17.35 5.27
C VAL A 362 -39.09 17.59 4.10
N LYS A 363 -40.19 16.83 4.03
CA LYS A 363 -41.11 16.89 2.91
C LYS A 363 -42.22 17.93 3.09
N GLY A 364 -42.41 18.47 4.30
CA GLY A 364 -43.54 19.35 4.56
C GLY A 364 -44.90 18.68 4.50
N LYS A 365 -44.96 17.37 4.70
CA LYS A 365 -46.18 16.59 4.54
C LYS A 365 -46.57 15.99 5.88
N LYS A 366 -47.81 16.20 6.31
CA LYS A 366 -48.17 15.84 7.68
C LYS A 366 -48.18 14.33 7.85
N MET A 367 -47.61 13.85 8.97
CA MET A 367 -47.60 12.43 9.31
C MET A 367 -48.50 12.22 10.52
N THR A 368 -49.61 11.55 10.31
CA THR A 368 -50.54 11.25 11.39
C THR A 368 -50.29 9.85 11.88
N ILE A 369 -50.00 9.73 13.16
CA ILE A 369 -49.62 8.48 13.79
C ILE A 369 -50.65 8.16 14.87
N SER A 370 -51.33 7.03 14.72
CA SER A 370 -52.32 6.64 15.73
C SER A 370 -51.66 6.46 17.09
N PRO A 371 -52.29 6.92 18.18
CA PRO A 371 -51.74 6.65 19.52
C PRO A 371 -51.76 5.17 19.89
N GLU A 372 -52.45 4.33 19.12
CA GLU A 372 -52.45 2.90 19.35
C GLU A 372 -51.52 2.20 18.37
N ILE A 373 -50.70 1.29 18.89
CA ILE A 373 -49.85 0.44 18.05
C ILE A 373 -50.72 -0.32 17.06
N PRO A 374 -50.47 -0.25 15.75
CA PRO A 374 -51.23 -1.09 14.81
C PRO A 374 -50.88 -2.56 14.96
N GLU A 375 -51.80 -3.42 14.52
CA GLU A 375 -51.49 -4.84 14.41
C GLU A 375 -50.36 -5.05 13.41
N HIS A 376 -49.46 -5.96 13.75
CA HIS A 376 -48.35 -6.36 12.89
C HIS A 376 -47.58 -7.48 13.57
N SER A 377 -46.54 -7.98 12.91
CA SER A 377 -45.64 -9.02 13.42
C SER A 377 -45.43 -9.00 14.94
N TYR A 378 -44.94 -7.88 15.48
CA TYR A 378 -44.50 -7.81 16.87
C TYR A 378 -45.51 -7.13 17.79
N PHE A 379 -46.79 -7.12 17.43
CA PHE A 379 -47.80 -6.42 18.22
C PHE A 379 -47.72 -6.82 19.70
N SER A 380 -47.54 -8.10 19.99
CA SER A 380 -47.61 -8.55 21.39
C SER A 380 -46.49 -7.97 22.25
N ARG A 381 -45.38 -7.57 21.64
CA ARG A 381 -44.28 -6.96 22.37
C ARG A 381 -44.65 -5.61 22.96
N TYR A 382 -45.78 -5.02 22.56
CA TYR A 382 -46.13 -3.69 23.05
C TYR A 382 -47.20 -3.75 24.12
N GLY A 383 -47.48 -4.93 24.66
CA GLY A 383 -48.29 -5.09 25.85
C GLY A 383 -47.65 -4.47 27.08
N PRO A 384 -48.46 -4.25 28.12
CA PRO A 384 -49.88 -4.66 28.15
C PRO A 384 -50.86 -3.65 27.55
N ASP A 385 -50.46 -2.41 27.33
CA ASP A 385 -51.37 -1.36 26.90
C ASP A 385 -51.38 -1.10 25.39
N PHE A 386 -50.29 -1.38 24.66
CA PHE A 386 -50.26 -1.28 23.18
C PHE A 386 -50.45 0.16 22.69
N GLU A 387 -49.86 1.11 23.38
CA GLU A 387 -49.92 2.52 23.01
C GLU A 387 -48.55 2.98 22.50
N LEU A 388 -48.55 4.02 21.67
CA LEU A 388 -47.29 4.51 21.11
C LEU A 388 -46.47 5.30 22.14
N ASP A 389 -47.12 6.18 22.91
CA ASP A 389 -46.47 6.77 24.10
C ASP A 389 -45.81 5.69 24.95
N ILE A 390 -44.59 5.95 25.43
CA ILE A 390 -44.03 5.08 26.47
C ILE A 390 -44.84 5.24 27.76
N ASP A 391 -44.78 4.20 28.60
CA ASP A 391 -45.64 4.07 29.78
C ASP A 391 -44.92 4.71 30.95
N TYR A 392 -45.09 6.02 31.10
CA TYR A 392 -44.34 6.75 32.11
C TYR A 392 -45.10 8.00 32.51
N PHE A 393 -45.24 8.22 33.82
CA PHE A 393 -45.93 9.39 34.38
C PHE A 393 -44.91 10.41 34.89
N PRO A 394 -44.64 11.48 34.14
CA PRO A 394 -43.67 12.49 34.60
C PRO A 394 -44.15 13.24 35.84
N ASP A 403 -28.38 26.13 37.63
CA ASP A 403 -27.11 26.73 38.01
C ASP A 403 -25.95 25.94 37.40
N SER A 404 -26.03 24.62 37.48
CA SER A 404 -25.02 23.78 36.86
C SER A 404 -25.05 23.96 35.34
N ILE A 405 -26.25 23.87 34.74
CA ILE A 405 -26.40 24.03 33.30
C ILE A 405 -26.01 25.44 32.85
N GLN A 406 -26.23 26.44 33.70
CA GLN A 406 -25.83 27.79 33.38
C GLN A 406 -24.32 27.94 33.34
N LYS A 407 -23.60 27.24 34.23
CA LYS A 407 -22.14 27.27 34.21
C LYS A 407 -21.58 26.53 32.99
N HIS A 408 -22.21 25.43 32.58
CA HIS A 408 -21.78 24.74 31.36
C HIS A 408 -22.02 25.60 30.12
N HIS A 409 -23.16 26.30 30.07
CA HIS A 409 -23.42 27.18 28.93
C HIS A 409 -22.36 28.26 28.80
N ARG A 410 -21.98 28.88 29.93
CA ARG A 410 -20.93 29.90 29.86
C ARG A 410 -19.63 29.29 29.38
N ARG A 411 -19.29 28.11 29.91
CA ARG A 411 -18.08 27.41 29.47
C ARG A 411 -18.12 27.09 27.98
N ILE A 412 -19.25 26.53 27.51
CA ILE A 412 -19.36 26.13 26.11
C ILE A 412 -19.34 27.35 25.19
N LEU A 413 -20.01 28.43 25.60
CA LEU A 413 -20.00 29.65 24.79
C LEU A 413 -18.58 30.21 24.62
N GLU A 414 -17.80 30.22 25.69
CA GLU A 414 -16.40 30.64 25.60
C GLU A 414 -15.59 29.70 24.69
N GLN A 415 -15.73 28.38 24.88
CA GLN A 415 -15.08 27.41 23.99
C GLN A 415 -15.44 27.67 22.52
N LEU A 416 -16.72 27.92 22.24
CA LEU A 416 -17.13 28.19 20.87
C LEU A 416 -16.48 29.47 20.34
N ARG A 417 -16.44 30.52 21.17
CA ARG A 417 -15.69 31.72 20.81
C ARG A 417 -14.22 31.38 20.51
N ASN A 418 -13.60 30.55 21.36
CA ASN A 418 -12.21 30.17 21.13
C ASN A 418 -12.06 29.35 19.86
N TYR A 419 -13.01 28.46 19.59
CA TYR A 419 -12.96 27.66 18.35
C TYR A 419 -13.07 28.56 17.12
N ALA A 420 -14.01 29.50 17.13
CA ALA A 420 -14.15 30.42 16.01
C ALA A 420 -12.90 31.29 15.85
N ASP A 421 -12.30 31.72 16.97
CA ASP A 421 -11.10 32.55 16.90
C ASP A 421 -9.92 31.74 16.35
N LEU A 422 -9.78 30.49 16.78
CA LEU A 422 -8.68 29.67 16.28
C LEU A 422 -8.85 29.36 14.80
N ASN A 423 -10.08 29.25 14.32
CA ASN A 423 -10.35 28.87 12.95
C ASN A 423 -10.75 30.04 12.07
N LYS A 424 -10.69 31.26 12.60
CA LYS A 424 -10.97 32.48 11.84
C LYS A 424 -12.33 32.41 11.17
N LEU A 425 -13.36 32.12 11.96
CA LEU A 425 -14.73 32.03 11.46
C LEU A 425 -15.47 33.32 11.76
N ILE A 426 -16.18 33.84 10.76
CA ILE A 426 -16.96 35.08 10.85
C ILE A 426 -18.28 34.80 11.55
N TYR A 427 -18.59 35.57 12.59
CA TYR A 427 -19.87 35.35 13.27
C TYR A 427 -20.21 36.51 14.17
N ASP A 428 -21.50 36.64 14.47
CA ASP A 428 -22.05 37.67 15.35
C ASP A 428 -22.01 37.14 16.78
N TYR A 429 -21.14 37.71 17.61
CA TYR A 429 -21.03 37.27 19.00
C TYR A 429 -22.35 37.42 19.73
N ASP A 430 -23.00 38.57 19.58
CA ASP A 430 -24.17 38.86 20.40
C ASP A 430 -25.41 38.09 19.95
N GLN A 431 -25.54 37.82 18.64
CA GLN A 431 -26.59 36.90 18.20
C GLN A 431 -26.42 35.54 18.86
N VAL A 432 -25.17 35.08 19.00
CA VAL A 432 -24.94 33.79 19.64
C VAL A 432 -25.20 33.90 21.13
N TYR A 433 -24.63 34.93 21.76
CA TYR A 433 -24.83 35.14 23.19
C TYR A 433 -26.30 35.24 23.54
N GLN A 434 -27.10 35.89 22.67
CA GLN A 434 -28.53 36.07 22.96
C GLN A 434 -29.28 34.75 23.00
N LEU A 435 -28.79 33.74 22.27
CA LEU A 435 -29.46 32.44 22.28
C LEU A 435 -29.62 31.91 23.71
N TYR A 436 -28.59 32.08 24.53
CA TYR A 436 -28.64 31.62 25.90
C TYR A 436 -29.33 32.65 26.78
N SER B 3 -25.95 -29.64 -33.62
CA SER B 3 -25.85 -28.25 -34.05
C SER B 3 -25.59 -27.36 -32.85
N VAL B 4 -24.56 -26.51 -32.91
CA VAL B 4 -24.32 -25.52 -31.86
C VAL B 4 -24.94 -24.23 -32.33
N GLY B 5 -25.86 -23.73 -31.56
CA GLY B 5 -26.44 -22.42 -31.86
C GLY B 5 -25.75 -21.29 -31.12
N ILE B 6 -25.88 -20.09 -31.66
CA ILE B 6 -25.41 -18.90 -30.94
C ILE B 6 -26.39 -17.75 -31.19
N VAL B 7 -26.72 -17.01 -30.14
CA VAL B 7 -27.72 -15.96 -30.25
C VAL B 7 -27.04 -14.71 -30.78
N TYR B 8 -27.51 -14.21 -31.92
N TYR B 8 -27.55 -14.20 -31.90
CA TYR B 8 -27.11 -12.88 -32.35
CA TYR B 8 -27.05 -12.96 -32.48
C TYR B 8 -28.09 -12.39 -33.41
C TYR B 8 -28.09 -12.40 -33.45
N GLY B 9 -27.99 -11.09 -33.68
CA GLY B 9 -28.85 -10.40 -34.63
C GLY B 9 -28.34 -8.97 -34.63
N ASP B 10 -28.67 -8.23 -35.69
CA ASP B 10 -28.17 -6.85 -35.76
C ASP B 10 -28.75 -5.97 -34.64
N GLN B 11 -30.06 -6.00 -34.46
CA GLN B 11 -30.67 -5.16 -33.43
C GLN B 11 -30.29 -5.67 -32.04
N TYR B 12 -30.23 -6.99 -31.90
CA TYR B 12 -29.78 -7.59 -30.64
C TYR B 12 -28.42 -7.05 -30.25
N ARG B 13 -27.48 -7.01 -31.20
CA ARG B 13 -26.15 -6.50 -30.89
C ARG B 13 -26.20 -5.04 -30.43
N GLN B 14 -27.01 -4.22 -31.11
CA GLN B 14 -27.14 -2.82 -30.69
C GLN B 14 -27.69 -2.72 -29.27
N LEU B 15 -28.73 -3.50 -28.95
CA LEU B 15 -29.30 -3.40 -27.60
C LEU B 15 -28.31 -3.92 -26.55
N CYS B 16 -27.62 -5.04 -26.84
CA CYS B 16 -26.63 -5.53 -25.87
C CYS B 16 -25.47 -4.57 -25.67
N CYS B 17 -25.22 -3.67 -26.61
CA CYS B 17 -24.15 -2.69 -26.48
C CYS B 17 -24.63 -1.31 -26.04
N SER B 18 -25.86 -1.19 -25.55
CA SER B 18 -26.41 0.12 -25.24
C SER B 18 -26.37 0.46 -23.75
N SER B 19 -25.76 -0.39 -22.88
CA SER B 19 -25.79 -0.04 -21.46
C SER B 19 -24.50 0.65 -21.02
N PRO B 20 -24.58 1.47 -19.96
CA PRO B 20 -23.36 2.17 -19.49
C PRO B 20 -22.35 1.24 -18.85
N LYS B 21 -22.80 0.20 -18.14
CA LYS B 21 -21.86 -0.69 -17.46
C LYS B 21 -21.09 -1.57 -18.46
N PHE B 22 -21.78 -2.20 -19.40
CA PHE B 22 -21.09 -3.20 -20.23
C PHE B 22 -20.68 -2.67 -21.60
N GLY B 23 -20.97 -1.40 -21.92
CA GLY B 23 -20.46 -0.77 -23.14
C GLY B 23 -20.58 -1.66 -24.36
N ASP B 24 -19.50 -1.83 -25.11
CA ASP B 24 -19.52 -2.64 -26.32
C ASP B 24 -18.92 -4.03 -26.09
N ARG B 25 -18.91 -4.51 -24.86
CA ARG B 25 -18.35 -5.84 -24.59
C ARG B 25 -18.91 -6.90 -25.52
N TYR B 26 -20.25 -6.90 -25.71
CA TYR B 26 -20.85 -7.96 -26.53
C TYR B 26 -20.34 -7.90 -27.96
N ALA B 27 -20.14 -6.69 -28.49
CA ALA B 27 -19.63 -6.55 -29.84
C ALA B 27 -18.20 -7.08 -29.95
N LEU B 28 -17.36 -6.84 -28.94
CA LEU B 28 -16.02 -7.41 -28.98
C LEU B 28 -16.08 -8.93 -28.96
N VAL B 29 -16.95 -9.49 -28.11
CA VAL B 29 -17.06 -10.94 -28.02
C VAL B 29 -17.47 -11.53 -29.36
N MET B 30 -18.57 -11.04 -29.93
CA MET B 30 -19.04 -11.63 -31.17
C MET B 30 -18.09 -11.34 -32.34
N ASP B 31 -17.44 -10.17 -32.36
CA ASP B 31 -16.54 -9.88 -33.48
C ASP B 31 -15.25 -10.70 -33.39
N LEU B 32 -14.82 -11.08 -32.18
CA LEU B 32 -13.64 -11.93 -32.05
C LEU B 32 -13.95 -13.36 -32.45
N ILE B 33 -15.10 -13.87 -32.02
CA ILE B 33 -15.61 -15.14 -32.54
C ILE B 33 -15.67 -15.12 -34.06
N ASN B 34 -16.19 -14.02 -34.62
CA ASN B 34 -16.23 -13.86 -36.06
C ASN B 34 -14.82 -13.81 -36.67
N ALA B 35 -13.91 -13.09 -36.05
CA ALA B 35 -12.58 -12.91 -36.65
C ALA B 35 -11.80 -14.21 -36.69
N TYR B 36 -12.09 -15.09 -35.74
CA TYR B 36 -11.49 -16.42 -35.73
C TYR B 36 -12.25 -17.38 -36.63
N LYS B 37 -13.21 -16.86 -37.40
CA LYS B 37 -13.95 -17.63 -38.39
C LYS B 37 -14.78 -18.74 -37.76
N LEU B 38 -15.31 -18.52 -36.56
CA LEU B 38 -16.14 -19.54 -35.92
C LEU B 38 -17.60 -19.43 -36.32
N ILE B 39 -18.01 -18.24 -36.78
CA ILE B 39 -19.42 -18.00 -37.07
C ILE B 39 -19.98 -18.99 -38.09
N PRO B 40 -19.29 -19.32 -39.19
CA PRO B 40 -19.83 -20.31 -40.13
C PRO B 40 -20.09 -21.67 -39.52
N GLU B 41 -19.43 -22.00 -38.40
CA GLU B 41 -19.66 -23.31 -37.79
C GLU B 41 -20.94 -23.36 -36.98
N LEU B 42 -21.52 -22.19 -36.66
CA LEU B 42 -22.61 -22.09 -35.70
C LEU B 42 -23.91 -21.73 -36.40
N SER B 43 -25.00 -22.19 -35.81
CA SER B 43 -26.34 -21.86 -36.26
C SER B 43 -26.82 -20.61 -35.52
N ARG B 44 -27.16 -19.55 -36.26
CA ARG B 44 -27.63 -18.33 -35.63
C ARG B 44 -29.02 -18.54 -35.06
N VAL B 45 -29.18 -18.23 -33.79
CA VAL B 45 -30.48 -18.40 -33.14
C VAL B 45 -31.07 -17.00 -32.96
N PRO B 46 -32.15 -16.66 -33.64
CA PRO B 46 -32.66 -15.31 -33.59
C PRO B 46 -33.34 -15.06 -32.26
N PRO B 47 -33.18 -13.87 -31.69
CA PRO B 47 -33.90 -13.56 -30.44
C PRO B 47 -35.41 -13.66 -30.66
N LEU B 48 -36.10 -14.17 -29.64
CA LEU B 48 -37.55 -14.28 -29.69
C LEU B 48 -38.21 -12.91 -29.71
N GLN B 49 -39.22 -12.74 -30.56
CA GLN B 49 -40.07 -11.57 -30.54
C GLN B 49 -41.49 -12.04 -30.35
N TRP B 50 -42.33 -11.16 -29.83
CA TRP B 50 -43.71 -11.50 -29.52
C TRP B 50 -44.69 -10.82 -30.47
N ASP B 51 -45.90 -11.38 -30.53
CA ASP B 51 -46.98 -10.90 -31.38
C ASP B 51 -47.73 -9.70 -30.83
N SER B 52 -47.45 -9.25 -29.60
CA SER B 52 -48.18 -8.14 -29.02
C SER B 52 -47.49 -7.74 -27.71
N PRO B 53 -47.70 -6.51 -27.25
CA PRO B 53 -47.30 -6.16 -25.89
C PRO B 53 -47.80 -7.15 -24.83
N SER B 54 -49.05 -7.63 -24.92
CA SER B 54 -49.54 -8.52 -23.86
C SER B 54 -48.81 -9.86 -23.86
N ARG B 55 -48.48 -10.39 -25.03
CA ARG B 55 -47.70 -11.64 -25.05
C ARG B 55 -46.31 -11.42 -24.46
N MET B 56 -45.71 -10.28 -24.72
CA MET B 56 -44.42 -9.99 -24.08
C MET B 56 -44.57 -9.93 -22.57
N TYR B 57 -45.55 -9.17 -22.11
CA TYR B 57 -45.80 -9.03 -20.69
C TYR B 57 -46.07 -10.38 -20.03
N GLU B 58 -46.86 -11.24 -20.69
CA GLU B 58 -47.11 -12.59 -20.18
C GLU B 58 -45.81 -13.36 -19.98
N ALA B 59 -44.92 -13.29 -20.96
CA ALA B 59 -43.66 -14.01 -20.90
C ALA B 59 -42.80 -13.54 -19.74
N VAL B 60 -42.63 -12.22 -19.60
CA VAL B 60 -41.72 -11.71 -18.58
C VAL B 60 -42.29 -11.94 -17.20
N THR B 61 -43.63 -11.80 -17.05
CA THR B 61 -44.24 -12.01 -15.75
C THR B 61 -44.52 -13.47 -15.47
N ALA B 62 -43.95 -14.41 -16.22
CA ALA B 62 -43.83 -15.77 -15.68
C ALA B 62 -42.97 -15.79 -14.43
N PHE B 63 -42.09 -14.79 -14.27
CA PHE B 63 -41.28 -14.67 -13.08
C PHE B 63 -41.44 -13.33 -12.39
N HIS B 64 -41.30 -12.23 -13.12
CA HIS B 64 -41.26 -10.90 -12.51
C HIS B 64 -42.66 -10.40 -12.18
N SER B 65 -42.74 -9.54 -11.16
CA SER B 65 -44.04 -8.97 -10.84
C SER B 65 -44.46 -7.96 -11.90
N THR B 66 -45.78 -7.82 -12.05
CA THR B 66 -46.33 -6.85 -12.99
C THR B 66 -45.86 -5.44 -12.67
N GLU B 67 -45.89 -5.08 -11.38
CA GLU B 67 -45.56 -3.72 -10.97
C GLU B 67 -44.09 -3.41 -11.23
N TYR B 68 -43.21 -4.40 -11.07
CA TYR B 68 -41.79 -4.20 -11.38
C TYR B 68 -41.56 -4.02 -12.88
N VAL B 69 -42.15 -4.90 -13.70
CA VAL B 69 -42.04 -4.71 -15.14
C VAL B 69 -42.55 -3.34 -15.54
N ASP B 70 -43.68 -2.92 -14.95
CA ASP B 70 -44.23 -1.58 -15.23
C ASP B 70 -43.23 -0.49 -14.89
N ALA B 71 -42.63 -0.56 -13.69
CA ALA B 71 -41.66 0.45 -13.27
C ALA B 71 -40.43 0.48 -14.17
N LEU B 72 -39.95 -0.69 -14.61
CA LEU B 72 -38.83 -0.72 -15.53
C LEU B 72 -39.18 -0.07 -16.86
N LYS B 73 -40.38 -0.31 -17.39
CA LYS B 73 -40.78 0.39 -18.61
C LYS B 73 -40.80 1.90 -18.38
N LYS B 74 -41.50 2.33 -17.32
CA LYS B 74 -41.56 3.74 -16.98
C LYS B 74 -40.17 4.34 -16.83
N LEU B 75 -39.23 3.61 -16.22
CA LEU B 75 -37.88 4.14 -16.04
C LEU B 75 -37.22 4.45 -17.38
N GLN B 76 -37.36 3.54 -18.34
CA GLN B 76 -36.83 3.79 -19.68
C GLN B 76 -37.49 5.02 -20.30
N MET B 77 -38.83 5.06 -20.26
CA MET B 77 -39.54 6.23 -20.75
C MET B 77 -39.00 7.52 -20.13
N LEU B 78 -38.78 7.52 -18.80
CA LEU B 78 -38.34 8.75 -18.15
C LEU B 78 -36.97 9.18 -18.65
N HIS B 79 -36.04 8.22 -18.81
CA HIS B 79 -34.72 8.57 -19.30
C HIS B 79 -34.69 8.92 -20.78
N CYS B 80 -35.74 8.57 -21.53
CA CYS B 80 -35.84 9.08 -22.91
C CYS B 80 -36.43 10.48 -23.00
N GLU B 81 -36.72 11.15 -21.89
CA GLU B 81 -37.28 12.49 -21.93
C GLU B 81 -36.43 13.45 -21.10
N GLU B 82 -36.54 14.74 -21.44
CA GLU B 82 -35.64 15.74 -20.89
C GLU B 82 -35.87 15.98 -19.40
N LYS B 83 -37.12 15.90 -18.95
CA LYS B 83 -37.48 16.40 -17.63
C LYS B 83 -36.95 15.50 -16.51
N GLU B 84 -36.63 16.14 -15.39
CA GLU B 84 -36.18 15.44 -14.19
C GLU B 84 -37.29 14.52 -13.67
N LEU B 85 -36.91 13.61 -12.78
CA LEU B 85 -37.88 12.76 -12.12
C LEU B 85 -38.58 13.49 -10.98
N THR B 86 -39.89 13.26 -10.85
CA THR B 86 -40.60 13.77 -9.69
C THR B 86 -40.23 12.98 -8.44
N ALA B 87 -40.45 13.60 -7.30
CA ALA B 87 -40.17 12.95 -6.03
C ALA B 87 -40.94 11.64 -5.91
N ASP B 88 -42.17 11.60 -6.44
CA ASP B 88 -42.91 10.34 -6.43
C ASP B 88 -42.29 9.32 -7.39
N ASP B 89 -41.82 9.75 -8.58
CA ASP B 89 -41.10 8.84 -9.47
C ASP B 89 -39.85 8.27 -8.80
N GLU B 90 -39.12 9.10 -8.06
CA GLU B 90 -37.90 8.63 -7.40
C GLU B 90 -38.20 7.58 -6.34
N LEU B 91 -39.25 7.79 -5.53
CA LEU B 91 -39.65 6.79 -4.53
C LEU B 91 -40.05 5.46 -5.19
N LEU B 92 -40.82 5.55 -6.28
CA LEU B 92 -41.24 4.35 -6.99
C LEU B 92 -40.02 3.55 -7.46
N MET B 93 -39.12 4.22 -8.19
CA MET B 93 -37.91 3.54 -8.65
C MET B 93 -37.08 3.00 -7.49
N ASP B 94 -36.92 3.80 -6.42
CA ASP B 94 -36.19 3.30 -5.25
C ASP B 94 -36.80 2.03 -4.66
N SER B 95 -38.14 1.89 -4.70
CA SER B 95 -38.75 0.71 -4.10
C SER B 95 -38.48 -0.59 -4.87
N PHE B 96 -38.02 -0.49 -6.13
CA PHE B 96 -37.61 -1.66 -6.89
C PHE B 96 -36.10 -1.76 -7.05
N SER B 97 -35.35 -0.94 -6.32
CA SER B 97 -33.89 -0.92 -6.38
C SER B 97 -33.39 -0.47 -7.75
N LEU B 98 -34.21 0.32 -8.44
CA LEU B 98 -33.86 0.88 -9.74
C LEU B 98 -33.08 2.18 -9.51
N ASN B 99 -31.86 2.02 -8.99
CA ASN B 99 -31.03 3.14 -8.54
C ASN B 99 -29.61 2.65 -8.28
N TYR B 100 -28.73 3.61 -7.97
CA TYR B 100 -27.36 3.33 -7.58
C TYR B 100 -26.69 2.42 -8.60
N ASP B 101 -26.51 1.14 -8.25
CA ASP B 101 -25.85 0.18 -9.11
C ASP B 101 -26.77 -0.44 -10.17
N CYS B 102 -28.06 -0.08 -10.19
CA CYS B 102 -28.96 -0.46 -11.30
C CYS B 102 -29.65 0.80 -11.79
N PRO B 103 -28.90 1.72 -12.36
CA PRO B 103 -29.48 3.01 -12.74
C PRO B 103 -30.39 2.86 -13.96
N GLY B 104 -31.18 3.88 -14.18
CA GLY B 104 -31.86 3.99 -15.44
C GLY B 104 -30.93 4.52 -16.50
N PHE B 105 -31.33 4.32 -17.75
CA PHE B 105 -30.68 4.90 -18.91
C PHE B 105 -31.61 4.68 -20.10
N PRO B 106 -31.43 5.42 -21.20
CA PRO B 106 -32.50 5.49 -22.22
C PRO B 106 -32.94 4.15 -22.77
N SER B 107 -32.11 3.12 -22.72
CA SER B 107 -32.50 1.83 -23.29
C SER B 107 -32.62 0.75 -22.22
N VAL B 108 -32.79 1.12 -20.95
CA VAL B 108 -32.67 0.14 -19.89
C VAL B 108 -33.69 -1.00 -20.06
N PHE B 109 -34.92 -0.69 -20.43
CA PHE B 109 -35.90 -1.78 -20.60
C PHE B 109 -35.60 -2.61 -21.86
N ASP B 110 -35.37 -1.95 -22.99
CA ASP B 110 -35.03 -2.68 -24.22
C ASP B 110 -33.81 -3.56 -24.02
N TYR B 111 -32.77 -3.00 -23.37
CA TYR B 111 -31.54 -3.74 -23.10
C TYR B 111 -31.84 -4.97 -22.25
N SER B 112 -32.58 -4.76 -21.15
CA SER B 112 -32.93 -5.83 -20.23
C SER B 112 -33.75 -6.90 -20.92
N LEU B 113 -34.68 -6.48 -21.78
CA LEU B 113 -35.58 -7.43 -22.41
C LEU B 113 -34.84 -8.24 -23.47
N ALA B 114 -33.88 -7.60 -24.16
CA ALA B 114 -33.11 -8.30 -25.20
C ALA B 114 -32.53 -9.60 -24.66
N ALA B 115 -31.92 -9.56 -23.45
CA ALA B 115 -31.32 -10.78 -22.92
C ALA B 115 -32.37 -11.87 -22.71
N VAL B 116 -33.54 -11.48 -22.21
CA VAL B 116 -34.66 -12.42 -22.13
C VAL B 116 -34.99 -12.97 -23.51
N GLN B 117 -35.07 -12.08 -24.52
CA GLN B 117 -35.42 -12.53 -25.86
C GLN B 117 -34.42 -13.57 -26.35
N GLY B 118 -33.12 -13.34 -26.07
CA GLY B 118 -32.10 -14.24 -26.55
C GLY B 118 -32.12 -15.56 -25.80
N SER B 119 -32.29 -15.51 -24.47
CA SER B 119 -32.24 -16.75 -23.72
C SER B 119 -33.50 -17.61 -23.89
N LEU B 120 -34.68 -17.00 -24.04
CA LEU B 120 -35.90 -17.78 -24.34
C LEU B 120 -35.81 -18.45 -25.73
N ALA B 121 -35.30 -17.72 -26.72
CA ALA B 121 -35.06 -18.32 -28.03
C ALA B 121 -34.08 -19.48 -27.92
N ALA B 122 -32.99 -19.28 -27.15
CA ALA B 122 -32.04 -20.37 -26.94
C ALA B 122 -32.72 -21.60 -26.35
N ALA B 123 -33.55 -21.39 -25.32
CA ALA B 123 -34.22 -22.52 -24.71
C ALA B 123 -35.13 -23.22 -25.72
N SER B 124 -35.81 -22.47 -26.58
CA SER B 124 -36.74 -23.12 -27.52
C SER B 124 -35.97 -23.92 -28.55
N ALA B 125 -34.78 -23.45 -28.93
CA ALA B 125 -33.97 -24.20 -29.90
C ALA B 125 -33.50 -25.53 -29.31
N LEU B 126 -33.27 -25.57 -28.01
CA LEU B 126 -32.92 -26.84 -27.35
C LEU B 126 -34.15 -27.74 -27.23
N ILE B 127 -35.29 -27.17 -26.84
CA ILE B 127 -36.50 -27.98 -26.65
C ILE B 127 -36.88 -28.69 -27.94
N CYS B 128 -36.83 -27.98 -29.08
CA CYS B 128 -37.20 -28.61 -30.35
CA CYS B 128 -37.16 -28.50 -30.40
C CYS B 128 -36.04 -29.34 -31.00
N ARG B 129 -34.89 -29.45 -30.33
CA ARG B 129 -33.77 -30.27 -30.77
C ARG B 129 -33.15 -29.74 -32.07
N HIS B 130 -33.39 -28.47 -32.37
CA HIS B 130 -32.69 -27.85 -33.48
C HIS B 130 -31.21 -27.72 -33.15
N CYS B 131 -30.91 -27.47 -31.88
CA CYS B 131 -29.55 -27.29 -31.40
C CYS B 131 -29.29 -28.21 -30.21
N GLU B 132 -28.10 -28.77 -30.14
CA GLU B 132 -27.73 -29.57 -28.98
C GLU B 132 -27.17 -28.72 -27.86
N VAL B 133 -26.61 -27.57 -28.24
CA VAL B 133 -26.09 -26.56 -27.32
C VAL B 133 -26.46 -25.22 -27.94
N VAL B 134 -26.79 -24.23 -27.11
CA VAL B 134 -26.96 -22.87 -27.61
C VAL B 134 -26.19 -21.94 -26.69
N ILE B 135 -25.45 -21.00 -27.29
CA ILE B 135 -24.67 -20.01 -26.57
C ILE B 135 -25.38 -18.66 -26.68
N ASN B 136 -25.52 -17.95 -25.56
CA ASN B 136 -25.98 -16.56 -25.60
C ASN B 136 -25.03 -15.68 -24.76
N TRP B 137 -24.03 -15.09 -25.41
CA TRP B 137 -23.15 -14.19 -24.68
C TRP B 137 -23.80 -12.86 -24.32
N GLY B 138 -25.05 -12.62 -24.66
CA GLY B 138 -25.73 -11.46 -24.15
C GLY B 138 -26.62 -11.74 -22.97
N GLY B 139 -26.67 -12.97 -22.48
CA GLY B 139 -27.48 -13.33 -21.34
C GLY B 139 -26.61 -13.68 -20.15
N GLY B 140 -27.27 -14.15 -19.08
CA GLY B 140 -26.64 -14.60 -17.85
C GLY B 140 -26.88 -13.70 -16.66
N TRP B 141 -28.01 -12.98 -16.61
CA TRP B 141 -28.12 -11.91 -15.61
C TRP B 141 -28.76 -12.48 -14.34
N HIS B 142 -27.93 -13.20 -13.58
CA HIS B 142 -28.40 -14.08 -12.52
C HIS B 142 -28.88 -13.39 -11.25
N HIS B 143 -28.64 -12.09 -11.07
CA HIS B 143 -28.99 -11.42 -9.80
C HIS B 143 -30.42 -10.86 -9.74
N ALA B 144 -31.07 -10.67 -10.89
CA ALA B 144 -32.37 -10.02 -10.91
C ALA B 144 -33.41 -10.83 -10.12
N LYS B 145 -34.23 -10.13 -9.34
CA LYS B 145 -35.26 -10.78 -8.54
C LYS B 145 -36.64 -10.48 -9.11
N ARG B 146 -37.62 -11.22 -8.60
CA ARG B 146 -39.02 -11.05 -8.98
C ARG B 146 -39.44 -9.58 -9.05
N SER B 147 -39.10 -8.79 -8.03
CA SER B 147 -39.53 -7.38 -8.00
C SER B 147 -38.39 -6.42 -7.70
N GLU B 148 -37.19 -6.69 -8.21
CA GLU B 148 -36.02 -5.98 -7.72
C GLU B 148 -34.86 -6.15 -8.69
N ALA B 149 -34.31 -5.03 -9.18
CA ALA B 149 -33.06 -5.07 -9.94
C ALA B 149 -31.91 -5.26 -8.97
N SER B 150 -30.81 -5.87 -9.43
CA SER B 150 -29.69 -6.09 -8.52
C SER B 150 -28.43 -6.41 -9.30
N GLY B 151 -27.33 -5.75 -8.95
CA GLY B 151 -26.05 -6.08 -9.57
C GLY B 151 -26.05 -5.88 -11.07
N PHE B 152 -26.62 -4.76 -11.53
CA PHE B 152 -26.86 -4.44 -12.94
C PHE B 152 -27.64 -5.52 -13.67
N CYS B 153 -28.40 -6.35 -12.96
CA CYS B 153 -29.33 -7.30 -13.54
C CYS B 153 -30.73 -6.76 -13.30
N TYR B 154 -31.45 -6.50 -14.40
CA TYR B 154 -32.80 -5.91 -14.32
C TYR B 154 -33.87 -6.94 -14.58
N LEU B 155 -33.63 -7.87 -15.49
CA LEU B 155 -34.55 -8.95 -15.78
C LEU B 155 -33.77 -10.24 -15.75
N ASN B 156 -34.34 -11.28 -15.15
CA ASN B 156 -33.60 -12.52 -15.01
C ASN B 156 -33.88 -13.45 -16.19
N ASP B 157 -33.04 -13.33 -17.23
CA ASP B 157 -33.21 -14.14 -18.42
C ASP B 157 -32.99 -15.62 -18.14
N ILE B 158 -32.15 -15.93 -17.16
CA ILE B 158 -31.87 -17.31 -16.80
C ILE B 158 -33.10 -18.00 -16.24
N VAL B 159 -33.73 -17.37 -15.24
CA VAL B 159 -34.92 -17.95 -14.64
C VAL B 159 -35.99 -18.15 -15.70
N LEU B 160 -36.17 -17.17 -16.59
CA LEU B 160 -37.18 -17.31 -17.63
C LEU B 160 -36.80 -18.44 -18.57
N ALA B 161 -35.52 -18.56 -18.88
CA ALA B 161 -35.11 -19.64 -19.78
C ALA B 161 -35.27 -21.00 -19.09
N ILE B 162 -34.91 -21.09 -17.82
CA ILE B 162 -35.06 -22.34 -17.08
C ILE B 162 -36.53 -22.69 -16.99
N HIS B 163 -37.37 -21.69 -16.71
CA HIS B 163 -38.81 -21.96 -16.60
C HIS B 163 -39.36 -22.58 -17.88
N ARG B 164 -38.90 -22.07 -19.04
CA ARG B 164 -39.33 -22.64 -20.31
C ARG B 164 -38.84 -24.09 -20.47
N LEU B 165 -37.58 -24.35 -20.12
CA LEU B 165 -37.03 -25.71 -20.24
C LEU B 165 -37.76 -26.68 -19.33
N VAL B 166 -38.01 -26.29 -18.08
CA VAL B 166 -38.51 -27.26 -17.13
C VAL B 166 -39.99 -27.54 -17.35
N SER B 167 -40.71 -26.69 -18.09
CA SER B 167 -42.09 -27.02 -18.44
C SER B 167 -42.24 -27.48 -19.90
N SER B 168 -41.22 -28.12 -20.47
CA SER B 168 -41.30 -28.67 -21.83
C SER B 168 -41.56 -30.18 -21.84
N GLN B 178 -40.63 -35.12 -14.04
CA GLN B 178 -39.52 -35.92 -14.59
C GLN B 178 -38.49 -35.08 -15.37
N THR B 179 -38.92 -33.98 -16.01
CA THR B 179 -37.96 -33.04 -16.58
C THR B 179 -37.29 -32.27 -15.44
N ARG B 180 -35.97 -32.40 -15.34
CA ARG B 180 -35.22 -31.66 -14.34
C ARG B 180 -34.13 -30.87 -15.03
N VAL B 181 -33.87 -29.68 -14.51
CA VAL B 181 -32.81 -28.82 -15.04
C VAL B 181 -31.71 -28.71 -14.00
N LEU B 182 -30.47 -28.86 -14.42
CA LEU B 182 -29.32 -28.52 -13.59
C LEU B 182 -28.75 -27.18 -14.03
N TYR B 183 -28.74 -26.21 -13.11
CA TYR B 183 -28.15 -24.90 -13.35
C TYR B 183 -26.78 -24.83 -12.67
N VAL B 184 -25.78 -24.41 -13.43
CA VAL B 184 -24.40 -24.35 -12.96
C VAL B 184 -23.91 -22.93 -13.15
N ASP B 185 -23.53 -22.27 -12.07
CA ASP B 185 -23.23 -20.83 -12.09
C ASP B 185 -21.74 -20.65 -11.81
N LEU B 186 -20.96 -20.36 -12.86
CA LEU B 186 -19.50 -20.28 -12.72
C LEU B 186 -18.99 -18.86 -12.43
N ASP B 187 -19.90 -17.90 -12.40
CA ASP B 187 -19.56 -16.49 -12.17
C ASP B 187 -18.81 -16.35 -10.85
N LEU B 188 -17.95 -15.34 -10.78
CA LEU B 188 -17.28 -15.00 -9.52
C LEU B 188 -18.27 -14.79 -8.36
N HIS B 189 -19.49 -14.36 -8.67
CA HIS B 189 -20.51 -13.99 -7.69
C HIS B 189 -21.54 -15.09 -7.53
N HIS B 190 -22.12 -15.17 -6.33
CA HIS B 190 -23.23 -16.09 -6.05
C HIS B 190 -24.44 -15.77 -6.92
N GLY B 191 -24.96 -16.78 -7.60
CA GLY B 191 -26.15 -16.67 -8.44
C GLY B 191 -27.42 -16.62 -7.60
N ASP B 192 -27.59 -15.53 -6.85
CA ASP B 192 -28.64 -15.49 -5.83
C ASP B 192 -30.02 -15.41 -6.44
N GLY B 193 -30.19 -14.68 -7.54
CA GLY B 193 -31.52 -14.55 -8.11
C GLY B 193 -32.08 -15.86 -8.65
N VAL B 194 -31.22 -16.65 -9.31
CA VAL B 194 -31.68 -17.93 -9.84
C VAL B 194 -31.97 -18.89 -8.70
N GLU B 195 -31.06 -18.93 -7.74
CA GLU B 195 -31.25 -19.77 -6.56
C GLU B 195 -32.57 -19.45 -5.87
N GLU B 196 -32.85 -18.16 -5.68
CA GLU B 196 -34.05 -17.76 -4.96
C GLU B 196 -35.31 -18.15 -5.73
N ALA B 197 -35.28 -17.98 -7.04
CA ALA B 197 -36.44 -18.23 -7.88
C ALA B 197 -36.91 -19.67 -7.80
N PHE B 198 -35.98 -20.60 -7.57
CA PHE B 198 -36.29 -22.03 -7.55
C PHE B 198 -36.06 -22.64 -6.19
N TRP B 199 -36.04 -21.80 -5.14
CA TRP B 199 -35.78 -22.25 -3.78
C TRP B 199 -36.76 -23.34 -3.36
N TYR B 200 -38.01 -23.26 -3.76
CA TYR B 200 -39.01 -24.25 -3.35
C TYR B 200 -39.26 -25.31 -4.41
N SER B 201 -38.41 -25.42 -5.43
CA SER B 201 -38.67 -26.37 -6.52
CA SER B 201 -38.65 -26.34 -6.54
C SER B 201 -37.59 -27.44 -6.59
N PRO B 202 -37.97 -28.72 -6.53
CA PRO B 202 -36.98 -29.79 -6.70
C PRO B 202 -36.51 -29.97 -8.13
N ARG B 203 -37.28 -29.51 -9.11
CA ARG B 203 -37.00 -29.87 -10.49
C ARG B 203 -35.90 -29.01 -11.10
N VAL B 204 -35.57 -27.89 -10.47
CA VAL B 204 -34.44 -27.08 -10.88
C VAL B 204 -33.42 -27.17 -9.76
N VAL B 205 -32.33 -27.86 -9.99
CA VAL B 205 -31.24 -27.95 -9.02
C VAL B 205 -30.25 -26.84 -9.39
N THR B 206 -29.95 -25.96 -8.46
CA THR B 206 -29.00 -24.90 -8.75
C THR B 206 -27.70 -25.19 -8.04
N PHE B 207 -26.59 -24.85 -8.70
CA PHE B 207 -25.26 -25.04 -8.13
C PHE B 207 -24.42 -23.84 -8.50
N SER B 208 -23.94 -23.10 -7.52
CA SER B 208 -23.13 -21.90 -7.75
C SER B 208 -21.79 -22.12 -7.06
N VAL B 209 -20.70 -21.83 -7.77
CA VAL B 209 -19.38 -21.73 -7.20
C VAL B 209 -18.97 -20.28 -7.30
N HIS B 210 -18.38 -19.74 -6.24
CA HIS B 210 -18.25 -18.27 -6.19
C HIS B 210 -17.31 -17.91 -5.08
N HIS B 211 -16.88 -16.65 -5.09
CA HIS B 211 -16.23 -16.09 -3.92
C HIS B 211 -17.30 -15.65 -2.93
N ALA B 212 -17.08 -15.89 -1.63
CA ALA B 212 -17.91 -15.26 -0.60
C ALA B 212 -16.99 -14.79 0.50
N SER B 213 -17.23 -13.58 1.03
CA SER B 213 -16.45 -13.02 2.12
C SER B 213 -17.22 -11.84 2.69
N PRO B 214 -16.93 -11.42 3.92
CA PRO B 214 -17.74 -10.36 4.55
C PRO B 214 -17.75 -9.08 3.72
N GLY B 215 -18.95 -8.61 3.39
CA GLY B 215 -19.09 -7.39 2.61
C GLY B 215 -18.99 -7.58 1.10
N PHE B 216 -18.71 -8.78 0.62
CA PHE B 216 -18.61 -9.02 -0.81
C PHE B 216 -19.98 -9.33 -1.39
N PHE B 217 -20.33 -8.62 -2.47
CA PHE B 217 -21.62 -8.80 -3.17
C PHE B 217 -21.88 -10.22 -3.68
N PRO B 218 -23.12 -10.75 -3.54
CA PRO B 218 -24.32 -10.15 -2.93
C PRO B 218 -24.48 -10.53 -1.49
N GLY B 219 -23.61 -11.42 -1.01
CA GLY B 219 -23.54 -11.73 0.40
C GLY B 219 -24.01 -13.10 0.77
N THR B 220 -24.70 -13.79 -0.13
CA THR B 220 -25.29 -15.10 0.09
C THR B 220 -24.40 -16.19 -0.53
N GLY B 221 -24.91 -17.42 -0.55
CA GLY B 221 -24.14 -18.56 -1.03
C GLY B 221 -23.08 -19.04 -0.06
N THR B 222 -23.25 -18.80 1.24
CA THR B 222 -22.25 -19.21 2.22
C THR B 222 -22.92 -19.52 3.54
N TRP B 223 -22.10 -19.76 4.58
CA TRP B 223 -22.62 -20.13 5.90
C TRP B 223 -23.60 -19.08 6.40
N ASN B 224 -24.64 -19.54 7.08
CA ASN B 224 -25.65 -18.63 7.62
C ASN B 224 -25.54 -18.48 9.16
N LEU B 231 -23.45 -23.82 15.62
CA LEU B 231 -22.60 -23.84 14.43
C LEU B 231 -23.39 -23.33 13.22
N PRO B 232 -22.73 -22.55 12.37
CA PRO B 232 -23.41 -22.07 11.16
C PRO B 232 -23.79 -23.22 10.24
N ILE B 233 -24.84 -22.99 9.46
CA ILE B 233 -25.34 -23.97 8.53
C ILE B 233 -25.41 -23.32 7.15
N PHE B 234 -25.40 -24.17 6.13
CA PHE B 234 -25.80 -23.76 4.78
C PHE B 234 -27.30 -23.99 4.59
N LEU B 235 -28.02 -22.94 4.23
CA LEU B 235 -29.38 -23.17 3.72
C LEU B 235 -29.29 -23.73 2.31
N ASN B 236 -30.26 -24.61 1.96
CA ASN B 236 -30.12 -25.36 0.72
C ASN B 236 -31.45 -25.58 -0.01
N GLY B 237 -32.43 -24.71 0.20
CA GLY B 237 -33.77 -24.85 -0.32
C GLY B 237 -34.78 -25.11 0.79
N ALA B 238 -36.05 -25.15 0.42
CA ALA B 238 -37.07 -25.34 1.45
C ALA B 238 -38.29 -26.03 0.88
N GLY B 239 -39.05 -26.71 1.76
CA GLY B 239 -40.26 -27.40 1.34
C GLY B 239 -39.90 -28.50 0.36
N ARG B 240 -40.64 -28.58 -0.75
CA ARG B 240 -40.30 -29.57 -1.77
C ARG B 240 -38.94 -29.28 -2.39
N GLY B 241 -38.41 -28.07 -2.21
CA GLY B 241 -37.11 -27.74 -2.73
C GLY B 241 -35.97 -27.96 -1.76
N ARG B 242 -36.23 -28.56 -0.61
CA ARG B 242 -35.16 -28.80 0.33
C ARG B 242 -34.04 -29.64 -0.29
N PHE B 243 -32.78 -29.24 -0.04
CA PHE B 243 -31.57 -29.90 -0.55
C PHE B 243 -31.30 -29.62 -2.01
N SER B 244 -32.09 -28.77 -2.68
CA SER B 244 -31.97 -28.60 -4.13
C SER B 244 -31.14 -27.39 -4.55
N ALA B 245 -30.64 -26.57 -3.61
CA ALA B 245 -29.80 -25.41 -3.92
C ALA B 245 -28.40 -25.64 -3.33
N PHE B 246 -27.43 -25.78 -4.22
CA PHE B 246 -26.07 -26.15 -3.87
C PHE B 246 -25.15 -24.94 -3.99
N ASN B 247 -24.20 -24.82 -3.08
CA ASN B 247 -23.28 -23.70 -3.07
C ASN B 247 -21.90 -24.15 -2.69
N LEU B 248 -20.89 -23.62 -3.39
CA LEU B 248 -19.48 -23.80 -3.01
C LEU B 248 -18.80 -22.43 -2.98
N PRO B 249 -18.74 -21.78 -1.81
CA PRO B 249 -18.00 -20.53 -1.72
C PRO B 249 -16.51 -20.82 -1.56
N LEU B 250 -15.67 -20.00 -2.19
CA LEU B 250 -14.24 -20.26 -2.20
C LEU B 250 -13.49 -19.00 -1.81
N GLU B 251 -12.33 -19.18 -1.18
CA GLU B 251 -11.50 -18.05 -0.79
C GLU B 251 -10.84 -17.40 -2.02
N GLU B 252 -10.40 -16.16 -1.85
CA GLU B 252 -9.77 -15.48 -2.97
C GLU B 252 -8.42 -16.13 -3.32
N GLY B 253 -8.06 -16.02 -4.60
CA GLY B 253 -6.76 -16.44 -5.10
C GLY B 253 -6.74 -17.78 -5.82
N ILE B 254 -7.87 -18.49 -5.93
CA ILE B 254 -7.81 -19.86 -6.41
C ILE B 254 -7.40 -19.87 -7.89
N ASN B 255 -6.59 -20.87 -8.27
CA ASN B 255 -6.05 -20.95 -9.63
C ASN B 255 -6.85 -21.95 -10.48
N ASP B 256 -6.47 -22.09 -11.78
CA ASP B 256 -7.20 -22.96 -12.71
C ASP B 256 -7.36 -24.39 -12.17
N LEU B 257 -6.26 -24.99 -11.74
CA LEU B 257 -6.28 -26.41 -11.35
C LEU B 257 -7.09 -26.62 -10.09
N ASP B 258 -6.91 -25.75 -9.09
CA ASP B 258 -7.62 -25.98 -7.84
C ASP B 258 -9.13 -25.77 -7.99
N TRP B 259 -9.55 -24.74 -8.74
CA TRP B 259 -10.98 -24.56 -9.05
C TRP B 259 -11.53 -25.74 -9.86
N SER B 260 -10.78 -26.20 -10.86
CA SER B 260 -11.18 -27.37 -11.62
C SER B 260 -11.35 -28.59 -10.72
N ASN B 261 -10.35 -28.87 -9.88
CA ASN B 261 -10.48 -29.96 -8.92
C ASN B 261 -11.59 -29.71 -7.91
N ALA B 262 -11.90 -28.45 -7.62
CA ALA B 262 -12.97 -28.16 -6.67
C ALA B 262 -14.32 -28.57 -7.25
N ILE B 263 -14.63 -28.14 -8.48
CA ILE B 263 -15.98 -28.36 -8.99
C ILE B 263 -16.14 -29.60 -9.88
N GLY B 264 -15.07 -30.12 -10.47
CA GLY B 264 -15.16 -31.26 -11.34
C GLY B 264 -15.91 -32.46 -10.79
N PRO B 265 -15.50 -32.97 -9.63
CA PRO B 265 -16.22 -34.09 -9.04
C PRO B 265 -17.63 -33.76 -8.63
N ILE B 266 -17.89 -32.52 -8.19
CA ILE B 266 -19.24 -32.09 -7.83
C ILE B 266 -20.16 -32.09 -9.06
N LEU B 267 -19.67 -31.55 -10.18
CA LEU B 267 -20.46 -31.53 -11.41
C LEU B 267 -20.83 -32.94 -11.86
N ASP B 268 -19.85 -33.83 -11.90
CA ASP B 268 -20.11 -35.20 -12.35
C ASP B 268 -21.11 -35.90 -11.44
N SER B 269 -20.98 -35.71 -10.12
CA SER B 269 -21.92 -36.29 -9.16
C SER B 269 -23.35 -35.76 -9.35
N LEU B 270 -23.48 -34.43 -9.53
CA LEU B 270 -24.79 -33.84 -9.81
C LEU B 270 -25.41 -34.45 -11.06
N ASN B 271 -24.62 -34.60 -12.12
CA ASN B 271 -25.15 -35.23 -13.32
C ASN B 271 -25.57 -36.67 -13.03
N ILE B 272 -24.73 -37.43 -12.31
CA ILE B 272 -25.04 -38.84 -12.04
C ILE B 272 -26.36 -38.96 -11.29
N VAL B 273 -26.57 -38.12 -10.27
CA VAL B 273 -27.70 -38.31 -9.38
C VAL B 273 -28.95 -37.59 -9.90
N ILE B 274 -28.79 -36.35 -10.35
CA ILE B 274 -29.96 -35.58 -10.78
C ILE B 274 -30.47 -36.09 -12.11
N GLN B 275 -29.55 -36.49 -13.00
CA GLN B 275 -29.89 -36.93 -14.35
C GLN B 275 -30.69 -35.85 -15.10
N PRO B 276 -30.15 -34.63 -15.21
CA PRO B 276 -30.91 -33.53 -15.81
C PRO B 276 -31.27 -33.78 -17.27
N SER B 277 -32.45 -33.27 -17.66
CA SER B 277 -32.81 -33.26 -19.08
C SER B 277 -32.16 -32.10 -19.84
N TYR B 278 -31.84 -31.02 -19.12
CA TYR B 278 -31.12 -29.87 -19.67
C TYR B 278 -30.11 -29.38 -18.66
N VAL B 279 -29.02 -28.80 -19.14
CA VAL B 279 -28.07 -28.11 -18.28
C VAL B 279 -28.04 -26.65 -18.71
N VAL B 280 -28.05 -25.75 -17.73
CA VAL B 280 -27.89 -24.33 -18.02
C VAL B 280 -26.66 -23.85 -17.27
N VAL B 281 -25.73 -23.24 -17.99
CA VAL B 281 -24.42 -22.86 -17.49
C VAL B 281 -24.28 -21.36 -17.60
N GLN B 282 -24.06 -20.69 -16.48
CA GLN B 282 -23.69 -19.27 -16.48
C GLN B 282 -22.17 -19.21 -16.40
N CYS B 283 -21.55 -18.56 -17.38
CA CYS B 283 -20.10 -18.59 -17.54
CA CYS B 283 -20.09 -18.57 -17.54
C CYS B 283 -19.51 -17.17 -17.41
N GLY B 284 -20.00 -16.40 -16.43
CA GLY B 284 -19.42 -15.09 -16.14
C GLY B 284 -17.90 -15.13 -16.07
N ALA B 285 -17.23 -14.21 -16.75
CA ALA B 285 -15.78 -14.20 -16.89
C ALA B 285 -15.06 -13.43 -15.79
N ASP B 286 -15.75 -13.00 -14.71
CA ASP B 286 -15.05 -12.20 -13.70
C ASP B 286 -14.18 -13.03 -12.76
N CYS B 287 -14.08 -14.35 -12.98
CA CYS B 287 -13.07 -15.11 -12.25
C CYS B 287 -11.68 -15.01 -12.89
N LEU B 288 -11.56 -14.39 -14.06
CA LEU B 288 -10.26 -14.32 -14.71
C LEU B 288 -9.28 -13.55 -13.83
N ALA B 289 -8.01 -13.98 -13.86
CA ALA B 289 -6.95 -13.32 -13.10
C ALA B 289 -6.83 -11.84 -13.46
N THR B 290 -7.14 -11.46 -14.70
CA THR B 290 -7.04 -10.08 -15.14
C THR B 290 -8.36 -9.31 -15.04
N ASP B 291 -9.42 -9.90 -14.51
CA ASP B 291 -10.62 -9.11 -14.27
C ASP B 291 -10.31 -8.08 -13.18
N PRO B 292 -10.81 -6.85 -13.30
CA PRO B 292 -10.49 -5.84 -12.26
C PRO B 292 -11.00 -6.23 -10.86
N HIS B 293 -11.88 -7.22 -10.70
CA HIS B 293 -12.18 -7.65 -9.32
C HIS B 293 -10.94 -8.19 -8.64
N ARG B 294 -10.07 -8.84 -9.40
CA ARG B 294 -8.79 -9.37 -8.95
C ARG B 294 -8.98 -10.30 -7.74
N ILE B 295 -9.87 -11.26 -7.87
CA ILE B 295 -10.15 -12.20 -6.78
C ILE B 295 -9.65 -13.60 -7.09
N PHE B 296 -10.16 -14.22 -8.16
CA PHE B 296 -9.68 -15.53 -8.57
C PHE B 296 -8.58 -15.35 -9.62
N ARG B 297 -7.87 -16.44 -9.93
CA ARG B 297 -6.74 -16.38 -10.86
CA ARG B 297 -6.73 -16.40 -10.84
C ARG B 297 -6.92 -17.39 -11.99
N LEU B 298 -8.14 -17.48 -12.50
CA LEU B 298 -8.42 -18.33 -13.64
C LEU B 298 -7.89 -17.69 -14.94
N THR B 299 -7.67 -18.51 -15.95
CA THR B 299 -7.14 -18.03 -17.24
C THR B 299 -8.05 -18.51 -18.35
N ASN B 300 -7.68 -18.20 -19.60
CA ASN B 300 -8.27 -18.84 -20.78
C ASN B 300 -7.27 -19.80 -21.46
N PHE B 301 -6.26 -20.29 -20.74
CA PHE B 301 -5.20 -21.05 -21.41
C PHE B 301 -5.74 -22.40 -21.89
N TYR B 302 -5.17 -22.89 -22.98
CA TYR B 302 -5.60 -24.16 -23.57
C TYR B 302 -4.39 -24.88 -24.15
N PRO B 303 -3.66 -25.64 -23.32
CA PRO B 303 -2.42 -26.34 -23.70
C PRO B 303 -2.53 -27.19 -24.95
N SER B 316 -3.03 -26.81 -15.88
CA SER B 316 -2.76 -25.57 -16.62
C SER B 316 -3.89 -25.30 -17.61
N LEU B 317 -4.86 -26.20 -17.71
CA LEU B 317 -6.05 -25.92 -18.52
C LEU B 317 -6.92 -24.87 -17.80
N SER B 318 -7.36 -23.85 -18.53
CA SER B 318 -8.38 -22.93 -18.04
C SER B 318 -9.43 -23.68 -17.23
N GLY B 319 -9.72 -23.21 -16.01
CA GLY B 319 -10.79 -23.83 -15.25
C GLY B 319 -12.12 -23.78 -15.97
N TYR B 320 -12.41 -22.65 -16.62
CA TYR B 320 -13.62 -22.54 -17.43
C TYR B 320 -13.70 -23.60 -18.53
N LEU B 321 -12.60 -23.80 -19.27
CA LEU B 321 -12.65 -24.77 -20.36
C LEU B 321 -12.75 -26.20 -19.82
N TYR B 322 -12.03 -26.48 -18.72
CA TYR B 322 -12.20 -27.75 -18.02
C TYR B 322 -13.68 -28.01 -17.70
N ALA B 323 -14.35 -27.04 -17.09
CA ALA B 323 -15.74 -27.25 -16.66
C ALA B 323 -16.70 -27.35 -17.83
N ILE B 324 -16.54 -26.48 -18.84
CA ILE B 324 -17.40 -26.58 -20.02
C ILE B 324 -17.20 -27.93 -20.70
N LYS B 325 -15.95 -28.34 -20.86
CA LYS B 325 -15.67 -29.62 -21.49
C LYS B 325 -16.33 -30.76 -20.71
N LYS B 326 -16.23 -30.71 -19.38
CA LYS B 326 -16.84 -31.77 -18.59
C LYS B 326 -18.33 -31.85 -18.82
N ILE B 327 -19.01 -30.70 -18.68
CA ILE B 327 -20.46 -30.62 -18.84
C ILE B 327 -20.87 -31.11 -20.21
N LEU B 328 -20.14 -30.69 -21.24
CA LEU B 328 -20.53 -31.13 -22.59
C LEU B 328 -20.33 -32.63 -22.77
N SER B 329 -19.38 -33.23 -22.05
CA SER B 329 -19.15 -34.66 -22.17
C SER B 329 -20.35 -35.47 -21.74
N TRP B 330 -21.29 -34.86 -20.99
CA TRP B 330 -22.49 -35.55 -20.53
C TRP B 330 -23.50 -35.76 -21.64
N LYS B 331 -23.37 -35.03 -22.74
CA LYS B 331 -24.28 -35.11 -23.88
C LYS B 331 -25.72 -34.84 -23.48
N VAL B 332 -25.92 -33.80 -22.64
CA VAL B 332 -27.23 -33.34 -22.22
C VAL B 332 -27.46 -32.00 -22.90
N PRO B 333 -28.63 -31.73 -23.49
CA PRO B 333 -28.82 -30.41 -24.14
C PRO B 333 -28.50 -29.29 -23.15
N THR B 334 -27.71 -28.29 -23.60
CA THR B 334 -27.08 -27.33 -22.71
C THR B 334 -27.25 -25.91 -23.25
N LEU B 335 -27.56 -24.98 -22.34
CA LEU B 335 -27.51 -23.55 -22.62
C LEU B 335 -26.26 -22.99 -21.98
N ILE B 336 -25.52 -22.18 -22.74
CA ILE B 336 -24.30 -21.55 -22.24
C ILE B 336 -24.50 -20.05 -22.31
N LEU B 337 -24.45 -19.40 -21.15
CA LEU B 337 -24.76 -18.00 -21.00
C LEU B 337 -23.52 -17.25 -20.53
N GLY B 338 -23.51 -15.93 -20.79
CA GLY B 338 -22.47 -15.06 -20.28
C GLY B 338 -22.73 -14.61 -18.86
N GLY B 339 -22.52 -13.32 -18.57
CA GLY B 339 -22.72 -12.82 -17.21
C GLY B 339 -21.69 -11.77 -16.86
N GLY B 340 -21.10 -11.82 -15.66
CA GLY B 340 -20.06 -10.87 -15.32
C GLY B 340 -18.86 -10.96 -16.24
N GLY B 341 -17.99 -9.96 -16.12
CA GLY B 341 -16.80 -9.92 -16.94
C GLY B 341 -16.49 -8.49 -17.29
N TYR B 342 -15.55 -7.89 -16.57
CA TYR B 342 -15.32 -6.45 -16.61
C TYR B 342 -13.99 -6.08 -17.26
N ASN B 343 -13.23 -7.05 -17.75
CA ASN B 343 -12.09 -6.79 -18.65
C ASN B 343 -12.61 -7.28 -20.00
N PHE B 344 -13.06 -6.34 -20.83
CA PHE B 344 -13.84 -6.73 -22.01
C PHE B 344 -13.00 -7.50 -23.01
N PRO B 345 -11.78 -7.09 -23.35
CA PRO B 345 -10.98 -7.92 -24.28
C PRO B 345 -10.66 -9.30 -23.71
N ASP B 346 -10.34 -9.40 -22.41
CA ASP B 346 -10.05 -10.71 -21.85
C ASP B 346 -11.30 -11.56 -21.73
N THR B 347 -12.44 -10.91 -21.47
CA THR B 347 -13.71 -11.64 -21.54
C THR B 347 -13.95 -12.19 -22.95
N ALA B 348 -13.74 -11.38 -23.98
CA ALA B 348 -13.86 -11.90 -25.36
C ALA B 348 -12.87 -13.04 -25.61
N ARG B 349 -11.63 -12.92 -25.10
CA ARG B 349 -10.65 -14.01 -25.28
C ARG B 349 -11.14 -15.30 -24.63
N LEU B 350 -11.71 -15.22 -23.43
CA LEU B 350 -12.22 -16.43 -22.81
C LEU B 350 -13.40 -17.00 -23.62
N TRP B 351 -14.41 -16.17 -23.89
CA TRP B 351 -15.63 -16.70 -24.47
C TRP B 351 -15.42 -17.17 -25.90
N THR B 352 -14.40 -16.65 -26.58
CA THR B 352 -14.06 -17.18 -27.91
C THR B 352 -13.50 -18.59 -27.79
N ARG B 353 -12.64 -18.85 -26.81
CA ARG B 353 -12.18 -20.23 -26.59
C ARG B 353 -13.30 -21.16 -26.15
N VAL B 354 -14.19 -20.68 -25.26
CA VAL B 354 -15.36 -21.49 -24.90
C VAL B 354 -16.17 -21.83 -26.15
N THR B 355 -16.37 -20.86 -27.04
CA THR B 355 -17.16 -21.12 -28.25
C THR B 355 -16.49 -22.15 -29.14
N ALA B 356 -15.16 -22.04 -29.27
CA ALA B 356 -14.43 -22.99 -30.12
C ALA B 356 -14.47 -24.37 -29.50
N LEU B 357 -14.30 -24.44 -28.18
CA LEU B 357 -14.32 -25.72 -27.51
C LEU B 357 -15.69 -26.38 -27.64
N THR B 358 -16.76 -25.60 -27.52
CA THR B 358 -18.10 -26.14 -27.69
C THR B 358 -18.29 -26.70 -29.09
N ILE B 359 -17.78 -26.02 -30.12
CA ILE B 359 -17.84 -26.57 -31.47
C ILE B 359 -17.10 -27.92 -31.53
N GLU B 360 -15.87 -27.96 -31.01
CA GLU B 360 -15.07 -29.19 -31.00
C GLU B 360 -15.80 -30.33 -30.30
N GLU B 361 -16.36 -30.05 -29.12
CA GLU B 361 -16.90 -31.13 -28.30
C GLU B 361 -18.20 -31.65 -28.88
N VAL B 362 -19.05 -30.76 -29.42
CA VAL B 362 -20.35 -31.19 -29.93
C VAL B 362 -20.23 -31.72 -31.35
N LYS B 363 -19.48 -31.04 -32.21
CA LYS B 363 -19.39 -31.46 -33.59
C LYS B 363 -18.25 -32.45 -33.86
N GLY B 364 -17.33 -32.65 -32.92
CA GLY B 364 -16.19 -33.51 -33.18
C GLY B 364 -15.20 -32.94 -34.18
N LYS B 365 -15.25 -31.64 -34.40
CA LYS B 365 -14.54 -30.96 -35.48
C LYS B 365 -13.45 -30.10 -34.87
N LYS B 366 -12.19 -30.31 -35.26
CA LYS B 366 -11.08 -29.59 -34.67
C LYS B 366 -11.17 -28.10 -34.95
N MET B 367 -11.09 -27.29 -33.89
CA MET B 367 -11.07 -25.84 -34.04
C MET B 367 -9.69 -25.34 -33.62
N THR B 368 -8.90 -24.91 -34.58
CA THR B 368 -7.56 -24.43 -34.30
C THR B 368 -7.57 -22.92 -34.31
N ILE B 369 -7.17 -22.32 -33.19
CA ILE B 369 -7.21 -20.88 -33.03
C ILE B 369 -5.77 -20.36 -33.01
N SER B 370 -5.46 -19.46 -33.92
CA SER B 370 -4.12 -18.87 -33.91
C SER B 370 -3.86 -18.12 -32.60
N PRO B 371 -2.66 -18.24 -32.03
CA PRO B 371 -2.36 -17.45 -30.82
C PRO B 371 -2.34 -15.94 -31.07
N GLU B 372 -2.23 -15.52 -32.32
CA GLU B 372 -2.26 -14.10 -32.69
C GLU B 372 -3.71 -13.70 -32.98
N ILE B 373 -4.15 -12.61 -32.37
CA ILE B 373 -5.50 -12.07 -32.65
C ILE B 373 -5.59 -11.74 -34.13
N PRO B 374 -6.64 -12.16 -34.82
CA PRO B 374 -6.77 -11.85 -36.25
C PRO B 374 -7.18 -10.41 -36.48
N GLU B 375 -6.96 -9.97 -37.72
CA GLU B 375 -7.40 -8.66 -38.16
C GLU B 375 -8.91 -8.54 -38.08
N HIS B 376 -9.38 -7.42 -37.50
CA HIS B 376 -10.80 -7.07 -37.41
C HIS B 376 -10.87 -5.68 -36.75
N SER B 377 -12.07 -5.09 -36.77
CA SER B 377 -12.14 -3.68 -36.44
C SER B 377 -11.88 -3.37 -34.95
N TYR B 378 -11.87 -4.37 -34.08
CA TYR B 378 -11.47 -4.16 -32.69
C TYR B 378 -10.09 -4.72 -32.39
N PHE B 379 -9.31 -5.02 -33.43
CA PHE B 379 -7.96 -5.54 -33.20
C PHE B 379 -7.22 -4.70 -32.18
N SER B 380 -7.35 -3.37 -32.25
CA SER B 380 -6.55 -2.52 -31.38
C SER B 380 -6.92 -2.66 -29.90
N ARG B 381 -8.06 -3.27 -29.58
CA ARG B 381 -8.37 -3.42 -28.15
C ARG B 381 -7.60 -4.55 -27.49
N TYR B 382 -6.81 -5.33 -28.24
CA TYR B 382 -6.11 -6.49 -27.69
C TYR B 382 -4.62 -6.21 -27.48
N GLY B 383 -4.20 -4.95 -27.48
CA GLY B 383 -2.79 -4.65 -27.27
C GLY B 383 -2.40 -4.79 -25.82
N PRO B 384 -1.10 -4.65 -25.50
CA PRO B 384 0.01 -4.40 -26.44
C PRO B 384 0.52 -5.66 -27.13
N ASP B 385 0.04 -6.81 -26.67
CA ASP B 385 0.49 -8.12 -27.13
C ASP B 385 -0.27 -8.61 -28.36
N PHE B 386 -1.57 -8.32 -28.44
CA PHE B 386 -2.41 -8.81 -29.54
C PHE B 386 -2.34 -10.34 -29.65
N GLU B 387 -2.31 -11.02 -28.50
CA GLU B 387 -2.39 -12.46 -28.46
C GLU B 387 -3.69 -12.93 -27.81
N LEU B 388 -4.03 -14.19 -28.05
CA LEU B 388 -5.29 -14.73 -27.54
C LEU B 388 -5.21 -15.09 -26.05
N ASP B 389 -4.09 -15.66 -25.59
CA ASP B 389 -3.93 -15.94 -24.16
C ASP B 389 -4.01 -14.64 -23.38
N ILE B 390 -4.71 -14.66 -22.23
CA ILE B 390 -4.71 -13.45 -21.39
C ILE B 390 -3.29 -13.21 -20.89
N ASP B 391 -2.97 -11.93 -20.67
CA ASP B 391 -1.63 -11.50 -20.25
C ASP B 391 -1.50 -11.68 -18.74
N TYR B 392 -1.44 -12.92 -18.32
CA TYR B 392 -1.27 -13.30 -16.93
C TYR B 392 -0.16 -14.35 -16.82
N PHE B 393 0.58 -14.30 -15.72
CA PHE B 393 1.73 -15.21 -15.52
C PHE B 393 1.52 -15.98 -14.25
N PRO B 394 1.01 -17.21 -14.34
CA PRO B 394 0.59 -17.92 -13.14
C PRO B 394 1.81 -18.31 -12.32
N HIS B 395 1.69 -18.16 -11.00
CA HIS B 395 2.78 -18.41 -10.06
C HIS B 395 2.16 -19.00 -8.81
N GLU B 396 3.00 -19.46 -7.89
CA GLU B 396 2.50 -19.99 -6.61
C GLU B 396 3.31 -19.48 -5.41
N ASP B 403 -5.79 -25.01 2.74
CA ASP B 403 -6.58 -24.39 1.67
C ASP B 403 -7.56 -25.38 1.01
N SER B 404 -7.58 -26.62 1.47
CA SER B 404 -8.41 -27.60 0.77
C SER B 404 -9.84 -27.47 1.23
N ILE B 405 -10.75 -28.13 0.51
CA ILE B 405 -12.19 -28.00 0.73
C ILE B 405 -12.85 -29.37 0.78
N GLN B 406 -12.13 -30.38 1.30
CA GLN B 406 -12.71 -31.73 1.35
C GLN B 406 -13.94 -31.80 2.26
N LYS B 407 -14.01 -31.00 3.31
CA LYS B 407 -15.26 -30.99 4.09
C LYS B 407 -16.42 -30.39 3.30
N HIS B 408 -16.15 -29.47 2.37
CA HIS B 408 -17.21 -28.98 1.49
C HIS B 408 -17.69 -30.08 0.55
N HIS B 409 -16.75 -30.86 -0.02
CA HIS B 409 -17.16 -32.02 -0.80
C HIS B 409 -18.04 -32.95 0.03
N ARG B 410 -17.65 -33.22 1.28
CA ARG B 410 -18.44 -34.14 2.08
C ARG B 410 -19.84 -33.58 2.35
N ARG B 411 -19.91 -32.28 2.65
CA ARG B 411 -21.20 -31.64 2.91
C ARG B 411 -22.06 -31.65 1.66
N ILE B 412 -21.49 -31.33 0.49
CA ILE B 412 -22.30 -31.30 -0.73
C ILE B 412 -22.78 -32.69 -1.11
N LEU B 413 -21.91 -33.72 -0.96
CA LEU B 413 -22.38 -35.07 -1.31
C LEU B 413 -23.47 -35.54 -0.35
N GLU B 414 -23.39 -35.16 0.93
CA GLU B 414 -24.48 -35.50 1.84
C GLU B 414 -25.77 -34.79 1.43
N GLN B 415 -25.68 -33.51 1.09
CA GLN B 415 -26.85 -32.83 0.54
C GLN B 415 -27.39 -33.54 -0.71
N LEU B 416 -26.49 -33.99 -1.60
CA LEU B 416 -26.98 -34.65 -2.82
C LEU B 416 -27.72 -35.93 -2.47
N ARG B 417 -27.18 -36.69 -1.51
CA ARG B 417 -27.86 -37.88 -1.04
C ARG B 417 -29.21 -37.54 -0.42
N ASN B 418 -29.28 -36.46 0.38
CA ASN B 418 -30.55 -36.04 0.96
C ASN B 418 -31.55 -35.64 -0.10
N TYR B 419 -31.09 -34.89 -1.10
CA TYR B 419 -31.96 -34.54 -2.21
C TYR B 419 -32.53 -35.78 -2.90
N ALA B 420 -31.67 -36.75 -3.21
CA ALA B 420 -32.13 -37.97 -3.90
C ALA B 420 -33.16 -38.72 -3.05
N ASP B 421 -32.94 -38.80 -1.74
CA ASP B 421 -33.89 -39.48 -0.85
C ASP B 421 -35.22 -38.73 -0.79
N LEU B 422 -35.18 -37.42 -0.59
CA LEU B 422 -36.41 -36.63 -0.59
C LEU B 422 -37.19 -36.84 -1.89
N ASN B 423 -36.49 -36.95 -3.01
CA ASN B 423 -37.20 -36.96 -4.28
C ASN B 423 -37.32 -38.35 -4.90
N LYS B 424 -36.96 -39.39 -4.15
CA LYS B 424 -37.20 -40.77 -4.56
C LYS B 424 -36.36 -41.14 -5.78
N LEU B 425 -35.17 -40.56 -5.89
CA LEU B 425 -34.30 -40.83 -7.02
C LEU B 425 -33.27 -41.86 -6.59
N ILE B 426 -32.82 -42.66 -7.57
CA ILE B 426 -31.76 -43.60 -7.28
C ILE B 426 -30.51 -42.82 -6.91
N TYR B 427 -29.89 -43.21 -5.82
CA TYR B 427 -28.59 -42.66 -5.44
C TYR B 427 -27.57 -43.77 -5.70
N ASP B 428 -26.80 -43.61 -6.78
CA ASP B 428 -25.89 -44.66 -7.25
C ASP B 428 -24.55 -44.51 -6.53
N TYR B 429 -24.51 -45.01 -5.29
CA TYR B 429 -23.31 -44.83 -4.47
C TYR B 429 -22.07 -45.41 -5.15
N ASP B 430 -22.18 -46.57 -5.81
CA ASP B 430 -20.99 -47.15 -6.43
C ASP B 430 -20.36 -46.18 -7.43
N GLN B 431 -21.20 -45.54 -8.26
CA GLN B 431 -20.72 -44.64 -9.31
C GLN B 431 -20.10 -43.38 -8.72
N VAL B 432 -20.76 -42.79 -7.71
CA VAL B 432 -20.21 -41.60 -7.08
C VAL B 432 -18.92 -41.95 -6.36
N TYR B 433 -18.90 -43.07 -5.67
CA TYR B 433 -17.67 -43.48 -4.99
C TYR B 433 -16.52 -43.61 -5.97
N GLN B 434 -16.75 -44.36 -7.06
CA GLN B 434 -15.73 -44.57 -8.06
C GLN B 434 -15.24 -43.24 -8.60
N LEU B 435 -16.16 -42.31 -8.79
CA LEU B 435 -15.83 -41.00 -9.31
C LEU B 435 -14.83 -40.28 -8.40
N TYR B 436 -15.14 -40.24 -7.10
CA TYR B 436 -14.26 -39.61 -6.13
C TYR B 436 -13.04 -40.46 -5.83
N ASN B 437 -13.12 -41.78 -6.06
CA ASN B 437 -11.97 -42.65 -5.84
C ASN B 437 -10.86 -42.38 -6.86
N LEU B 438 -11.18 -41.75 -8.00
CA LEU B 438 -10.13 -41.43 -8.96
C LEU B 438 -9.08 -40.51 -8.34
N THR B 439 -9.47 -39.63 -7.44
CA THR B 439 -8.54 -38.77 -6.72
C THR B 439 -8.26 -39.26 -5.31
N GLY B 440 -8.58 -40.52 -5.02
CA GLY B 440 -8.39 -41.08 -3.69
C GLY B 440 -9.31 -40.54 -2.62
N MET B 441 -10.44 -39.96 -3.00
CA MET B 441 -11.34 -39.30 -2.04
C MET B 441 -12.69 -39.99 -1.93
N GLY B 442 -12.73 -41.28 -2.25
CA GLY B 442 -13.97 -42.01 -2.17
C GLY B 442 -14.52 -42.09 -0.76
N SER B 443 -13.66 -41.94 0.25
CA SER B 443 -14.14 -41.94 1.62
C SER B 443 -15.06 -40.76 1.91
N LEU B 444 -15.03 -39.71 1.08
CA LEU B 444 -15.90 -38.57 1.31
C LEU B 444 -17.35 -38.87 0.93
N VAL B 445 -17.60 -39.97 0.24
CA VAL B 445 -18.89 -40.24 -0.39
C VAL B 445 -19.79 -40.96 0.61
N PRO B 446 -20.94 -40.40 0.96
CA PRO B 446 -21.85 -41.09 1.88
C PRO B 446 -22.63 -42.18 1.18
N ARG B 447 -23.00 -43.20 1.94
CA ARG B 447 -23.72 -44.35 1.37
C ARG B 447 -25.12 -43.97 0.88
N SER C 3 22.11 44.38 13.94
CA SER C 3 21.73 44.33 12.52
C SER C 3 21.57 42.88 12.08
N VAL C 4 20.48 42.56 11.37
CA VAL C 4 20.30 41.23 10.82
C VAL C 4 20.52 41.34 9.32
N GLY C 5 21.53 40.61 8.80
CA GLY C 5 21.82 40.63 7.38
C GLY C 5 21.22 39.43 6.66
N ILE C 6 21.01 39.58 5.35
CA ILE C 6 20.54 38.45 4.54
C ILE C 6 21.22 38.55 3.17
N VAL C 7 21.70 37.41 2.65
CA VAL C 7 22.49 37.43 1.42
C VAL C 7 21.54 37.44 0.21
N TYR C 8 21.72 38.43 -0.66
CA TYR C 8 20.98 38.45 -1.91
CA TYR C 8 20.90 38.55 -1.86
C TYR C 8 21.62 39.47 -2.85
N GLY C 9 21.23 39.35 -4.11
CA GLY C 9 21.71 40.18 -5.19
C GLY C 9 21.05 39.65 -6.44
N ASP C 10 21.03 40.41 -7.52
CA ASP C 10 20.30 39.98 -8.72
C ASP C 10 21.01 38.81 -9.41
N GLN C 11 22.33 38.90 -9.60
CA GLN C 11 23.05 37.76 -10.19
C GLN C 11 23.01 36.58 -9.24
N TYR C 12 23.08 36.85 -7.94
CA TYR C 12 23.06 35.76 -6.99
C TYR C 12 21.76 34.99 -7.10
N ARG C 13 20.64 35.72 -7.14
CA ARG C 13 19.34 35.07 -7.32
C ARG C 13 19.29 34.23 -8.59
N GLN C 14 19.83 34.76 -9.69
CA GLN C 14 19.75 34.01 -10.94
C GLN C 14 20.54 32.71 -10.85
N LEU C 15 21.75 32.75 -10.25
CA LEU C 15 22.57 31.56 -10.11
C LEU C 15 21.94 30.56 -9.14
N CYS C 16 21.43 31.05 -7.99
CA CYS C 16 20.75 30.17 -7.05
C CYS C 16 19.50 29.52 -7.65
N CYS C 17 18.94 30.10 -8.71
CA CYS C 17 17.75 29.54 -9.34
C CYS C 17 18.07 28.77 -10.61
N SER C 18 19.34 28.41 -10.83
CA SER C 18 19.73 27.87 -12.13
C SER C 18 19.92 26.37 -12.12
N SER C 19 19.69 25.68 -10.97
CA SER C 19 19.98 24.26 -10.95
C SER C 19 18.73 23.44 -11.26
N PRO C 20 18.92 22.22 -11.80
CA PRO C 20 17.74 21.37 -12.08
C PRO C 20 17.05 20.87 -10.81
N LYS C 21 17.80 20.57 -9.76
CA LYS C 21 17.11 20.03 -8.58
C LYS C 21 16.37 21.12 -7.79
N PHE C 22 16.95 22.30 -7.61
CA PHE C 22 16.28 23.26 -6.74
C PHE C 22 15.48 24.32 -7.49
N GLY C 23 15.46 24.29 -8.82
CA GLY C 23 14.54 25.13 -9.58
C GLY C 23 14.56 26.56 -9.07
N ASP C 24 13.36 27.13 -8.90
CA ASP C 24 13.23 28.51 -8.46
C ASP C 24 13.02 28.65 -6.93
N ARG C 25 13.40 27.64 -6.13
CA ARG C 25 13.11 27.68 -4.70
C ARG C 25 13.61 28.95 -4.03
N TYR C 26 14.87 29.31 -4.29
CA TYR C 26 15.43 30.52 -3.69
C TYR C 26 14.57 31.76 -3.98
N ALA C 27 14.07 31.90 -5.22
CA ALA C 27 13.27 33.06 -5.56
C ALA C 27 11.94 33.05 -4.83
N LEU C 28 11.27 31.88 -4.74
CA LEU C 28 10.09 31.82 -3.89
C LEU C 28 10.40 32.28 -2.47
N VAL C 29 11.52 31.79 -1.91
CA VAL C 29 11.86 32.14 -0.54
C VAL C 29 12.04 33.66 -0.40
N MET C 30 12.91 34.22 -1.24
CA MET C 30 13.22 35.64 -1.10
C MET C 30 11.99 36.51 -1.40
N ASP C 31 11.17 36.12 -2.37
CA ASP C 31 10.02 36.94 -2.71
C ASP C 31 8.93 36.84 -1.66
N LEU C 32 8.84 35.72 -0.94
CA LEU C 32 7.86 35.64 0.13
C LEU C 32 8.30 36.51 1.30
N ILE C 33 9.61 36.48 1.60
CA ILE C 33 10.15 37.38 2.62
C ILE C 33 9.93 38.83 2.21
N ASN C 34 10.15 39.13 0.93
CA ASN C 34 9.85 40.46 0.40
C ASN C 34 8.37 40.77 0.50
N ALA C 35 7.49 39.82 0.14
CA ALA C 35 6.05 40.11 0.11
C ALA C 35 5.51 40.41 1.50
N TYR C 36 6.12 39.81 2.53
CA TYR C 36 5.73 40.08 3.90
C TYR C 36 6.39 41.34 4.46
N LYS C 37 7.04 42.13 3.60
CA LYS C 37 7.67 43.42 3.96
C LYS C 37 8.80 43.26 4.97
N LEU C 38 9.53 42.15 4.93
CA LEU C 38 10.65 42.00 5.86
C LEU C 38 11.95 42.57 5.30
N ILE C 39 12.06 42.72 3.99
CA ILE C 39 13.33 43.12 3.39
C ILE C 39 13.81 44.47 3.92
N PRO C 40 12.95 45.46 4.16
CA PRO C 40 13.46 46.72 4.78
C PRO C 40 13.99 46.57 6.20
N GLU C 41 13.66 45.49 6.90
CA GLU C 41 14.25 45.33 8.23
C GLU C 41 15.67 44.77 8.16
N LEU C 42 16.10 44.27 7.01
CA LEU C 42 17.31 43.48 6.91
C LEU C 42 18.37 44.23 6.10
N SER C 43 19.62 44.03 6.50
CA SER C 43 20.80 44.51 5.78
C SER C 43 21.19 43.55 4.63
N ARG C 44 21.19 44.03 3.39
CA ARG C 44 21.64 43.18 2.30
CA ARG C 44 21.64 43.19 2.30
C ARG C 44 23.13 42.96 2.39
N VAL C 45 23.53 41.69 2.39
CA VAL C 45 24.93 41.30 2.45
C VAL C 45 25.30 40.82 1.05
N PRO C 46 26.16 41.54 0.32
CA PRO C 46 26.42 41.18 -1.06
C PRO C 46 27.33 39.97 -1.11
N PRO C 47 27.11 39.07 -2.05
CA PRO C 47 28.01 37.90 -2.16
C PRO C 47 29.44 38.37 -2.41
N LEU C 48 30.38 37.63 -1.88
CA LEU C 48 31.79 37.97 -2.07
C LEU C 48 32.20 37.74 -3.53
N GLN C 49 32.97 38.67 -4.08
CA GLN C 49 33.65 38.44 -5.36
C GLN C 49 35.14 38.66 -5.18
N TRP C 50 35.94 38.00 -6.01
CA TRP C 50 37.40 37.99 -5.90
C TRP C 50 38.06 38.86 -6.97
N ASP C 51 39.34 39.16 -6.74
CA ASP C 51 40.14 40.03 -7.59
C ASP C 51 40.79 39.32 -8.78
N SER C 52 40.71 38.00 -8.86
CA SER C 52 41.34 37.24 -9.94
C SER C 52 40.92 35.78 -9.81
N PRO C 53 41.05 35.00 -10.89
CA PRO C 53 40.85 33.54 -10.75
C PRO C 53 41.76 32.92 -9.71
N SER C 54 42.98 33.42 -9.52
CA SER C 54 43.84 32.82 -8.51
CA SER C 54 43.85 32.84 -8.51
C SER C 54 43.28 33.05 -7.11
N ARG C 55 42.78 34.25 -6.83
CA ARG C 55 42.22 34.49 -5.51
C ARG C 55 41.02 33.61 -5.24
N MET C 56 40.17 33.40 -6.25
CA MET C 56 39.01 32.52 -6.09
C MET C 56 39.45 31.09 -5.79
N TYR C 57 40.41 30.57 -6.55
CA TYR C 57 40.87 29.21 -6.27
C TYR C 57 41.47 29.10 -4.88
N GLU C 58 42.21 30.12 -4.46
CA GLU C 58 42.80 30.08 -3.13
C GLU C 58 41.72 30.03 -2.06
N ALA C 59 40.58 30.66 -2.31
CA ALA C 59 39.50 30.62 -1.33
C ALA C 59 38.84 29.25 -1.31
N VAL C 60 38.48 28.73 -2.48
CA VAL C 60 37.74 27.47 -2.55
C VAL C 60 38.63 26.30 -2.13
N THR C 61 39.93 26.34 -2.50
CA THR C 61 40.81 25.23 -2.17
C THR C 61 41.37 25.32 -0.76
N ALA C 62 40.89 26.28 0.06
CA ALA C 62 41.12 26.16 1.49
C ALA C 62 40.50 24.89 2.05
N PHE C 63 39.48 24.35 1.39
CA PHE C 63 38.94 23.05 1.77
C PHE C 63 39.01 22.03 0.64
N HIS C 64 38.53 22.39 -0.55
CA HIS C 64 38.45 21.46 -1.67
C HIS C 64 39.80 21.30 -2.36
N SER C 65 40.03 20.12 -2.95
CA SER C 65 41.26 19.88 -3.70
C SER C 65 41.22 20.67 -5.01
N THR C 66 42.42 21.06 -5.47
CA THR C 66 42.50 21.76 -6.74
C THR C 66 41.99 20.90 -7.87
N GLU C 67 42.30 19.58 -7.81
CA GLU C 67 41.84 18.63 -8.82
C GLU C 67 40.33 18.64 -8.90
N TYR C 68 39.65 18.67 -7.74
CA TYR C 68 38.20 18.61 -7.74
C TYR C 68 37.61 19.92 -8.26
N VAL C 69 38.13 21.04 -7.78
CA VAL C 69 37.71 22.34 -8.31
C VAL C 69 37.93 22.40 -9.81
N ASP C 70 39.10 21.91 -10.29
CA ASP C 70 39.35 21.91 -11.73
C ASP C 70 38.28 21.11 -12.47
N ALA C 71 37.97 19.91 -11.98
CA ALA C 71 37.01 19.04 -12.67
C ALA C 71 35.62 19.66 -12.70
N LEU C 72 35.19 20.24 -11.58
CA LEU C 72 33.88 20.87 -11.52
C LEU C 72 33.78 22.01 -12.51
N LYS C 73 34.87 22.75 -12.69
CA LYS C 73 34.86 23.79 -13.71
C LYS C 73 34.78 23.19 -15.10
N LYS C 74 35.57 22.15 -15.36
CA LYS C 74 35.49 21.50 -16.66
C LYS C 74 34.09 20.96 -16.93
N LEU C 75 33.45 20.39 -15.90
CA LEU C 75 32.10 19.87 -16.04
C LEU C 75 31.14 20.94 -16.59
N GLN C 76 31.19 22.15 -16.02
CA GLN C 76 30.35 23.24 -16.51
C GLN C 76 30.67 23.58 -17.95
N MET C 77 31.96 23.75 -18.26
CA MET C 77 32.37 23.99 -19.63
C MET C 77 31.82 22.92 -20.58
N LEU C 78 31.94 21.64 -20.19
CA LEU C 78 31.47 20.58 -21.09
C LEU C 78 29.97 20.67 -21.31
N HIS C 79 29.22 20.90 -20.23
CA HIS C 79 27.78 21.07 -20.35
C HIS C 79 27.39 22.35 -21.09
N CYS C 80 28.22 23.39 -21.09
CA CYS C 80 27.90 24.55 -21.92
C CYS C 80 28.13 24.34 -23.40
N GLU C 81 28.81 23.28 -23.81
CA GLU C 81 28.97 22.96 -25.22
C GLU C 81 28.03 21.83 -25.63
N GLU C 82 27.96 21.59 -26.93
CA GLU C 82 27.00 20.61 -27.44
C GLU C 82 27.54 19.18 -27.32
N LYS C 83 28.84 19.00 -27.56
CA LYS C 83 29.41 17.67 -27.76
C LYS C 83 29.36 16.83 -26.49
N GLU C 84 29.23 15.51 -26.69
CA GLU C 84 29.21 14.53 -25.62
C GLU C 84 30.55 14.49 -24.90
N LEU C 85 30.55 13.88 -23.72
CA LEU C 85 31.79 13.63 -23.00
C LEU C 85 32.55 12.46 -23.62
N THR C 86 33.87 12.58 -23.65
CA THR C 86 34.71 11.44 -24.01
C THR C 86 34.78 10.46 -22.84
N ALA C 87 35.20 9.23 -23.16
CA ALA C 87 35.35 8.20 -22.13
C ALA C 87 36.31 8.65 -21.04
N ASP C 88 37.36 9.38 -21.40
CA ASP C 88 38.25 9.90 -20.37
C ASP C 88 37.60 11.03 -19.57
N ASP C 89 36.79 11.86 -20.20
CA ASP C 89 36.06 12.87 -19.44
C ASP C 89 35.11 12.19 -18.45
N GLU C 90 34.41 11.15 -18.90
CA GLU C 90 33.47 10.46 -18.04
C GLU C 90 34.17 9.89 -16.82
N LEU C 91 35.27 9.15 -17.05
CA LEU C 91 36.03 8.59 -15.94
C LEU C 91 36.52 9.66 -14.98
N LEU C 92 37.00 10.78 -15.52
CA LEU C 92 37.43 11.89 -14.68
C LEU C 92 36.32 12.33 -13.74
N MET C 93 35.13 12.61 -14.30
CA MET C 93 34.00 13.06 -13.49
C MET C 93 33.58 12.01 -12.47
N ASP C 94 33.57 10.72 -12.86
CA ASP C 94 33.17 9.66 -11.94
C ASP C 94 34.11 9.57 -10.75
N SER C 95 35.41 9.89 -10.95
CA SER C 95 36.37 9.82 -9.85
C SER C 95 36.05 10.84 -8.75
N PHE C 96 35.30 11.90 -9.07
CA PHE C 96 34.90 12.92 -8.09
C PHE C 96 33.42 12.85 -7.77
N SER C 97 32.75 11.77 -8.17
CA SER C 97 31.31 11.58 -7.97
C SER C 97 30.49 12.68 -8.63
N LEU C 98 31.01 13.22 -9.74
CA LEU C 98 30.25 14.21 -10.51
C LEU C 98 29.37 13.46 -11.51
N ASN C 99 28.36 12.80 -10.96
CA ASN C 99 27.46 11.97 -11.76
C ASN C 99 26.21 11.66 -10.94
N TYR C 100 25.28 10.98 -11.60
CA TYR C 100 24.08 10.43 -10.97
C TYR C 100 23.32 11.53 -10.24
N ASP C 101 23.33 11.49 -8.91
CA ASP C 101 22.60 12.48 -8.10
C ASP C 101 23.28 13.83 -8.04
N CYS C 102 24.48 13.97 -8.61
CA CYS C 102 25.18 15.26 -8.65
C CYS C 102 25.56 15.49 -10.11
N PRO C 103 24.56 15.67 -10.97
CA PRO C 103 24.84 15.78 -12.40
C PRO C 103 25.50 17.09 -12.75
N GLY C 104 26.08 17.13 -13.94
CA GLY C 104 26.46 18.40 -14.52
C GLY C 104 25.28 19.12 -15.12
N PHE C 105 25.43 20.43 -15.26
CA PHE C 105 24.49 21.28 -15.98
C PHE C 105 25.22 22.58 -16.32
N PRO C 106 24.66 23.39 -17.24
CA PRO C 106 25.44 24.51 -17.78
C PRO C 106 25.94 25.50 -16.74
N SER C 107 25.31 25.61 -15.57
CA SER C 107 25.78 26.53 -14.54
C SER C 107 26.33 25.82 -13.31
N VAL C 108 26.66 24.53 -13.40
CA VAL C 108 26.94 23.78 -12.17
C VAL C 108 28.07 24.42 -11.37
N PHE C 109 29.09 24.97 -12.05
CA PHE C 109 30.15 25.59 -11.26
C PHE C 109 29.72 26.94 -10.70
N ASP C 110 29.17 27.82 -11.55
CA ASP C 110 28.75 29.14 -11.05
C ASP C 110 27.71 28.99 -9.95
N TYR C 111 26.78 28.04 -10.11
CA TYR C 111 25.77 27.77 -9.11
C TYR C 111 26.38 27.40 -7.77
N SER C 112 27.28 26.40 -7.77
N SER C 112 27.29 26.42 -7.76
CA SER C 112 27.86 25.94 -6.51
CA SER C 112 27.81 25.97 -6.47
C SER C 112 28.74 27.02 -5.88
C SER C 112 28.77 26.99 -5.87
N LEU C 113 29.49 27.74 -6.70
CA LEU C 113 30.36 28.79 -6.18
C LEU C 113 29.57 29.93 -5.56
N ALA C 114 28.39 30.25 -6.13
CA ALA C 114 27.57 31.32 -5.58
C ALA C 114 27.24 31.08 -4.11
N ALA C 115 26.87 29.86 -3.73
CA ALA C 115 26.66 29.58 -2.30
C ALA C 115 27.91 29.91 -1.49
N VAL C 116 29.09 29.55 -2.00
CA VAL C 116 30.33 29.86 -1.30
C VAL C 116 30.52 31.37 -1.19
N GLN C 117 30.22 32.10 -2.26
CA GLN C 117 30.35 33.55 -2.23
C GLN C 117 29.42 34.16 -1.20
N GLY C 118 28.21 33.61 -1.09
CA GLY C 118 27.25 34.16 -0.13
C GLY C 118 27.64 33.87 1.30
N SER C 119 28.03 32.64 1.58
CA SER C 119 28.30 32.28 2.97
C SER C 119 29.62 32.84 3.45
N LEU C 120 30.60 33.01 2.56
CA LEU C 120 31.85 33.66 2.98
C LEU C 120 31.59 35.14 3.29
N ALA C 121 30.78 35.81 2.47
CA ALA C 121 30.45 37.19 2.77
C ALA C 121 29.65 37.30 4.07
N ALA C 122 28.72 36.36 4.29
CA ALA C 122 28.00 36.30 5.55
C ALA C 122 28.98 36.19 6.73
N ALA C 123 29.92 35.26 6.65
CA ALA C 123 30.92 35.12 7.70
C ALA C 123 31.69 36.42 7.89
N SER C 124 32.10 37.07 6.81
CA SER C 124 32.85 38.33 6.96
C SER C 124 32.01 39.42 7.63
N ALA C 125 30.70 39.43 7.39
CA ALA C 125 29.86 40.44 8.01
C ALA C 125 29.72 40.20 9.51
N LEU C 126 29.80 38.94 9.95
CA LEU C 126 29.79 38.66 11.39
C LEU C 126 31.12 39.05 12.01
N ILE C 127 32.22 38.72 11.35
CA ILE C 127 33.54 38.94 11.91
C ILE C 127 33.79 40.43 12.19
N CYS C 128 33.48 41.28 11.22
CA CYS C 128 33.65 42.72 11.38
C CYS C 128 32.51 43.36 12.16
N ARG C 129 31.59 42.55 12.67
CA ARG C 129 30.50 43.01 13.55
C ARG C 129 29.53 43.96 12.85
N HIS C 130 29.45 43.93 11.52
CA HIS C 130 28.40 44.67 10.83
C HIS C 130 27.03 44.09 11.11
N CYS C 131 26.91 42.76 11.17
CA CYS C 131 25.67 42.08 11.47
C CYS C 131 25.85 41.20 12.70
N GLU C 132 24.78 41.11 13.51
CA GLU C 132 24.75 40.18 14.63
C GLU C 132 24.39 38.79 14.17
N VAL C 133 23.50 38.72 13.18
CA VAL C 133 23.09 37.47 12.54
C VAL C 133 23.11 37.74 11.04
N VAL C 134 23.53 36.75 10.26
CA VAL C 134 23.38 36.80 8.82
C VAL C 134 22.66 35.53 8.34
N ILE C 135 21.71 35.72 7.43
CA ILE C 135 20.92 34.64 6.85
C ILE C 135 21.38 34.45 5.41
N ASN C 136 21.63 33.22 5.00
CA ASN C 136 21.86 32.93 3.59
C ASN C 136 20.98 31.76 3.19
N TRP C 137 19.77 32.03 2.65
CA TRP C 137 18.92 30.93 2.19
C TRP C 137 19.42 30.29 0.89
N GLY C 138 20.47 30.83 0.28
CA GLY C 138 21.09 30.13 -0.82
C GLY C 138 22.24 29.20 -0.47
N GLY C 139 22.67 29.15 0.80
CA GLY C 139 23.72 28.25 1.22
C GLY C 139 23.21 27.09 2.06
N GLY C 140 24.15 26.42 2.72
CA GLY C 140 23.85 25.28 3.57
C GLY C 140 24.12 23.91 2.95
N TRP C 141 25.11 23.77 2.07
CA TRP C 141 25.31 22.52 1.32
C TRP C 141 26.30 21.61 2.06
N HIS C 142 25.76 20.88 3.02
CA HIS C 142 26.58 20.22 4.04
C HIS C 142 27.21 18.91 3.59
N HIS C 143 26.78 18.31 2.46
CA HIS C 143 27.31 16.99 2.09
C HIS C 143 28.61 17.04 1.28
N ALA C 144 28.94 18.15 0.64
CA ALA C 144 30.12 18.17 -0.25
C ALA C 144 31.40 17.85 0.53
N LYS C 145 32.29 17.04 -0.06
CA LYS C 145 33.56 16.67 0.56
C LYS C 145 34.72 17.35 -0.16
N ARG C 146 35.92 17.16 0.39
N ARG C 146 35.93 17.20 0.40
CA ARG C 146 37.12 17.79 -0.15
CA ARG C 146 37.14 17.80 -0.17
C ARG C 146 37.29 17.53 -1.66
C ARG C 146 37.28 17.53 -1.67
N SER C 147 37.09 16.28 -2.08
CA SER C 147 37.23 15.94 -3.49
C SER C 147 36.06 15.11 -3.99
N GLU C 148 34.81 15.46 -3.60
CA GLU C 148 33.70 14.59 -4.00
C GLU C 148 32.38 15.34 -3.82
N ALA C 149 31.59 15.45 -4.88
CA ALA C 149 30.23 15.98 -4.72
C ALA C 149 29.38 14.92 -4.04
N SER C 150 28.33 15.34 -3.36
CA SER C 150 27.48 14.36 -2.71
C SER C 150 26.12 14.99 -2.41
N GLY C 151 25.04 14.28 -2.75
CA GLY C 151 23.72 14.78 -2.33
C GLY C 151 23.33 16.12 -2.90
N PHE C 152 23.69 16.38 -4.15
CA PHE C 152 23.51 17.66 -4.84
C PHE C 152 24.26 18.81 -4.19
N CYS C 153 25.26 18.49 -3.39
CA CYS C 153 26.19 19.44 -2.82
C CYS C 153 27.51 19.32 -3.57
N TYR C 154 27.94 20.41 -4.21
CA TYR C 154 29.14 20.37 -5.04
C TYR C 154 30.31 21.08 -4.39
N LEU C 155 30.05 22.19 -3.70
CA LEU C 155 31.06 22.91 -2.93
C LEU C 155 30.47 23.15 -1.55
N ASN C 156 31.29 22.95 -0.53
CA ASN C 156 30.79 23.04 0.84
C ASN C 156 30.98 24.46 1.37
N ASP C 157 29.96 25.30 1.12
CA ASP C 157 29.99 26.69 1.59
C ASP C 157 30.03 26.77 3.11
N ILE C 158 29.48 25.77 3.80
CA ILE C 158 29.48 25.80 5.26
C ILE C 158 30.89 25.65 5.80
N VAL C 159 31.62 24.63 5.31
CA VAL C 159 32.98 24.43 5.76
C VAL C 159 33.84 25.66 5.50
N LEU C 160 33.69 26.25 4.31
CA LEU C 160 34.49 27.44 3.99
C LEU C 160 34.13 28.62 4.89
N ALA C 161 32.83 28.82 5.15
CA ALA C 161 32.42 29.89 6.04
C ALA C 161 32.87 29.64 7.48
N ILE C 162 32.82 28.39 7.95
CA ILE C 162 33.29 28.09 9.29
C ILE C 162 34.78 28.33 9.37
N HIS C 163 35.52 27.94 8.33
CA HIS C 163 36.96 28.15 8.33
C HIS C 163 37.29 29.62 8.43
N ARG C 164 36.54 30.48 7.72
CA ARG C 164 36.78 31.91 7.84
C ARG C 164 36.53 32.40 9.27
N LEU C 165 35.45 31.94 9.89
CA LEU C 165 35.10 32.36 11.25
C LEU C 165 36.12 31.87 12.28
N VAL C 166 36.48 30.58 12.23
CA VAL C 166 37.40 30.07 13.27
C VAL C 166 38.79 30.65 13.10
N SER C 167 39.16 31.05 11.89
CA SER C 167 40.46 31.64 11.62
CA SER C 167 40.47 31.64 11.66
C SER C 167 40.50 33.14 11.90
N SER C 168 39.39 33.74 12.30
CA SER C 168 39.36 35.16 12.60
C SER C 168 39.88 35.44 14.01
N THR C 169 40.32 36.67 14.22
CA THR C 169 40.97 37.06 15.47
C THR C 169 40.11 37.98 16.32
N GLN C 178 41.38 30.17 20.81
CA GLN C 178 40.34 30.56 21.76
C GLN C 178 39.00 30.75 21.04
N THR C 179 39.05 31.17 19.77
CA THR C 179 37.84 31.22 18.94
C THR C 179 37.31 29.80 18.69
N ARG C 180 36.09 29.55 19.15
CA ARG C 180 35.38 28.31 18.90
C ARG C 180 34.11 28.59 18.11
N VAL C 181 33.75 27.65 17.22
CA VAL C 181 32.51 27.72 16.45
C VAL C 181 31.67 26.49 16.81
N LEU C 182 30.40 26.72 17.13
CA LEU C 182 29.41 25.63 17.25
C LEU C 182 28.60 25.58 15.97
N TYR C 183 28.60 24.43 15.31
CA TYR C 183 27.82 24.19 14.11
C TYR C 183 26.65 23.31 14.48
N VAL C 184 25.45 23.78 14.16
CA VAL C 184 24.18 23.10 14.48
C VAL C 184 23.50 22.75 13.15
N ASP C 185 23.26 21.45 12.90
CA ASP C 185 22.72 20.97 11.63
C ASP C 185 21.30 20.44 11.89
N LEU C 186 20.27 21.23 11.51
CA LEU C 186 18.89 20.83 11.74
C LEU C 186 18.26 20.09 10.56
N ASP C 187 18.97 19.91 9.47
CA ASP C 187 18.48 19.23 8.29
C ASP C 187 18.01 17.81 8.64
N LEU C 188 17.02 17.32 7.89
CA LEU C 188 16.63 15.90 7.98
C LEU C 188 17.81 14.94 7.85
N HIS C 189 18.81 15.30 7.05
CA HIS C 189 19.94 14.39 6.82
C HIS C 189 21.13 14.73 7.71
N HIS C 190 21.97 13.71 7.97
CA HIS C 190 23.21 13.92 8.71
C HIS C 190 24.16 14.84 7.96
N GLY C 191 24.67 15.84 8.65
CA GLY C 191 25.59 16.79 8.03
C GLY C 191 27.01 16.24 7.92
N ASP C 192 27.19 15.26 7.06
CA ASP C 192 28.42 14.46 7.08
C ASP C 192 29.63 15.24 6.57
N GLY C 193 29.45 16.08 5.53
CA GLY C 193 30.58 16.78 4.98
C GLY C 193 31.22 17.74 5.97
N VAL C 194 30.39 18.50 6.70
CA VAL C 194 30.91 19.43 7.71
C VAL C 194 31.58 18.65 8.82
N GLU C 195 30.93 17.57 9.27
CA GLU C 195 31.50 16.80 10.37
C GLU C 195 32.85 16.20 9.97
N GLU C 196 32.95 15.70 8.73
CA GLU C 196 34.20 15.10 8.31
C GLU C 196 35.29 16.15 8.22
N ALA C 197 34.94 17.33 7.70
CA ALA C 197 35.93 18.39 7.53
C ALA C 197 36.59 18.77 8.84
N PHE C 198 35.85 18.71 9.95
CA PHE C 198 36.36 19.14 11.25
C PHE C 198 36.52 17.98 12.23
N TRP C 199 36.59 16.76 11.71
CA TRP C 199 36.67 15.57 12.55
C TRP C 199 37.83 15.63 13.53
N TYR C 200 38.93 16.28 13.14
CA TYR C 200 40.12 16.39 13.98
C TYR C 200 40.31 17.76 14.59
N SER C 201 39.29 18.62 14.57
CA SER C 201 39.44 20.00 15.01
C SER C 201 38.57 20.26 16.24
N PRO C 202 39.16 20.49 17.43
CA PRO C 202 38.32 20.71 18.61
C PRO C 202 37.65 22.07 18.63
N ARG C 203 38.13 23.00 17.82
CA ARG C 203 37.61 24.36 17.90
C ARG C 203 36.37 24.56 17.05
N VAL C 204 35.97 23.54 16.30
CA VAL C 204 34.71 23.51 15.57
C VAL C 204 33.95 22.31 16.10
N VAL C 205 32.99 22.55 17.00
CA VAL C 205 32.14 21.47 17.48
C VAL C 205 30.95 21.35 16.53
N THR C 206 30.71 20.13 16.02
CA THR C 206 29.60 19.90 15.11
C THR C 206 28.53 19.11 15.85
N PHE C 207 27.27 19.47 15.61
CA PHE C 207 26.12 18.79 16.22
C PHE C 207 25.05 18.67 15.15
N SER C 208 24.73 17.44 14.77
CA SER C 208 23.70 17.19 13.78
C SER C 208 22.59 16.38 14.44
N VAL C 209 21.35 16.81 14.26
CA VAL C 209 20.18 16.04 14.59
C VAL C 209 19.55 15.62 13.26
N HIS C 210 19.16 14.35 13.14
CA HIS C 210 18.76 13.90 11.81
C HIS C 210 18.05 12.57 11.94
N HIS C 211 17.38 12.18 10.87
CA HIS C 211 16.91 10.80 10.78
C HIS C 211 18.07 9.90 10.36
N ALA C 212 18.13 8.70 10.92
CA ALA C 212 19.05 7.69 10.40
C ALA C 212 18.40 6.33 10.47
N SER C 213 18.61 5.52 9.43
CA SER C 213 18.02 4.19 9.35
C SER C 213 18.69 3.46 8.18
N PRO C 214 18.54 2.14 8.10
CA PRO C 214 19.36 1.40 7.13
C PRO C 214 18.97 1.78 5.71
N GLY C 215 19.98 2.12 4.91
CA GLY C 215 19.74 2.55 3.55
C GLY C 215 19.44 4.02 3.38
N PHE C 216 19.26 4.78 4.46
CA PHE C 216 18.83 6.16 4.35
C PHE C 216 20.06 7.03 4.14
N PHE C 217 20.02 7.89 3.12
CA PHE C 217 21.15 8.82 2.86
C PHE C 217 21.49 9.75 4.06
N PRO C 218 22.78 9.99 4.36
CA PRO C 218 23.99 9.49 3.68
C PRO C 218 24.56 8.26 4.39
N GLY C 219 23.89 7.86 5.48
CA GLY C 219 24.19 6.62 6.17
C GLY C 219 25.00 6.76 7.45
N THR C 220 25.53 7.96 7.73
CA THR C 220 26.39 8.18 8.88
C THR C 220 25.61 8.90 9.98
N GLY C 221 26.34 9.29 11.04
CA GLY C 221 25.73 9.99 12.15
C GLY C 221 24.91 9.08 13.04
N THR C 222 25.25 7.80 13.11
CA THR C 222 24.50 6.85 13.93
C THR C 222 25.47 5.78 14.43
N TRP C 223 24.92 4.74 15.06
CA TRP C 223 25.78 3.73 15.66
C TRP C 223 26.71 3.12 14.62
N ASN C 224 27.94 2.84 15.06
CA ASN C 224 28.94 2.12 14.28
C ASN C 224 29.04 0.72 14.86
N MET C 225 28.83 -0.29 14.02
CA MET C 225 28.61 -1.65 14.49
C MET C 225 29.31 -2.71 13.63
N LYS C 230 31.09 -7.16 20.52
CA LYS C 230 30.94 -5.94 21.30
C LYS C 230 29.72 -5.10 20.89
N LEU C 231 29.21 -4.32 21.83
CA LEU C 231 28.11 -3.42 21.54
C LEU C 231 28.53 -2.34 20.54
N PRO C 232 27.61 -1.87 19.71
CA PRO C 232 27.95 -0.78 18.79
C PRO C 232 28.25 0.51 19.54
N ILE C 233 29.05 1.36 18.90
CA ILE C 233 29.45 2.61 19.51
C ILE C 233 29.24 3.75 18.53
N PHE C 234 29.20 4.96 19.07
CA PHE C 234 29.23 6.20 18.31
C PHE C 234 30.65 6.71 18.19
N LEU C 235 31.11 6.92 16.97
CA LEU C 235 32.32 7.69 16.76
C LEU C 235 31.97 9.16 16.92
N ASN C 236 32.94 9.94 17.44
CA ASN C 236 32.65 11.32 17.80
C ASN C 236 33.85 12.24 17.55
N GLY C 237 34.68 11.93 16.57
CA GLY C 237 35.90 12.66 16.28
C GLY C 237 37.12 11.83 16.64
N ALA C 238 38.27 12.32 16.22
CA ALA C 238 39.51 11.60 16.44
C ALA C 238 40.65 12.59 16.69
N GLY C 239 41.77 12.07 17.18
CA GLY C 239 42.94 12.90 17.45
C GLY C 239 42.60 14.04 18.38
N ARG C 240 43.07 15.24 18.06
CA ARG C 240 42.70 16.40 18.87
C ARG C 240 41.19 16.68 18.84
N GLY C 241 40.48 16.12 17.87
CA GLY C 241 39.06 16.43 17.74
C GLY C 241 38.17 15.39 18.37
N ARG C 242 38.75 14.55 19.23
CA ARG C 242 37.95 13.52 19.89
C ARG C 242 36.87 14.18 20.75
N PHE C 243 35.68 13.59 20.72
CA PHE C 243 34.51 14.06 21.46
C PHE C 243 33.91 15.34 20.89
N SER C 244 34.38 15.85 19.74
CA SER C 244 33.95 17.16 19.25
C SER C 244 32.91 17.09 18.14
N ALA C 245 32.45 15.90 17.76
CA ALA C 245 31.44 15.73 16.72
C ALA C 245 30.27 15.01 17.37
N PHE C 246 29.14 15.70 17.47
CA PHE C 246 27.96 15.21 18.16
C PHE C 246 26.88 14.84 17.17
N ASN C 247 26.12 13.79 17.51
CA ASN C 247 25.11 13.27 16.62
C ASN C 247 23.93 12.79 17.43
N LEU C 248 22.72 13.15 16.96
CA LEU C 248 21.48 12.67 17.54
C LEU C 248 20.62 12.13 16.40
N PRO C 249 20.74 10.83 16.10
CA PRO C 249 19.83 10.21 15.13
C PRO C 249 18.46 9.92 15.75
N LEU C 250 17.40 10.22 15.00
CA LEU C 250 16.05 10.01 15.50
C LEU C 250 15.24 9.12 14.55
N GLU C 251 14.28 8.39 15.12
CA GLU C 251 13.37 7.55 14.34
C GLU C 251 12.36 8.41 13.58
N GLU C 252 11.75 7.82 12.55
CA GLU C 252 10.82 8.62 11.77
C GLU C 252 9.57 8.96 12.58
N GLY C 253 8.88 10.03 12.17
CA GLY C 253 7.59 10.41 12.72
C GLY C 253 7.62 11.47 13.82
N ILE C 254 8.78 12.03 14.14
CA ILE C 254 8.88 12.90 15.31
C ILE C 254 8.18 14.23 15.03
N ASN C 255 7.47 14.77 16.04
CA ASN C 255 6.69 15.99 15.91
C ASN C 255 7.45 17.20 16.50
N ASP C 256 6.82 18.38 16.43
CA ASP C 256 7.48 19.61 16.87
C ASP C 256 7.95 19.50 18.31
N LEU C 257 7.06 19.06 19.21
CA LEU C 257 7.36 19.11 20.65
C LEU C 257 8.43 18.10 21.04
N ASP C 258 8.36 16.89 20.50
CA ASP C 258 9.36 15.89 20.86
C ASP C 258 10.72 16.25 20.28
N TRP C 259 10.74 16.80 19.07
CA TRP C 259 12.01 17.21 18.47
C TRP C 259 12.60 18.38 19.24
N SER C 260 11.73 19.31 19.67
CA SER C 260 12.13 20.46 20.47
C SER C 260 12.68 20.04 21.83
N ASN C 261 11.95 19.19 22.52
CA ASN C 261 12.44 18.63 23.77
C ASN C 261 13.71 17.79 23.57
N ALA C 262 13.92 17.23 22.38
CA ALA C 262 15.10 16.39 22.17
C ALA C 262 16.37 17.22 22.02
N ILE C 263 16.33 18.36 21.30
CA ILE C 263 17.56 19.11 21.06
C ILE C 263 17.72 20.35 21.93
N GLY C 264 16.65 20.85 22.54
CA GLY C 264 16.71 22.00 23.41
C GLY C 264 17.79 21.96 24.48
N PRO C 265 17.77 20.95 25.35
CA PRO C 265 18.78 20.90 26.43
C PRO C 265 20.19 20.60 25.94
N ILE C 266 20.31 19.81 24.86
CA ILE C 266 21.62 19.57 24.28
C ILE C 266 22.21 20.86 23.73
N LEU C 267 21.40 21.61 22.98
CA LEU C 267 21.88 22.89 22.46
C LEU C 267 22.32 23.81 23.60
N ASP C 268 21.45 23.97 24.62
CA ASP C 268 21.78 24.81 25.76
C ASP C 268 23.06 24.32 26.44
N SER C 269 23.21 23.01 26.60
CA SER C 269 24.40 22.52 27.27
C SER C 269 25.64 22.74 26.40
N LEU C 270 25.53 22.56 25.08
CA LEU C 270 26.66 22.85 24.20
C LEU C 270 27.09 24.31 24.34
N ASN C 271 26.11 25.23 24.39
CA ASN C 271 26.48 26.63 24.56
C ASN C 271 27.18 26.85 25.90
N ILE C 272 26.65 26.27 26.98
CA ILE C 272 27.25 26.48 28.30
C ILE C 272 28.70 26.00 28.30
N VAL C 273 28.94 24.79 27.77
CA VAL C 273 30.26 24.20 27.96
C VAL C 273 31.24 24.71 26.91
N ILE C 274 30.82 24.81 25.66
CA ILE C 274 31.75 25.20 24.61
C ILE C 274 31.95 26.71 24.59
N GLN C 275 30.95 27.48 25.02
CA GLN C 275 31.02 28.94 24.94
C GLN C 275 31.51 29.40 23.59
N PRO C 276 30.81 29.07 22.49
CA PRO C 276 31.29 29.41 21.15
C PRO C 276 31.35 30.92 20.95
N SER C 277 32.30 31.36 20.13
CA SER C 277 32.36 32.72 19.60
C SER C 277 31.43 32.96 18.43
N TYR C 278 31.07 31.90 17.69
CA TYR C 278 30.12 31.98 16.59
C TYR C 278 29.26 30.74 16.61
N VAL C 279 28.02 30.86 16.11
CA VAL C 279 27.16 29.71 15.87
C VAL C 279 26.81 29.70 14.39
N VAL C 280 26.93 28.53 13.76
CA VAL C 280 26.49 28.35 12.38
C VAL C 280 25.38 27.30 12.39
N VAL C 281 24.22 27.68 11.88
CA VAL C 281 23.03 26.82 11.91
C VAL C 281 22.65 26.52 10.48
N GLN C 282 22.61 25.23 10.13
CA GLN C 282 22.01 24.78 8.89
C GLN C 282 20.55 24.46 9.19
N CYS C 283 19.63 25.07 8.44
CA CYS C 283 18.19 25.01 8.75
CA CYS C 283 18.19 25.03 8.73
C CYS C 283 17.41 24.35 7.62
N GLY C 284 17.96 23.25 7.06
CA GLY C 284 17.31 22.53 5.98
C GLY C 284 15.86 22.19 6.35
N ALA C 285 14.92 22.44 5.42
CA ALA C 285 13.51 22.39 5.75
C ALA C 285 12.89 21.03 5.46
N ASP C 286 13.69 20.01 5.17
CA ASP C 286 13.09 18.73 4.80
C ASP C 286 12.59 17.92 6.02
N CYS C 287 12.64 18.47 7.23
CA CYS C 287 11.94 17.84 8.34
C CYS C 287 10.48 18.22 8.38
N LEU C 288 10.03 19.18 7.56
CA LEU C 288 8.63 19.55 7.57
C LEU C 288 7.77 18.33 7.23
N ALA C 289 6.63 18.22 7.91
CA ALA C 289 5.69 17.11 7.69
C ALA C 289 5.26 17.02 6.24
N THR C 290 5.27 18.14 5.52
CA THR C 290 4.81 18.15 4.14
C THR C 290 5.95 18.01 3.14
N ASP C 291 7.18 17.83 3.59
CA ASP C 291 8.28 17.56 2.66
C ASP C 291 8.06 16.20 1.98
N PRO C 292 8.38 16.06 0.69
CA PRO C 292 8.19 14.75 0.04
C PRO C 292 8.95 13.62 0.70
N HIS C 293 10.03 13.89 1.47
CA HIS C 293 10.66 12.80 2.21
C HIS C 293 9.65 12.13 3.14
N ARG C 294 8.76 12.92 3.75
CA ARG C 294 7.70 12.38 4.61
C ARG C 294 8.28 11.54 5.74
N ILE C 295 9.30 12.05 6.41
CA ILE C 295 9.93 11.32 7.51
C ILE C 295 9.62 11.93 8.87
N PHE C 296 9.99 13.19 9.09
CA PHE C 296 9.62 13.85 10.33
C PHE C 296 8.31 14.61 10.16
N ARG C 297 7.75 15.08 11.28
CA ARG C 297 6.48 15.77 11.21
C ARG C 297 6.57 17.17 11.82
N LEU C 298 7.62 17.91 11.47
CA LEU C 298 7.75 19.29 11.94
C LEU C 298 6.83 20.21 11.16
N THR C 299 6.56 21.40 11.73
CA THR C 299 5.74 22.40 11.04
C THR C 299 6.45 23.74 11.06
N ASN C 300 5.77 24.76 10.53
CA ASN C 300 6.20 26.14 10.71
C ASN C 300 5.23 26.90 11.61
N PHE C 301 4.45 26.20 12.47
CA PHE C 301 3.41 26.89 13.22
C PHE C 301 4.01 27.82 14.25
N TYR C 302 3.30 28.92 14.52
CA TYR C 302 3.78 29.90 15.48
C TYR C 302 2.55 30.35 16.27
N PRO C 303 2.26 29.71 17.40
CA PRO C 303 1.08 30.01 18.24
C PRO C 303 1.12 31.38 18.91
N SER C 316 1.27 24.70 20.06
CA SER C 316 2.56 24.01 19.93
C SER C 316 3.48 24.68 18.88
N LEU C 317 4.69 24.99 19.31
CA LEU C 317 5.62 25.76 18.51
C LEU C 317 6.34 24.88 17.48
N SER C 318 6.50 25.41 16.26
CA SER C 318 7.38 24.81 15.26
C SER C 318 8.74 24.44 15.86
N GLY C 319 9.14 23.18 15.73
CA GLY C 319 10.43 22.79 16.27
C GLY C 319 11.58 23.65 15.75
N TYR C 320 11.54 23.99 14.47
CA TYR C 320 12.53 24.90 13.88
C TYR C 320 12.55 26.26 14.58
N LEU C 321 11.36 26.86 14.77
CA LEU C 321 11.36 28.18 15.38
C LEU C 321 11.81 28.09 16.82
N TYR C 322 11.44 27.02 17.51
CA TYR C 322 11.89 26.84 18.89
C TYR C 322 13.41 26.81 18.98
N ALA C 323 14.04 26.00 18.13
CA ALA C 323 15.49 25.88 18.16
C ALA C 323 16.16 27.19 17.76
N ILE C 324 15.68 27.84 16.70
CA ILE C 324 16.28 29.09 16.27
C ILE C 324 16.15 30.14 17.38
N LYS C 325 14.96 30.26 17.97
CA LYS C 325 14.81 31.21 19.06
C LYS C 325 15.77 30.90 20.21
N LYS C 326 15.93 29.61 20.54
CA LYS C 326 16.87 29.26 21.62
C LYS C 326 18.30 29.66 21.25
N ILE C 327 18.73 29.36 20.02
CA ILE C 327 20.10 29.69 19.65
C ILE C 327 20.33 31.20 19.70
N LEU C 328 19.35 31.97 19.22
CA LEU C 328 19.49 33.43 19.19
C LEU C 328 19.45 34.03 20.59
N SER C 329 18.79 33.35 21.54
CA SER C 329 18.75 33.84 22.91
C SER C 329 20.13 33.87 23.56
N TRP C 330 21.09 33.10 23.03
CA TRP C 330 22.46 33.11 23.53
C TRP C 330 23.21 34.39 23.22
N LYS C 331 22.74 35.18 22.23
CA LYS C 331 23.41 36.43 21.87
C LYS C 331 24.84 36.22 21.39
N VAL C 332 25.06 35.13 20.67
CA VAL C 332 26.34 34.83 20.02
C VAL C 332 26.18 35.10 18.53
N PRO C 333 27.12 35.80 17.88
CA PRO C 333 27.01 36.03 16.43
C PRO C 333 26.76 34.73 15.65
N THR C 334 25.76 34.76 14.77
CA THR C 334 25.18 33.54 14.23
C THR C 334 25.00 33.63 12.71
N LEU C 335 25.37 32.57 12.01
CA LEU C 335 25.02 32.40 10.61
C LEU C 335 23.84 31.45 10.55
N ILE C 336 22.82 31.79 9.76
CA ILE C 336 21.67 30.92 9.51
C ILE C 336 21.70 30.58 8.03
N LEU C 337 21.82 29.28 7.73
CA LEU C 337 21.94 28.79 6.36
C LEU C 337 20.73 27.93 6.03
N GLY C 338 20.47 27.79 4.71
CA GLY C 338 19.40 26.94 4.22
C GLY C 338 19.86 25.50 4.14
N GLY C 339 19.51 24.82 3.06
CA GLY C 339 19.85 23.40 2.94
C GLY C 339 18.74 22.67 2.20
N GLY C 340 18.43 21.46 2.67
CA GLY C 340 17.35 20.71 2.03
C GLY C 340 16.00 21.41 2.20
N GLY C 341 15.02 20.88 1.49
CA GLY C 341 13.66 21.39 1.49
C GLY C 341 13.10 21.28 0.09
N TYR C 342 12.27 20.26 -0.16
CA TYR C 342 11.85 19.88 -1.50
C TYR C 342 10.38 20.13 -1.77
N ASN C 343 9.64 20.63 -0.77
CA ASN C 343 8.35 21.24 -1.01
C ASN C 343 8.66 22.74 -1.03
N PHE C 344 8.74 23.36 -2.22
CA PHE C 344 9.30 24.72 -2.27
C PHE C 344 8.41 25.74 -1.59
N PRO C 345 7.09 25.78 -1.82
CA PRO C 345 6.27 26.76 -1.09
C PRO C 345 6.32 26.53 0.41
N ASP C 346 6.35 25.28 0.87
CA ASP C 346 6.38 25.09 2.32
C ASP C 346 7.74 25.45 2.89
N THR C 347 8.80 25.24 2.11
CA THR C 347 10.12 25.69 2.54
C THR C 347 10.15 27.21 2.64
N ALA C 348 9.59 27.91 1.66
CA ALA C 348 9.51 29.37 1.77
C ALA C 348 8.68 29.79 2.97
N ARG C 349 7.56 29.10 3.24
CA ARG C 349 6.72 29.41 4.39
C ARG C 349 7.49 29.28 5.72
N LEU C 350 8.28 28.23 5.87
CA LEU C 350 9.10 28.08 7.08
C LEU C 350 10.18 29.15 7.17
N TRP C 351 10.94 29.33 6.08
CA TRP C 351 12.11 30.21 6.18
C TRP C 351 11.70 31.65 6.30
N THR C 352 10.51 32.00 5.80
CA THR C 352 9.96 33.34 6.01
C THR C 352 9.69 33.56 7.49
N ARG C 353 9.11 32.56 8.17
CA ARG C 353 8.91 32.69 9.61
C ARG C 353 10.23 32.72 10.35
N VAL C 354 11.22 31.91 9.93
CA VAL C 354 12.53 31.94 10.59
C VAL C 354 13.12 33.34 10.47
N THR C 355 13.00 33.94 9.30
CA THR C 355 13.51 35.29 9.09
C THR C 355 12.81 36.29 10.00
N ALA C 356 11.49 36.25 10.05
CA ALA C 356 10.77 37.17 10.92
C ALA C 356 11.14 36.98 12.38
N LEU C 357 11.31 35.72 12.78
CA LEU C 357 11.68 35.44 14.18
C LEU C 357 13.06 36.00 14.50
N THR C 358 13.99 35.87 13.56
CA THR C 358 15.33 36.42 13.74
C THR C 358 15.30 37.93 13.91
N ILE C 359 14.51 38.61 13.07
CA ILE C 359 14.34 40.05 13.25
C ILE C 359 13.84 40.36 14.65
N GLU C 360 12.79 39.65 15.10
CA GLU C 360 12.21 39.93 16.42
C GLU C 360 13.20 39.73 17.54
N GLU C 361 13.93 38.60 17.54
CA GLU C 361 14.81 38.29 18.67
C GLU C 361 16.01 39.23 18.69
N VAL C 362 16.52 39.61 17.53
CA VAL C 362 17.74 40.40 17.49
C VAL C 362 17.42 41.88 17.67
N LYS C 363 16.40 42.36 17.01
CA LYS C 363 16.13 43.79 17.10
C LYS C 363 15.18 44.13 18.24
N GLY C 364 14.49 43.14 18.81
CA GLY C 364 13.45 43.41 19.79
C GLY C 364 12.23 44.06 19.19
N LYS C 365 11.87 43.72 17.96
CA LYS C 365 10.90 44.46 17.18
C LYS C 365 9.85 43.48 16.69
N LYS C 366 8.59 43.70 17.08
CA LYS C 366 7.54 42.72 16.75
C LYS C 366 7.35 42.64 15.24
N MET C 367 7.29 41.41 14.74
CA MET C 367 7.10 41.13 13.32
C MET C 367 5.82 40.32 13.19
N THR C 368 4.72 40.98 12.83
CA THR C 368 3.44 40.31 12.75
C THR C 368 3.20 39.91 11.31
N ILE C 369 2.96 38.62 11.10
CA ILE C 369 2.86 38.06 9.76
C ILE C 369 1.41 37.67 9.56
N SER C 370 0.76 38.24 8.56
CA SER C 370 -0.61 37.87 8.29
C SER C 370 -0.68 36.39 7.93
N PRO C 371 -1.70 35.68 8.43
CA PRO C 371 -1.91 34.29 7.99
C PRO C 371 -2.21 34.13 6.51
N GLU C 372 -2.68 35.16 5.83
CA GLU C 372 -2.90 35.11 4.39
C GLU C 372 -1.60 35.48 3.67
N ILE C 373 -1.18 34.64 2.72
CA ILE C 373 -0.04 34.99 1.87
C ILE C 373 -0.32 36.32 1.15
N PRO C 374 0.63 37.25 1.15
CA PRO C 374 0.39 38.54 0.49
C PRO C 374 0.51 38.42 -1.02
N GLU C 375 -0.17 39.34 -1.70
CA GLU C 375 0.00 39.49 -3.14
C GLU C 375 1.47 39.58 -3.55
N HIS C 376 1.85 38.79 -4.54
CA HIS C 376 3.17 38.86 -5.14
C HIS C 376 3.20 37.85 -6.27
N SER C 377 4.25 37.91 -7.08
CA SER C 377 4.14 37.23 -8.36
C SER C 377 4.21 35.71 -8.24
N TYR C 378 4.61 35.17 -7.09
CA TYR C 378 4.53 33.73 -6.85
C TYR C 378 3.30 33.35 -6.00
N PHE C 379 2.30 34.25 -5.89
CA PHE C 379 1.16 33.97 -5.01
C PHE C 379 0.50 32.65 -5.38
N SER C 380 0.32 32.38 -6.68
CA SER C 380 -0.36 31.15 -7.13
C SER C 380 0.33 29.87 -6.67
N ARG C 381 1.58 29.93 -6.19
CA ARG C 381 2.25 28.70 -5.76
C ARG C 381 1.83 28.25 -4.37
N TYR C 382 1.08 29.08 -3.64
CA TYR C 382 0.70 28.78 -2.25
C TYR C 382 -0.70 28.19 -2.17
N GLY C 383 -1.25 27.73 -3.28
CA GLY C 383 -2.59 27.17 -3.26
C GLY C 383 -2.58 25.78 -2.65
N PRO C 384 -3.77 25.23 -2.38
CA PRO C 384 -5.08 25.84 -2.63
C PRO C 384 -5.58 26.75 -1.52
N ASP C 385 -4.85 26.87 -0.41
CA ASP C 385 -5.28 27.66 0.73
C ASP C 385 -4.75 29.08 0.73
N PHE C 386 -3.54 29.29 0.21
CA PHE C 386 -2.90 30.62 0.21
C PHE C 386 -2.70 31.15 1.63
N GLU C 387 -2.32 30.28 2.54
CA GLU C 387 -2.09 30.62 3.93
C GLU C 387 -0.66 30.31 4.31
N LEU C 388 -0.20 30.97 5.36
CA LEU C 388 1.20 30.88 5.76
C LEU C 388 1.52 29.57 6.50
N ASP C 389 0.63 29.12 7.36
CA ASP C 389 0.81 27.82 8.02
C ASP C 389 0.82 26.72 6.96
N ILE C 390 1.75 25.77 7.08
CA ILE C 390 1.69 24.62 6.17
C ILE C 390 0.38 23.85 6.39
N ASP C 391 -0.01 23.11 5.36
CA ASP C 391 -1.29 22.43 5.27
C ASP C 391 -1.13 21.01 5.82
N TYR C 392 -0.96 20.96 7.13
CA TYR C 392 -0.74 19.71 7.88
C TYR C 392 -1.52 19.78 9.18
N PHE C 393 -2.10 18.66 9.58
CA PHE C 393 -2.86 18.56 10.83
C PHE C 393 -2.17 17.64 11.82
N PRO C 394 -1.44 18.17 12.80
CA PRO C 394 -0.71 17.32 13.75
C PRO C 394 -1.65 16.46 14.57
N HIS C 395 -1.26 15.20 14.76
CA HIS C 395 -2.12 14.22 15.41
C HIS C 395 -1.26 13.16 16.06
N GLU C 396 -1.75 12.61 17.17
CA GLU C 396 -1.03 11.59 17.92
C GLU C 396 -1.99 10.45 18.27
N THR C 401 5.96 6.84 25.41
CA THR C 401 6.67 6.26 26.55
C THR C 401 7.97 5.56 26.15
N LEU C 402 7.84 4.59 25.22
CA LEU C 402 8.97 3.80 24.77
C LEU C 402 9.85 4.52 23.76
N ASP C 403 9.35 5.57 23.12
CA ASP C 403 10.09 6.28 22.09
C ASP C 403 11.05 7.34 22.64
N SER C 404 11.34 7.33 23.95
CA SER C 404 12.13 8.40 24.50
C SER C 404 13.61 8.20 24.15
N ILE C 405 14.39 9.25 24.34
CA ILE C 405 15.80 9.16 23.99
C ILE C 405 16.70 9.62 25.14
N GLN C 406 16.31 9.30 26.38
CA GLN C 406 17.08 9.75 27.55
C GLN C 406 18.48 9.13 27.60
N LYS C 407 18.65 7.90 27.11
CA LYS C 407 20.02 7.38 27.05
C LYS C 407 20.89 8.11 26.04
N HIS C 408 20.30 8.69 24.97
CA HIS C 408 21.06 9.58 24.10
C HIS C 408 21.49 10.84 24.84
N HIS C 409 20.58 11.44 25.62
CA HIS C 409 20.97 12.62 26.40
C HIS C 409 22.14 12.29 27.33
N ARG C 410 22.06 11.15 28.01
CA ARG C 410 23.14 10.73 28.89
C ARG C 410 24.43 10.51 28.12
N ARG C 411 24.34 9.84 26.96
CA ARG C 411 25.51 9.61 26.13
C ARG C 411 26.09 10.92 25.62
N ILE C 412 25.22 11.84 25.18
CA ILE C 412 25.72 13.10 24.63
C ILE C 412 26.36 13.96 25.72
N LEU C 413 25.76 14.01 26.90
CA LEU C 413 26.36 14.78 28.00
C LEU C 413 27.67 14.17 28.47
N GLU C 414 27.78 12.83 28.45
CA GLU C 414 29.07 12.21 28.75
C GLU C 414 30.12 12.61 27.73
N GLN C 415 29.76 12.65 26.44
CA GLN C 415 30.70 13.11 25.43
C GLN C 415 31.10 14.56 25.67
N LEU C 416 30.13 15.41 26.05
CA LEU C 416 30.45 16.81 26.31
C LEU C 416 31.40 16.93 27.50
N ARG C 417 31.24 16.07 28.51
CA ARG C 417 32.14 16.10 29.66
C ARG C 417 33.53 15.61 29.26
N ASN C 418 33.61 14.59 28.41
CA ASN C 418 34.89 14.14 27.86
C ASN C 418 35.52 15.22 26.98
N TYR C 419 34.71 15.93 26.19
CA TYR C 419 35.24 17.03 25.37
C TYR C 419 35.86 18.12 26.23
N ALA C 420 35.12 18.60 27.24
CA ALA C 420 35.62 19.65 28.12
C ALA C 420 36.92 19.24 28.81
N ASP C 421 37.00 17.99 29.27
CA ASP C 421 38.19 17.55 29.98
C ASP C 421 39.40 17.52 29.06
N LEU C 422 39.26 16.89 27.89
CA LEU C 422 40.36 16.81 26.94
C LEU C 422 40.89 18.19 26.56
N ASN C 423 40.02 19.19 26.46
CA ASN C 423 40.40 20.50 25.97
C ASN C 423 40.56 21.51 27.09
N LYS C 424 40.58 21.04 28.34
CA LYS C 424 40.84 21.89 29.52
C LYS C 424 39.85 23.04 29.64
N LEU C 425 38.58 22.75 29.34
CA LEU C 425 37.50 23.72 29.49
C LEU C 425 36.79 23.51 30.82
N ILE C 426 36.25 24.59 31.35
CA ILE C 426 35.44 24.46 32.55
C ILE C 426 34.16 23.72 32.19
N TYR C 427 33.82 22.71 32.99
CA TYR C 427 32.56 21.98 32.87
C TYR C 427 31.71 22.36 34.07
N ASP C 428 30.79 23.30 33.86
CA ASP C 428 29.91 23.81 34.93
C ASP C 428 28.79 22.81 35.17
N TYR C 429 29.10 21.78 35.97
CA TYR C 429 28.11 20.73 36.25
C TYR C 429 26.81 21.30 36.79
N ASP C 430 26.87 22.34 37.63
CA ASP C 430 25.64 22.78 38.28
C ASP C 430 24.71 23.48 37.30
N GLN C 431 25.27 24.25 36.36
CA GLN C 431 24.47 24.88 35.32
C GLN C 431 23.84 23.82 34.41
N VAL C 432 24.64 22.86 33.94
CA VAL C 432 24.07 21.79 33.13
C VAL C 432 23.05 21.02 33.94
N TYR C 433 23.35 20.75 35.22
CA TYR C 433 22.39 20.02 36.04
C TYR C 433 21.05 20.76 36.13
N GLN C 434 21.09 22.07 36.46
CA GLN C 434 19.87 22.85 36.61
C GLN C 434 19.05 22.85 35.34
N LEU C 435 19.72 23.09 34.22
CA LEU C 435 19.10 23.02 32.90
C LEU C 435 18.28 21.74 32.75
N TYR C 436 18.92 20.58 32.97
CA TYR C 436 18.21 19.32 32.81
C TYR C 436 17.19 19.10 33.91
N ASN C 437 17.50 19.57 35.12
CA ASN C 437 16.58 19.50 36.24
C ASN C 437 15.25 20.19 35.93
N LEU C 438 15.23 21.18 35.03
CA LEU C 438 13.97 21.84 34.68
C LEU C 438 12.94 20.82 34.22
N THR C 439 13.36 19.82 33.44
CA THR C 439 12.47 18.79 32.95
C THR C 439 12.54 17.51 33.80
N GLY C 440 13.06 17.61 35.02
CA GLY C 440 13.17 16.46 35.89
C GLY C 440 14.17 15.43 35.42
N MET C 441 15.19 15.85 34.68
CA MET C 441 16.16 14.93 34.12
C MET C 441 17.57 15.24 34.59
N GLY C 442 17.71 15.84 35.76
CA GLY C 442 19.04 16.20 36.24
C GLY C 442 19.94 15.00 36.46
N SER C 443 19.35 13.84 36.69
CA SER C 443 20.14 12.64 36.94
C SER C 443 20.91 12.17 35.73
N LEU C 444 20.58 12.63 34.52
CA LEU C 444 21.33 12.23 33.33
C LEU C 444 22.66 12.94 33.19
N VAL C 445 22.90 13.97 33.99
CA VAL C 445 24.10 14.82 33.86
C VAL C 445 25.26 14.20 34.64
N PRO C 446 26.44 14.05 34.04
CA PRO C 446 27.61 13.54 34.78
C PRO C 446 28.33 14.68 35.49
N ARG C 447 28.99 14.32 36.59
CA ARG C 447 29.67 15.31 37.45
C ARG C 447 30.99 15.86 36.89
N SER D 3 32.70 1.84 -20.95
CA SER D 3 32.90 2.11 -19.54
C SER D 3 32.58 0.87 -18.71
N VAL D 4 33.53 0.49 -17.86
CA VAL D 4 33.37 -0.61 -16.91
C VAL D 4 33.24 -0.02 -15.52
N GLY D 5 32.07 -0.25 -14.89
CA GLY D 5 31.82 0.23 -13.54
C GLY D 5 32.17 -0.82 -12.48
N ILE D 6 32.51 -0.36 -11.29
CA ILE D 6 32.74 -1.24 -10.15
C ILE D 6 32.13 -0.59 -8.92
N VAL D 7 31.40 -1.37 -8.13
CA VAL D 7 30.73 -0.83 -6.93
C VAL D 7 31.70 -0.79 -5.76
N TYR D 8 31.89 0.40 -5.18
CA TYR D 8 32.66 0.53 -3.95
C TYR D 8 32.42 1.90 -3.34
N GLY D 9 32.85 2.03 -2.08
CA GLY D 9 32.65 3.24 -1.28
C GLY D 9 33.21 2.97 0.10
N ASP D 10 33.47 4.01 0.89
CA ASP D 10 34.05 3.80 2.22
C ASP D 10 33.08 3.06 3.13
N GLN D 11 31.83 3.54 3.25
CA GLN D 11 30.85 2.85 4.06
C GLN D 11 30.55 1.46 3.54
N TYR D 12 30.42 1.33 2.21
CA TYR D 12 30.18 0.03 1.59
C TYR D 12 31.23 -0.98 2.00
N ARG D 13 32.51 -0.57 1.94
CA ARG D 13 33.59 -1.47 2.31
C ARG D 13 33.46 -1.92 3.77
N GLN D 14 33.23 -0.95 4.69
CA GLN D 14 33.09 -1.29 6.10
C GLN D 14 31.97 -2.31 6.33
N LEU D 15 30.81 -2.08 5.71
CA LEU D 15 29.70 -3.01 5.83
C LEU D 15 30.04 -4.37 5.21
N CYS D 16 30.58 -4.38 3.98
CA CYS D 16 30.94 -5.66 3.36
C CYS D 16 31.97 -6.43 4.19
N CYS D 17 32.71 -5.77 5.07
CA CYS D 17 33.72 -6.43 5.88
C CYS D 17 33.25 -6.69 7.31
N SER D 18 31.96 -6.59 7.59
CA SER D 18 31.51 -6.63 8.96
C SER D 18 30.87 -7.96 9.33
N SER D 19 30.91 -8.99 8.43
CA SER D 19 30.27 -10.25 8.76
C SER D 19 31.27 -11.26 9.33
N PRO D 20 30.85 -12.13 10.25
CA PRO D 20 31.77 -13.15 10.76
C PRO D 20 32.22 -14.14 9.69
N LYS D 21 31.36 -14.48 8.73
CA LYS D 21 31.70 -15.52 7.77
C LYS D 21 32.74 -15.05 6.77
N PHE D 22 32.54 -13.85 6.22
CA PHE D 22 33.34 -13.38 5.10
C PHE D 22 34.41 -12.39 5.51
N GLY D 23 34.41 -11.95 6.78
CA GLY D 23 35.56 -11.23 7.32
C GLY D 23 35.93 -10.07 6.42
N ASP D 24 37.24 -9.92 6.13
CA ASP D 24 37.76 -8.79 5.35
C ASP D 24 37.99 -9.15 3.90
N ARG D 25 37.30 -10.17 3.38
CA ARG D 25 37.57 -10.63 2.03
C ARG D 25 37.37 -9.51 1.01
N TYR D 26 36.28 -8.76 1.16
CA TYR D 26 36.02 -7.71 0.18
C TYR D 26 37.15 -6.68 0.17
N ALA D 27 37.75 -6.41 1.35
CA ALA D 27 38.87 -5.48 1.40
C ALA D 27 40.08 -6.03 0.66
N LEU D 28 40.38 -7.32 0.80
CA LEU D 28 41.49 -7.90 0.03
C LEU D 28 41.22 -7.81 -1.47
N VAL D 29 40.00 -8.12 -1.89
CA VAL D 29 39.64 -8.05 -3.30
C VAL D 29 39.84 -6.64 -3.83
N MET D 30 39.25 -5.66 -3.18
CA MET D 30 39.34 -4.29 -3.69
C MET D 30 40.78 -3.73 -3.61
N ASP D 31 41.54 -4.06 -2.55
CA ASP D 31 42.92 -3.59 -2.39
C ASP D 31 43.90 -4.30 -3.34
N LEU D 32 43.62 -5.53 -3.75
CA LEU D 32 44.45 -6.15 -4.77
C LEU D 32 44.16 -5.53 -6.14
N ILE D 33 42.88 -5.31 -6.44
CA ILE D 33 42.51 -4.57 -7.65
C ILE D 33 43.20 -3.20 -7.65
N ASN D 34 43.17 -2.50 -6.50
CA ASN D 34 43.86 -1.21 -6.38
C ASN D 34 45.37 -1.37 -6.55
N ALA D 35 45.95 -2.38 -5.89
CA ALA D 35 47.39 -2.58 -5.96
C ALA D 35 47.86 -2.77 -7.40
N TYR D 36 47.04 -3.37 -8.23
CA TYR D 36 47.37 -3.61 -9.63
C TYR D 36 47.04 -2.40 -10.54
N LYS D 37 46.70 -1.25 -9.95
CA LYS D 37 46.46 0.00 -10.66
C LYS D 37 45.27 -0.09 -11.60
N LEU D 38 44.31 -0.96 -11.30
CA LEU D 38 43.12 -1.10 -12.15
C LEU D 38 42.06 -0.03 -11.87
N ILE D 39 42.08 0.57 -10.68
CA ILE D 39 41.01 1.49 -10.29
C ILE D 39 40.87 2.67 -11.24
N PRO D 40 41.94 3.35 -11.67
CA PRO D 40 41.77 4.47 -12.63
C PRO D 40 41.09 4.07 -13.94
N GLU D 41 41.17 2.79 -14.34
CA GLU D 41 40.45 2.29 -15.52
C GLU D 41 38.96 2.13 -15.27
N LEU D 42 38.51 2.18 -14.03
CA LEU D 42 37.16 1.80 -13.65
C LEU D 42 36.34 3.01 -13.19
N SER D 43 35.05 2.98 -13.51
CA SER D 43 34.12 4.00 -13.06
C SER D 43 33.50 3.54 -11.74
N ARG D 44 33.67 4.33 -10.67
CA ARG D 44 33.08 3.92 -9.40
C ARG D 44 31.56 4.07 -9.45
N VAL D 45 30.85 3.00 -9.10
CA VAL D 45 29.39 3.01 -9.04
C VAL D 45 28.98 3.12 -7.58
N PRO D 46 28.36 4.21 -7.15
CA PRO D 46 28.02 4.34 -5.73
C PRO D 46 26.82 3.47 -5.40
N PRO D 47 26.83 2.82 -4.24
CA PRO D 47 25.65 2.03 -3.83
C PRO D 47 24.41 2.89 -3.73
N LEU D 48 23.25 2.29 -4.01
CA LEU D 48 21.99 3.00 -3.95
C LEU D 48 21.64 3.34 -2.50
N GLN D 49 21.20 4.59 -2.26
CA GLN D 49 20.58 4.95 -1.00
C GLN D 49 19.17 5.49 -1.25
N TRP D 50 18.31 5.41 -0.23
CA TRP D 50 16.89 5.67 -0.37
C TRP D 50 16.47 6.93 0.40
N ASP D 51 15.34 7.50 -0.04
CA ASP D 51 14.76 8.73 0.51
C ASP D 51 14.05 8.53 1.82
N SER D 52 13.72 7.29 2.20
CA SER D 52 12.94 7.04 3.40
C SER D 52 12.99 5.54 3.71
N PRO D 53 12.70 5.16 4.96
CA PRO D 53 12.46 3.74 5.26
C PRO D 53 11.42 3.10 4.37
N SER D 54 10.32 3.81 4.09
CA SER D 54 9.30 3.25 3.20
C SER D 54 9.83 2.93 1.82
N ARG D 55 10.67 3.83 1.25
CA ARG D 55 11.19 3.50 -0.09
C ARG D 55 12.15 2.31 -0.02
N MET D 56 12.88 2.16 1.07
CA MET D 56 13.79 1.01 1.20
C MET D 56 13.00 -0.29 1.29
N TYR D 57 11.90 -0.29 2.06
CA TYR D 57 11.05 -1.48 2.14
C TYR D 57 10.38 -1.79 0.82
N GLU D 58 9.87 -0.76 0.14
CA GLU D 58 9.33 -0.98 -1.20
C GLU D 58 10.37 -1.64 -2.12
N ALA D 59 11.62 -1.15 -2.07
CA ALA D 59 12.66 -1.77 -2.90
C ALA D 59 12.91 -3.22 -2.51
N VAL D 60 13.06 -3.48 -1.20
CA VAL D 60 13.49 -4.81 -0.81
C VAL D 60 12.36 -5.82 -0.94
N THR D 61 11.10 -5.39 -0.68
CA THR D 61 9.93 -6.26 -0.72
C THR D 61 9.37 -6.39 -2.13
N ALA D 62 10.07 -5.86 -3.13
CA ALA D 62 9.83 -6.32 -4.49
C ALA D 62 10.08 -7.80 -4.61
N PHE D 63 10.89 -8.39 -3.73
CA PHE D 63 11.06 -9.84 -3.68
C PHE D 63 10.73 -10.42 -2.32
N HIS D 64 11.34 -9.89 -1.27
CA HIS D 64 11.20 -10.44 0.08
C HIS D 64 9.89 -10.03 0.74
N SER D 65 9.42 -10.86 1.68
CA SER D 65 8.17 -10.50 2.36
C SER D 65 8.44 -9.43 3.40
N THR D 66 7.42 -8.62 3.69
CA THR D 66 7.62 -7.58 4.68
C THR D 66 8.00 -8.19 6.03
N GLU D 67 7.39 -9.32 6.36
CA GLU D 67 7.60 -9.87 7.70
C GLU D 67 9.02 -10.42 7.83
N TYR D 68 9.55 -11.02 6.76
CA TYR D 68 10.95 -11.43 6.75
C TYR D 68 11.89 -10.24 6.90
N VAL D 69 11.64 -9.14 6.17
CA VAL D 69 12.52 -7.97 6.31
C VAL D 69 12.44 -7.41 7.73
N ASP D 70 11.24 -7.31 8.29
CA ASP D 70 11.08 -6.93 9.69
C ASP D 70 11.91 -7.82 10.62
N ALA D 71 11.85 -9.14 10.39
CA ALA D 71 12.54 -10.10 11.26
C ALA D 71 14.05 -9.91 11.19
N LEU D 72 14.57 -9.66 9.99
CA LEU D 72 16.02 -9.46 9.81
C LEU D 72 16.48 -8.17 10.48
N LYS D 73 15.70 -7.10 10.35
CA LYS D 73 15.99 -5.86 11.06
C LYS D 73 15.93 -6.08 12.56
N LYS D 74 14.92 -6.83 13.03
CA LYS D 74 14.86 -7.10 14.47
C LYS D 74 16.05 -7.93 14.93
N LEU D 75 16.47 -8.91 14.12
CA LEU D 75 17.65 -9.68 14.47
C LEU D 75 18.87 -8.77 14.69
N GLN D 76 19.10 -7.83 13.78
CA GLN D 76 20.17 -6.86 13.99
C GLN D 76 20.00 -6.15 15.33
N MET D 77 18.83 -5.58 15.58
CA MET D 77 18.62 -4.83 16.82
C MET D 77 18.91 -5.72 18.04
N LEU D 78 18.42 -6.97 18.01
CA LEU D 78 18.64 -7.83 19.17
C LEU D 78 20.11 -8.12 19.39
N HIS D 79 20.88 -8.23 18.29
CA HIS D 79 22.30 -8.48 18.42
C HIS D 79 23.11 -7.23 18.72
N CYS D 80 22.47 -6.07 18.80
CA CYS D 80 23.13 -4.85 19.26
C CYS D 80 22.87 -4.57 20.73
N GLU D 81 22.20 -5.49 21.42
CA GLU D 81 21.91 -5.36 22.83
C GLU D 81 22.56 -6.50 23.61
N GLU D 82 22.73 -6.27 24.92
CA GLU D 82 23.41 -7.23 25.77
C GLU D 82 22.60 -8.53 25.90
N LYS D 83 21.30 -8.41 26.15
CA LYS D 83 20.47 -9.54 26.54
C LYS D 83 20.45 -10.64 25.48
N GLU D 84 20.33 -11.88 25.96
CA GLU D 84 20.08 -13.02 25.08
C GLU D 84 18.65 -12.94 24.51
N LEU D 85 18.44 -13.59 23.37
CA LEU D 85 17.10 -13.63 22.79
C LEU D 85 16.14 -14.33 23.75
N THR D 86 14.88 -13.88 23.75
CA THR D 86 13.86 -14.64 24.45
C THR D 86 13.48 -15.89 23.64
N ALA D 87 12.70 -16.78 24.25
CA ALA D 87 12.21 -17.96 23.55
C ALA D 87 11.33 -17.56 22.38
N ASP D 88 10.42 -16.59 22.58
CA ASP D 88 9.54 -16.15 21.49
C ASP D 88 10.34 -15.55 20.35
N ASP D 89 11.42 -14.83 20.66
CA ASP D 89 12.22 -14.29 19.56
C ASP D 89 13.05 -15.36 18.87
N GLU D 90 13.56 -16.34 19.61
CA GLU D 90 14.21 -17.49 18.94
C GLU D 90 13.24 -18.15 17.99
N LEU D 91 12.02 -18.38 18.45
CA LEU D 91 11.02 -19.05 17.62
C LEU D 91 10.72 -18.24 16.36
N LEU D 92 10.57 -16.92 16.52
CA LEU D 92 10.38 -16.07 15.34
C LEU D 92 11.53 -16.23 14.35
N MET D 93 12.77 -16.15 14.85
CA MET D 93 13.91 -16.21 13.95
C MET D 93 13.98 -17.57 13.26
N ASP D 94 13.65 -18.64 13.99
CA ASP D 94 13.64 -19.98 13.41
C ASP D 94 12.66 -20.07 12.24
N SER D 95 11.54 -19.37 12.32
CA SER D 95 10.53 -19.48 11.27
C SER D 95 10.99 -18.86 9.96
N PHE D 96 12.05 -18.01 9.99
CA PHE D 96 12.68 -17.43 8.80
C PHE D 96 14.07 -18.01 8.52
N SER D 97 14.44 -19.11 9.20
CA SER D 97 15.76 -19.75 9.07
C SER D 97 16.88 -18.76 9.37
N LEU D 98 16.61 -17.82 10.25
CA LEU D 98 17.60 -16.84 10.70
C LEU D 98 18.35 -17.43 11.89
N ASN D 99 18.95 -18.59 11.64
CA ASN D 99 19.64 -19.30 12.70
C ASN D 99 20.78 -20.07 12.08
N TYR D 100 21.65 -20.55 12.96
CA TYR D 100 22.62 -21.59 12.60
C TYR D 100 23.57 -21.11 11.52
N ASP D 101 23.40 -21.58 10.29
CA ASP D 101 24.32 -21.09 9.27
C ASP D 101 23.98 -19.69 8.79
N CYS D 102 22.84 -19.13 9.21
CA CYS D 102 22.50 -17.74 8.92
C CYS D 102 22.27 -17.02 10.25
N PRO D 103 23.31 -16.89 11.05
CA PRO D 103 23.16 -16.35 12.40
C PRO D 103 23.03 -14.83 12.34
N GLY D 104 22.59 -14.28 13.45
CA GLY D 104 22.59 -12.83 13.59
C GLY D 104 23.96 -12.30 14.03
N PHE D 105 24.17 -11.03 13.78
CA PHE D 105 25.34 -10.34 14.30
C PHE D 105 25.02 -8.86 14.27
N PRO D 106 25.81 -8.03 14.98
CA PRO D 106 25.35 -6.64 15.19
C PRO D 106 25.07 -5.89 13.92
N SER D 107 25.70 -6.25 12.79
CA SER D 107 25.45 -5.52 11.55
C SER D 107 24.71 -6.36 10.51
N VAL D 108 24.00 -7.41 10.91
CA VAL D 108 23.52 -8.38 9.92
C VAL D 108 22.57 -7.73 8.90
N PHE D 109 21.73 -6.78 9.32
CA PHE D 109 20.81 -6.14 8.38
C PHE D 109 21.53 -5.15 7.46
N ASP D 110 22.32 -4.25 8.04
CA ASP D 110 23.06 -3.30 7.21
C ASP D 110 24.00 -4.02 6.25
N TYR D 111 24.58 -5.15 6.70
CA TYR D 111 25.50 -5.91 5.85
C TYR D 111 24.76 -6.49 4.64
N SER D 112 23.62 -7.12 4.91
CA SER D 112 22.83 -7.74 3.86
C SER D 112 22.27 -6.69 2.92
N LEU D 113 21.78 -5.58 3.49
CA LEU D 113 21.19 -4.54 2.68
C LEU D 113 22.23 -3.90 1.78
N ALA D 114 23.47 -3.84 2.25
CA ALA D 114 24.52 -3.18 1.47
C ALA D 114 24.69 -3.86 0.12
N ALA D 115 24.71 -5.20 0.09
CA ALA D 115 24.84 -5.90 -1.18
C ALA D 115 23.69 -5.54 -2.11
N VAL D 116 22.47 -5.45 -1.58
CA VAL D 116 21.32 -5.03 -2.38
C VAL D 116 21.54 -3.64 -2.94
N GLN D 117 22.02 -2.72 -2.08
CA GLN D 117 22.30 -1.36 -2.52
C GLN D 117 23.31 -1.34 -3.65
N GLY D 118 24.35 -2.18 -3.52
CA GLY D 118 25.38 -2.19 -4.56
C GLY D 118 24.86 -2.77 -5.86
N SER D 119 24.12 -3.89 -5.78
CA SER D 119 23.67 -4.52 -7.01
C SER D 119 22.52 -3.76 -7.66
N LEU D 120 21.63 -3.13 -6.89
CA LEU D 120 20.63 -2.27 -7.53
C LEU D 120 21.30 -1.08 -8.21
N ALA D 121 22.31 -0.49 -7.58
CA ALA D 121 23.02 0.59 -8.24
C ALA D 121 23.69 0.09 -9.52
N ALA D 122 24.24 -1.13 -9.47
CA ALA D 122 24.88 -1.71 -10.66
C ALA D 122 23.89 -1.85 -11.80
N ALA D 123 22.69 -2.36 -11.49
CA ALA D 123 21.68 -2.51 -12.54
C ALA D 123 21.31 -1.17 -13.15
N SER D 124 21.12 -0.14 -12.31
CA SER D 124 20.71 1.17 -12.82
C SER D 124 21.77 1.79 -13.73
N ALA D 125 23.06 1.64 -13.38
CA ALA D 125 24.13 2.11 -14.25
C ALA D 125 24.12 1.41 -15.61
N LEU D 126 23.74 0.13 -15.64
CA LEU D 126 23.53 -0.52 -16.93
C LEU D 126 22.35 0.10 -17.67
N ILE D 127 21.23 0.27 -16.97
CA ILE D 127 19.98 0.62 -17.65
C ILE D 127 20.09 1.97 -18.32
N CYS D 128 20.64 2.94 -17.60
CA CYS D 128 20.83 4.27 -18.17
C CYS D 128 21.99 4.34 -19.16
N ARG D 129 22.70 3.22 -19.38
CA ARG D 129 23.82 3.13 -20.32
C ARG D 129 25.03 3.96 -19.88
N HIS D 130 25.18 4.22 -18.58
CA HIS D 130 26.44 4.80 -18.11
C HIS D 130 27.60 3.81 -18.24
N CYS D 131 27.35 2.53 -17.98
CA CYS D 131 28.36 1.50 -18.04
C CYS D 131 27.86 0.38 -18.95
N GLU D 132 28.80 -0.23 -19.65
CA GLU D 132 28.50 -1.42 -20.45
C GLU D 132 28.56 -2.68 -19.60
N VAL D 133 29.44 -2.69 -18.60
CA VAL D 133 29.58 -3.78 -17.64
C VAL D 133 29.76 -3.17 -16.25
N VAL D 134 29.09 -3.74 -15.25
CA VAL D 134 29.30 -3.35 -13.86
C VAL D 134 29.69 -4.57 -13.03
N ILE D 135 30.72 -4.41 -12.22
CA ILE D 135 31.23 -5.40 -11.29
C ILE D 135 30.82 -5.02 -9.87
N ASN D 136 30.22 -5.96 -9.13
CA ASN D 136 29.98 -5.79 -7.70
C ASN D 136 30.54 -6.99 -6.94
N TRP D 137 31.78 -6.85 -6.46
CA TRP D 137 32.32 -7.96 -5.70
C TRP D 137 31.74 -8.05 -4.28
N GLY D 138 30.89 -7.11 -3.85
CA GLY D 138 30.16 -7.24 -2.60
C GLY D 138 28.85 -7.98 -2.68
N GLY D 139 28.39 -8.30 -3.89
CA GLY D 139 27.11 -8.93 -4.12
C GLY D 139 27.27 -10.37 -4.61
N GLY D 140 26.14 -10.96 -4.99
CA GLY D 140 26.12 -12.31 -5.54
C GLY D 140 25.52 -13.34 -4.60
N TRP D 141 24.60 -12.90 -3.73
CA TRP D 141 24.07 -13.75 -2.65
C TRP D 141 22.84 -14.53 -3.16
N HIS D 142 23.12 -15.66 -3.80
CA HIS D 142 22.11 -16.32 -4.63
C HIS D 142 21.17 -17.28 -3.88
N HIS D 143 21.42 -17.61 -2.60
CA HIS D 143 20.58 -18.61 -1.92
C HIS D 143 19.37 -18.02 -1.16
N ALA D 144 19.33 -16.72 -0.92
CA ALA D 144 18.27 -16.19 -0.05
C ALA D 144 16.92 -16.29 -0.77
N LYS D 145 15.88 -16.71 -0.03
CA LYS D 145 14.55 -16.83 -0.63
C LYS D 145 13.64 -15.69 -0.15
N ARG D 146 12.43 -15.63 -0.72
CA ARG D 146 11.46 -14.59 -0.34
C ARG D 146 11.38 -14.38 1.17
N SER D 147 11.26 -15.47 1.92
CA SER D 147 11.08 -15.35 3.37
C SER D 147 12.03 -16.24 4.15
N GLU D 148 13.25 -16.42 3.66
CA GLU D 148 14.14 -17.38 4.30
C GLU D 148 15.58 -17.03 3.98
N ALA D 149 16.42 -16.96 5.02
CA ALA D 149 17.85 -16.89 4.83
C ALA D 149 18.36 -18.29 4.53
N SER D 150 19.45 -18.38 3.79
CA SER D 150 19.99 -19.69 3.46
C SER D 150 21.42 -19.51 3.02
N GLY D 151 22.32 -20.37 3.51
CA GLY D 151 23.68 -20.38 3.01
C GLY D 151 24.41 -19.06 3.18
N PHE D 152 24.23 -18.40 4.33
CA PHE D 152 24.76 -17.07 4.66
C PHE D 152 24.34 -15.99 3.66
N CYS D 153 23.26 -16.23 2.95
CA CYS D 153 22.60 -15.23 2.13
C CYS D 153 21.34 -14.81 2.89
N TYR D 154 21.26 -13.53 3.23
CA TYR D 154 20.10 -13.00 3.94
C TYR D 154 19.12 -12.27 3.04
N LEU D 155 19.62 -11.54 2.05
CA LEU D 155 18.81 -10.80 1.09
C LEU D 155 19.34 -11.10 -0.30
N ASN D 156 18.43 -11.28 -1.26
CA ASN D 156 18.91 -11.75 -2.55
C ASN D 156 19.09 -10.55 -3.46
N ASP D 157 20.31 -9.99 -3.39
CA ASP D 157 20.61 -8.83 -4.23
C ASP D 157 20.54 -9.18 -5.71
N ILE D 158 20.79 -10.43 -6.08
CA ILE D 158 20.74 -10.79 -7.50
C ILE D 158 19.31 -10.68 -8.04
N VAL D 159 18.36 -11.25 -7.30
CA VAL D 159 16.95 -11.25 -7.73
C VAL D 159 16.45 -9.81 -7.85
N LEU D 160 16.79 -9.00 -6.87
CA LEU D 160 16.38 -7.60 -6.90
C LEU D 160 17.01 -6.87 -8.09
N ALA D 161 18.30 -7.14 -8.36
CA ALA D 161 18.94 -6.52 -9.52
C ALA D 161 18.32 -7.00 -10.83
N ILE D 162 17.99 -8.29 -10.93
CA ILE D 162 17.40 -8.83 -12.15
C ILE D 162 16.00 -8.27 -12.33
N HIS D 163 15.24 -8.19 -11.25
CA HIS D 163 13.91 -7.60 -11.30
C HIS D 163 13.98 -6.17 -11.82
N ARG D 164 14.98 -5.41 -11.38
CA ARG D 164 15.11 -4.05 -11.88
C ARG D 164 15.42 -4.04 -13.37
N LEU D 165 16.28 -4.96 -13.82
CA LEU D 165 16.64 -5.02 -15.24
C LEU D 165 15.46 -5.41 -16.13
N VAL D 166 14.67 -6.43 -15.74
CA VAL D 166 13.57 -6.82 -16.62
C VAL D 166 12.45 -5.80 -16.59
N SER D 167 12.26 -5.12 -15.48
CA SER D 167 11.18 -4.16 -15.38
C SER D 167 11.52 -2.80 -15.96
N SER D 168 12.55 -2.70 -16.81
CA SER D 168 12.99 -1.39 -17.32
C SER D 168 12.58 -1.16 -18.77
N GLN D 178 9.78 -6.48 -24.17
CA GLN D 178 10.70 -7.31 -24.94
C GLN D 178 11.88 -7.79 -24.07
N THR D 179 12.09 -7.14 -22.92
CA THR D 179 13.32 -7.30 -22.15
C THR D 179 13.50 -8.72 -21.61
N ARG D 180 14.64 -9.33 -21.94
CA ARG D 180 14.98 -10.67 -21.45
C ARG D 180 16.36 -10.64 -20.80
N VAL D 181 16.48 -11.33 -19.66
CA VAL D 181 17.71 -11.42 -18.89
C VAL D 181 18.18 -12.88 -18.88
N LEU D 182 19.47 -13.07 -19.12
CA LEU D 182 20.11 -14.36 -18.94
C LEU D 182 20.94 -14.30 -17.67
N TYR D 183 20.64 -15.18 -16.71
CA TYR D 183 21.40 -15.28 -15.47
C TYR D 183 22.33 -16.48 -15.56
N VAL D 184 23.61 -16.26 -15.29
CA VAL D 184 24.61 -17.32 -15.36
C VAL D 184 25.27 -17.44 -13.99
N ASP D 185 25.21 -18.64 -13.41
CA ASP D 185 25.64 -18.86 -12.02
C ASP D 185 26.82 -19.82 -12.04
N LEU D 186 28.04 -19.30 -11.84
CA LEU D 186 29.30 -20.05 -11.94
C LEU D 186 29.79 -20.59 -10.60
N ASP D 187 29.06 -20.29 -9.54
CA ASP D 187 29.40 -20.71 -8.19
C ASP D 187 29.45 -22.24 -8.09
N LEU D 188 30.24 -22.74 -7.14
CA LEU D 188 30.26 -24.18 -6.83
C LEU D 188 28.88 -24.70 -6.45
N HIS D 189 28.02 -23.87 -5.85
CA HIS D 189 26.72 -24.26 -5.34
C HIS D 189 25.59 -23.89 -6.32
N HIS D 190 24.53 -24.71 -6.35
CA HIS D 190 23.37 -24.39 -7.18
C HIS D 190 22.75 -23.04 -6.79
N GLY D 191 22.47 -22.19 -7.78
CA GLY D 191 21.88 -20.90 -7.50
C GLY D 191 20.37 -21.00 -7.29
N ASP D 192 19.94 -21.60 -6.17
CA ASP D 192 18.54 -22.01 -6.01
C ASP D 192 17.61 -20.82 -5.76
N GLY D 193 18.10 -19.80 -5.03
CA GLY D 193 17.24 -18.68 -4.70
C GLY D 193 16.84 -17.91 -5.95
N VAL D 194 17.80 -17.66 -6.83
CA VAL D 194 17.50 -16.98 -8.09
C VAL D 194 16.61 -17.83 -8.96
N GLU D 195 16.99 -19.11 -9.12
CA GLU D 195 16.20 -20.02 -9.94
C GLU D 195 14.76 -20.03 -9.48
N GLU D 196 14.56 -20.14 -8.15
CA GLU D 196 13.21 -20.18 -7.57
C GLU D 196 12.43 -18.92 -7.86
N ALA D 197 13.06 -17.74 -7.70
CA ALA D 197 12.34 -16.48 -7.84
C ALA D 197 11.73 -16.32 -9.21
N PHE D 198 12.40 -16.82 -10.25
CA PHE D 198 11.96 -16.66 -11.63
C PHE D 198 11.47 -17.97 -12.23
N TRP D 199 11.13 -18.94 -11.37
CA TRP D 199 10.67 -20.24 -11.80
C TRP D 199 9.47 -20.16 -12.75
N TYR D 200 8.64 -19.12 -12.64
CA TYR D 200 7.48 -19.00 -13.51
C TYR D 200 7.64 -17.90 -14.56
N SER D 201 8.83 -17.31 -14.66
CA SER D 201 9.04 -16.16 -15.53
C SER D 201 9.84 -16.59 -16.74
N PRO D 202 9.29 -16.50 -17.97
CA PRO D 202 10.09 -16.85 -19.16
C PRO D 202 11.13 -15.80 -19.54
N ARG D 203 10.98 -14.55 -19.10
CA ARG D 203 11.89 -13.47 -19.49
C ARG D 203 13.22 -13.51 -18.76
N VAL D 204 13.32 -14.25 -17.67
CA VAL D 204 14.59 -14.42 -16.98
C VAL D 204 14.95 -15.90 -17.11
N VAL D 205 15.91 -16.22 -17.97
CA VAL D 205 16.43 -17.59 -18.07
C VAL D 205 17.59 -17.71 -17.10
N THR D 206 17.53 -18.70 -16.22
CA THR D 206 18.60 -18.93 -15.26
C THR D 206 19.38 -20.16 -15.70
N PHE D 207 20.70 -20.08 -15.58
CA PHE D 207 21.55 -21.21 -15.92
C PHE D 207 22.58 -21.31 -14.82
N SER D 208 22.57 -22.43 -14.11
CA SER D 208 23.52 -22.66 -13.03
C SER D 208 24.36 -23.88 -13.36
N VAL D 209 25.68 -23.74 -13.21
CA VAL D 209 26.58 -24.88 -13.25
C VAL D 209 27.15 -25.03 -11.86
N HIS D 210 27.22 -26.27 -11.37
CA HIS D 210 27.51 -26.44 -9.96
C HIS D 210 27.87 -27.90 -9.71
N HIS D 211 28.46 -28.14 -8.56
CA HIS D 211 28.55 -29.50 -8.04
C HIS D 211 27.23 -29.87 -7.37
N ALA D 212 26.82 -31.13 -7.57
CA ALA D 212 25.72 -31.68 -6.79
C ALA D 212 26.04 -33.13 -6.48
N SER D 213 25.69 -33.57 -5.28
CA SER D 213 25.88 -34.95 -4.84
C SER D 213 25.05 -35.13 -3.58
N PRO D 214 24.77 -36.37 -3.18
CA PRO D 214 23.84 -36.57 -2.07
C PRO D 214 24.38 -35.90 -0.82
N GLY D 215 23.54 -35.07 -0.23
CA GLY D 215 23.86 -34.37 0.99
C GLY D 215 24.61 -33.07 0.80
N PHE D 216 24.98 -32.72 -0.42
CA PHE D 216 25.76 -31.52 -0.67
C PHE D 216 24.83 -30.32 -0.80
N PHE D 217 25.17 -29.21 -0.16
CA PHE D 217 24.29 -28.03 -0.14
C PHE D 217 24.11 -27.39 -1.54
N PRO D 218 22.89 -26.89 -1.87
CA PRO D 218 21.65 -26.94 -1.10
C PRO D 218 20.78 -28.11 -1.48
N GLY D 219 21.18 -28.89 -2.47
CA GLY D 219 20.51 -30.14 -2.78
C GLY D 219 19.81 -30.15 -4.12
N THR D 220 19.59 -28.98 -4.69
CA THR D 220 18.81 -28.83 -5.91
C THR D 220 19.75 -28.66 -7.11
N GLY D 221 19.15 -28.39 -8.27
CA GLY D 221 19.91 -28.26 -9.51
C GLY D 221 20.30 -29.58 -10.14
N THR D 222 19.56 -30.64 -9.88
CA THR D 222 19.94 -31.98 -10.32
C THR D 222 18.69 -32.84 -10.38
N TRP D 223 18.87 -34.11 -10.77
CA TRP D 223 17.76 -35.06 -10.82
C TRP D 223 16.95 -34.94 -9.55
N ASN D 224 15.63 -34.84 -9.71
CA ASN D 224 14.71 -34.55 -8.63
C ASN D 224 13.95 -35.81 -8.25
N MET D 225 13.85 -36.05 -6.95
CA MET D 225 13.62 -37.38 -6.40
C MET D 225 12.13 -37.75 -6.27
N LEU D 231 10.93 -42.57 -10.61
CA LEU D 231 12.10 -42.24 -11.41
C LEU D 231 12.31 -40.72 -11.48
N PRO D 232 13.52 -40.27 -11.20
CA PRO D 232 13.79 -38.82 -11.18
C PRO D 232 13.83 -38.20 -12.57
N ILE D 233 13.47 -36.91 -12.60
CA ILE D 233 13.59 -36.08 -13.80
C ILE D 233 14.24 -34.77 -13.41
N PHE D 234 14.63 -34.01 -14.42
CA PHE D 234 15.08 -32.65 -14.21
C PHE D 234 13.88 -31.72 -14.35
N LEU D 235 13.52 -31.05 -13.25
CA LEU D 235 12.57 -29.94 -13.31
C LEU D 235 13.24 -28.70 -13.89
N ASN D 236 12.45 -27.84 -14.55
CA ASN D 236 13.09 -26.79 -15.32
C ASN D 236 12.25 -25.53 -15.46
N GLY D 237 11.43 -25.21 -14.47
CA GLY D 237 10.51 -24.10 -14.53
C GLY D 237 9.07 -24.58 -14.68
N ALA D 238 8.12 -23.66 -14.50
CA ALA D 238 6.72 -24.05 -14.53
C ALA D 238 5.84 -22.89 -14.98
N GLY D 239 4.56 -23.22 -15.27
CA GLY D 239 3.65 -22.24 -15.85
C GLY D 239 4.18 -21.74 -17.18
N ARG D 240 4.13 -20.42 -17.37
CA ARG D 240 4.72 -19.84 -18.55
C ARG D 240 6.25 -19.86 -18.52
N GLY D 241 6.84 -20.24 -17.40
CA GLY D 241 8.27 -20.36 -17.26
C GLY D 241 8.81 -21.76 -17.45
N ARG D 242 8.00 -22.69 -17.93
CA ARG D 242 8.50 -24.03 -18.23
C ARG D 242 9.68 -23.94 -19.19
N PHE D 243 10.71 -24.73 -18.92
CA PHE D 243 11.92 -24.89 -19.74
C PHE D 243 12.87 -23.71 -19.57
N SER D 244 12.59 -22.76 -18.67
CA SER D 244 13.39 -21.55 -18.56
C SER D 244 14.43 -21.59 -17.46
N ALA D 245 14.53 -22.67 -16.68
CA ALA D 245 15.58 -22.78 -15.66
C ALA D 245 16.49 -23.96 -16.03
N PHE D 246 17.76 -23.65 -16.26
CA PHE D 246 18.74 -24.55 -16.80
C PHE D 246 19.75 -24.91 -15.73
N ASN D 247 20.20 -26.16 -15.73
CA ASN D 247 21.13 -26.64 -14.72
C ASN D 247 22.09 -27.65 -15.31
N LEU D 248 23.35 -27.53 -14.91
CA LEU D 248 24.38 -28.51 -15.24
C LEU D 248 25.10 -28.95 -13.96
N PRO D 249 24.72 -30.08 -13.36
CA PRO D 249 25.47 -30.59 -12.22
C PRO D 249 26.67 -31.40 -12.70
N LEU D 250 27.77 -31.25 -11.99
CA LEU D 250 29.03 -31.84 -12.40
C LEU D 250 29.61 -32.61 -11.23
N GLU D 251 30.37 -33.67 -11.52
CA GLU D 251 30.99 -34.44 -10.45
C GLU D 251 32.23 -33.71 -9.97
N GLU D 252 32.65 -34.03 -8.75
CA GLU D 252 33.84 -33.40 -8.17
C GLU D 252 35.10 -33.75 -8.96
N GLY D 253 36.08 -32.85 -8.88
CA GLY D 253 37.38 -33.04 -9.49
C GLY D 253 37.57 -32.39 -10.85
N ILE D 254 36.56 -31.68 -11.37
CA ILE D 254 36.66 -31.17 -12.73
C ILE D 254 37.69 -30.05 -12.81
N ASN D 255 38.48 -30.05 -13.88
CA ASN D 255 39.51 -29.06 -14.08
C ASN D 255 39.02 -27.95 -15.01
N ASP D 256 39.93 -27.01 -15.31
CA ASP D 256 39.57 -25.86 -16.14
C ASP D 256 39.04 -26.27 -17.50
N LEU D 257 39.77 -27.15 -18.21
CA LEU D 257 39.42 -27.41 -19.59
C LEU D 257 38.09 -28.15 -19.71
N ASP D 258 37.89 -29.19 -18.88
CA ASP D 258 36.65 -29.93 -18.90
C ASP D 258 35.47 -29.06 -18.48
N TRP D 259 35.66 -28.22 -17.47
CA TRP D 259 34.57 -27.31 -17.09
C TRP D 259 34.28 -26.33 -18.24
N SER D 260 35.34 -25.81 -18.87
CA SER D 260 35.18 -24.89 -19.99
C SER D 260 34.46 -25.55 -21.17
N ASN D 261 34.82 -26.79 -21.48
CA ASN D 261 34.14 -27.52 -22.56
C ASN D 261 32.71 -27.89 -22.15
N ALA D 262 32.47 -28.09 -20.87
CA ALA D 262 31.12 -28.43 -20.42
C ALA D 262 30.17 -27.25 -20.56
N ILE D 263 30.64 -26.03 -20.28
CA ILE D 263 29.77 -24.87 -20.18
C ILE D 263 29.74 -24.06 -21.47
N GLY D 264 30.82 -24.11 -22.25
CA GLY D 264 31.00 -23.24 -23.40
C GLY D 264 29.87 -23.29 -24.40
N PRO D 265 29.60 -24.48 -24.94
CA PRO D 265 28.50 -24.59 -25.90
C PRO D 265 27.14 -24.23 -25.31
N ILE D 266 26.92 -24.45 -24.01
CA ILE D 266 25.64 -24.08 -23.42
C ILE D 266 25.48 -22.57 -23.43
N LEU D 267 26.51 -21.85 -22.95
CA LEU D 267 26.47 -20.39 -22.92
C LEU D 267 26.17 -19.83 -24.30
N ASP D 268 26.91 -20.28 -25.31
CA ASP D 268 26.74 -19.73 -26.65
C ASP D 268 25.36 -20.06 -27.21
N SER D 269 24.83 -21.24 -26.89
N SER D 269 24.84 -21.25 -26.91
CA SER D 269 23.49 -21.57 -27.36
CA SER D 269 23.48 -21.60 -27.32
C SER D 269 22.42 -20.73 -26.66
C SER D 269 22.47 -20.64 -26.69
N LEU D 270 22.61 -20.40 -25.39
CA LEU D 270 21.62 -19.58 -24.70
C LEU D 270 21.61 -18.17 -25.25
N ASN D 271 22.79 -17.61 -25.52
CA ASN D 271 22.84 -16.28 -26.08
C ASN D 271 22.24 -16.24 -27.47
N ILE D 272 22.54 -17.24 -28.29
CA ILE D 272 22.04 -17.30 -29.66
C ILE D 272 20.52 -17.33 -29.67
N VAL D 273 19.92 -18.15 -28.81
CA VAL D 273 18.47 -18.38 -28.81
C VAL D 273 17.74 -17.32 -27.99
N ILE D 274 18.20 -17.04 -26.76
CA ILE D 274 17.48 -16.09 -25.91
C ILE D 274 17.61 -14.67 -26.46
N GLN D 275 18.78 -14.35 -27.03
CA GLN D 275 19.17 -12.98 -27.36
C GLN D 275 18.92 -12.00 -26.21
N PRO D 276 19.56 -12.21 -25.06
CA PRO D 276 19.21 -11.42 -23.87
C PRO D 276 19.56 -9.95 -24.01
N SER D 277 18.77 -9.11 -23.33
CA SER D 277 19.08 -7.68 -23.25
C SER D 277 20.12 -7.37 -22.19
N TYR D 278 20.26 -8.25 -21.19
CA TYR D 278 21.22 -8.12 -20.10
C TYR D 278 21.65 -9.52 -19.70
N VAL D 279 22.92 -9.65 -19.33
CA VAL D 279 23.43 -10.87 -18.72
C VAL D 279 23.86 -10.54 -17.28
N VAL D 280 23.49 -11.40 -16.34
CA VAL D 280 23.93 -11.25 -14.96
C VAL D 280 24.72 -12.51 -14.63
N VAL D 281 25.98 -12.35 -14.24
CA VAL D 281 26.87 -13.48 -13.99
C VAL D 281 27.23 -13.48 -12.52
N GLN D 282 26.97 -14.60 -11.85
CA GLN D 282 27.44 -14.78 -10.49
C GLN D 282 28.76 -15.55 -10.56
N CYS D 283 29.84 -14.97 -10.05
CA CYS D 283 31.18 -15.51 -10.23
CA CYS D 283 31.19 -15.50 -10.23
C CYS D 283 31.77 -16.03 -8.91
N GLY D 284 30.96 -16.69 -8.10
CA GLY D 284 31.47 -17.26 -6.87
C GLY D 284 32.73 -18.06 -7.09
N ALA D 285 33.73 -17.85 -6.22
CA ALA D 285 35.07 -18.36 -6.40
C ALA D 285 35.30 -19.68 -5.67
N ASP D 286 34.26 -20.33 -5.15
CA ASP D 286 34.51 -21.57 -4.44
C ASP D 286 34.77 -22.76 -5.35
N CYS D 287 34.79 -22.59 -6.68
CA CYS D 287 35.24 -23.66 -7.56
C CYS D 287 36.76 -23.77 -7.65
N LEU D 288 37.50 -22.83 -7.06
CA LEU D 288 38.97 -22.89 -7.21
C LEU D 288 39.51 -24.13 -6.52
N ALA D 289 40.53 -24.73 -7.14
CA ALA D 289 41.16 -25.93 -6.59
C ALA D 289 41.65 -25.72 -5.17
N THR D 290 41.93 -24.48 -4.78
CA THR D 290 42.47 -24.13 -3.49
C THR D 290 41.41 -23.64 -2.52
N ASP D 291 40.14 -23.64 -2.92
CA ASP D 291 39.09 -23.31 -1.99
C ASP D 291 39.04 -24.40 -0.92
N PRO D 292 38.68 -24.05 0.32
CA PRO D 292 38.50 -25.08 1.36
C PRO D 292 37.50 -26.19 1.01
N HIS D 293 36.54 -25.94 0.13
CA HIS D 293 35.61 -27.02 -0.23
C HIS D 293 36.33 -28.18 -0.91
N ARG D 294 37.38 -27.86 -1.69
CA ARG D 294 38.19 -28.85 -2.40
C ARG D 294 37.35 -29.80 -3.21
N ILE D 295 36.48 -29.26 -4.05
CA ILE D 295 35.61 -30.07 -4.89
C ILE D 295 35.98 -29.93 -6.36
N PHE D 296 36.01 -28.72 -6.89
CA PHE D 296 36.40 -28.56 -8.29
C PHE D 296 37.87 -28.16 -8.34
N ARG D 297 38.43 -28.14 -9.54
CA ARG D 297 39.86 -27.83 -9.70
C ARG D 297 40.07 -26.68 -10.67
N LEU D 298 39.25 -25.64 -10.56
CA LEU D 298 39.47 -24.47 -11.40
C LEU D 298 40.62 -23.62 -10.87
N THR D 299 41.11 -22.73 -11.71
CA THR D 299 42.24 -21.90 -11.33
C THR D 299 41.93 -20.48 -11.78
N ASN D 300 42.90 -19.58 -11.55
CA ASN D 300 42.85 -18.25 -12.11
C ASN D 300 43.89 -18.05 -13.19
N PHE D 301 44.35 -19.15 -13.80
CA PHE D 301 45.50 -19.08 -14.71
C PHE D 301 45.11 -18.38 -16.01
N TYR D 302 46.02 -17.54 -16.51
CA TYR D 302 45.79 -16.75 -17.72
C TYR D 302 47.10 -16.81 -18.50
N PRO D 303 47.23 -17.76 -19.42
CA PRO D 303 48.52 -18.00 -20.10
C PRO D 303 49.00 -16.82 -20.95
N SER D 316 46.80 -24.11 -19.00
CA SER D 316 45.33 -24.10 -18.98
C SER D 316 44.76 -22.70 -18.72
N LEU D 317 43.73 -22.33 -19.48
CA LEU D 317 42.99 -21.10 -19.23
C LEU D 317 41.94 -21.32 -18.15
N SER D 318 41.97 -20.46 -17.14
CA SER D 318 40.98 -20.49 -16.06
C SER D 318 39.58 -20.68 -16.60
N GLY D 319 38.86 -21.67 -16.05
CA GLY D 319 37.45 -21.83 -16.40
C GLY D 319 36.68 -20.53 -16.28
N TYR D 320 36.90 -19.79 -15.19
CA TYR D 320 36.20 -18.52 -14.98
C TYR D 320 36.53 -17.51 -16.07
N LEU D 321 37.81 -17.34 -16.38
CA LEU D 321 38.17 -16.32 -17.35
C LEU D 321 37.66 -16.67 -18.73
N TYR D 322 37.70 -17.95 -19.09
CA TYR D 322 37.12 -18.42 -20.33
C TYR D 322 35.64 -18.06 -20.45
N ALA D 323 34.87 -18.35 -19.40
CA ALA D 323 33.43 -18.07 -19.41
C ALA D 323 33.16 -16.57 -19.44
N ILE D 324 33.91 -15.80 -18.66
CA ILE D 324 33.66 -14.35 -18.63
C ILE D 324 34.03 -13.76 -19.98
N LYS D 325 35.17 -14.19 -20.53
CA LYS D 325 35.57 -13.73 -21.86
C LYS D 325 34.52 -14.06 -22.89
N LYS D 326 34.00 -15.29 -22.85
CA LYS D 326 32.96 -15.67 -23.79
C LYS D 326 31.74 -14.77 -23.65
N ILE D 327 31.25 -14.60 -22.42
CA ILE D 327 30.03 -13.82 -22.19
C ILE D 327 30.22 -12.38 -22.66
N LEU D 328 31.35 -11.77 -22.33
CA LEU D 328 31.59 -10.40 -22.78
C LEU D 328 31.74 -10.28 -24.29
N SER D 329 32.11 -11.35 -25.00
CA SER D 329 32.24 -11.24 -26.44
C SER D 329 30.89 -11.02 -27.12
N TRP D 330 29.80 -11.35 -26.42
CA TRP D 330 28.46 -11.11 -26.93
C TRP D 330 28.12 -9.63 -27.02
N LYS D 331 28.81 -8.78 -26.25
CA LYS D 331 28.58 -7.34 -26.25
C LYS D 331 27.15 -7.03 -25.81
N VAL D 332 26.72 -7.67 -24.72
CA VAL D 332 25.45 -7.42 -24.07
C VAL D 332 25.74 -6.77 -22.72
N PRO D 333 25.02 -5.74 -22.29
CA PRO D 333 25.28 -5.16 -20.97
C PRO D 333 25.19 -6.23 -19.90
N THR D 334 26.21 -6.28 -19.04
CA THR D 334 26.46 -7.41 -18.17
C THR D 334 26.77 -6.95 -16.75
N LEU D 335 26.14 -7.59 -15.78
CA LEU D 335 26.44 -7.45 -14.36
C LEU D 335 27.33 -8.62 -13.92
N ILE D 336 28.47 -8.33 -13.29
CA ILE D 336 29.35 -9.39 -12.76
C ILE D 336 29.37 -9.28 -11.25
N LEU D 337 28.96 -10.35 -10.57
CA LEU D 337 28.79 -10.34 -9.12
C LEU D 337 29.70 -11.39 -8.50
N GLY D 338 30.04 -11.19 -7.24
CA GLY D 338 30.81 -12.20 -6.53
C GLY D 338 29.94 -13.36 -6.08
N GLY D 339 30.19 -13.83 -4.87
CA GLY D 339 29.45 -14.95 -4.31
C GLY D 339 30.32 -15.67 -3.30
N GLY D 340 30.29 -17.01 -3.37
CA GLY D 340 31.17 -17.79 -2.52
C GLY D 340 32.65 -17.58 -2.81
N GLY D 341 33.47 -18.12 -1.93
CA GLY D 341 34.90 -18.00 -2.07
C GLY D 341 35.48 -17.93 -0.68
N TYR D 342 36.03 -19.04 -0.20
CA TYR D 342 36.38 -19.14 1.20
C TYR D 342 37.90 -19.18 1.43
N ASN D 343 38.69 -19.12 0.37
CA ASN D 343 40.12 -18.83 0.43
C ASN D 343 40.23 -17.36 -0.03
N PHE D 344 40.26 -16.43 0.94
CA PHE D 344 40.16 -15.01 0.57
C PHE D 344 41.28 -14.54 -0.36
N PRO D 345 42.56 -14.81 -0.09
CA PRO D 345 43.61 -14.33 -1.04
C PRO D 345 43.45 -14.91 -2.44
N ASP D 346 43.11 -16.19 -2.54
CA ASP D 346 42.90 -16.79 -3.86
C ASP D 346 41.63 -16.25 -4.52
N THR D 347 40.61 -15.92 -3.73
CA THR D 347 39.44 -15.28 -4.29
C THR D 347 39.78 -13.90 -4.86
N ALA D 348 40.58 -13.14 -4.11
CA ALA D 348 41.12 -11.87 -4.60
C ALA D 348 41.92 -12.04 -5.89
N ARG D 349 42.80 -13.05 -5.94
CA ARG D 349 43.58 -13.36 -7.15
C ARG D 349 42.68 -13.60 -8.37
N LEU D 350 41.63 -14.40 -8.20
CA LEU D 350 40.71 -14.66 -9.29
C LEU D 350 40.00 -13.39 -9.76
N TRP D 351 39.35 -12.69 -8.82
CA TRP D 351 38.49 -11.57 -9.20
C TRP D 351 39.31 -10.38 -9.70
N THR D 352 40.56 -10.26 -9.25
CA THR D 352 41.46 -9.28 -9.85
C THR D 352 41.69 -9.57 -11.33
N ARG D 353 41.92 -10.84 -11.68
CA ARG D 353 42.05 -11.19 -13.09
C ARG D 353 40.73 -11.00 -13.83
N VAL D 354 39.60 -11.38 -13.22
CA VAL D 354 38.30 -11.13 -13.87
C VAL D 354 38.12 -9.65 -14.13
N THR D 355 38.52 -8.82 -13.19
CA THR D 355 38.39 -7.38 -13.38
C THR D 355 39.31 -6.88 -14.50
N ALA D 356 40.56 -7.36 -14.52
CA ALA D 356 41.51 -6.95 -15.56
C ALA D 356 41.04 -7.40 -16.94
N LEU D 357 40.50 -8.63 -17.04
CA LEU D 357 39.96 -9.14 -18.30
C LEU D 357 38.75 -8.34 -18.77
N THR D 358 37.86 -7.97 -17.86
CA THR D 358 36.70 -7.15 -18.25
C THR D 358 37.15 -5.80 -18.84
N ILE D 359 38.15 -5.15 -18.23
CA ILE D 359 38.66 -3.90 -18.80
C ILE D 359 39.19 -4.15 -20.20
N GLU D 360 39.95 -5.24 -20.37
CA GLU D 360 40.55 -5.53 -21.67
C GLU D 360 39.48 -5.75 -22.72
N GLU D 361 38.47 -6.57 -22.40
CA GLU D 361 37.50 -6.95 -23.40
C GLU D 361 36.54 -5.82 -23.71
N VAL D 362 36.23 -4.98 -22.72
CA VAL D 362 35.25 -3.93 -22.96
C VAL D 362 35.90 -2.69 -23.56
N LYS D 363 37.06 -2.31 -23.05
CA LYS D 363 37.71 -1.09 -23.51
C LYS D 363 38.67 -1.31 -24.68
N GLY D 364 39.22 -2.51 -24.83
CA GLY D 364 40.25 -2.77 -25.83
C GLY D 364 41.65 -2.43 -25.39
N LYS D 365 41.83 -1.96 -24.17
CA LYS D 365 43.15 -1.57 -23.67
C LYS D 365 43.81 -2.77 -22.99
N LYS D 366 44.99 -3.15 -23.48
CA LYS D 366 45.68 -4.30 -22.91
C LYS D 366 46.04 -4.03 -21.45
N MET D 367 45.72 -4.99 -20.59
CA MET D 367 46.01 -4.87 -19.17
C MET D 367 47.18 -5.79 -18.87
N THR D 368 48.30 -5.19 -18.51
CA THR D 368 49.51 -5.91 -18.17
C THR D 368 49.57 -5.98 -16.65
N ILE D 369 49.32 -7.17 -16.09
CA ILE D 369 49.45 -7.42 -14.66
C ILE D 369 50.76 -8.15 -14.40
N SER D 370 51.57 -7.62 -13.49
CA SER D 370 52.78 -8.30 -13.08
C SER D 370 52.46 -9.68 -12.50
N PRO D 371 53.34 -10.66 -12.70
CA PRO D 371 53.11 -12.00 -12.13
C PRO D 371 53.27 -12.07 -10.62
N GLU D 372 53.89 -11.11 -9.97
CA GLU D 372 53.93 -11.13 -8.51
C GLU D 372 53.02 -10.06 -7.92
N ILE D 373 52.53 -10.33 -6.72
CA ILE D 373 51.61 -9.45 -6.00
C ILE D 373 52.33 -8.14 -5.68
N PRO D 374 51.80 -6.97 -6.08
CA PRO D 374 52.44 -5.71 -5.67
C PRO D 374 52.33 -5.51 -4.17
N GLU D 375 53.33 -4.84 -3.60
CA GLU D 375 53.27 -4.49 -2.19
C GLU D 375 52.07 -3.60 -1.90
N HIS D 376 51.41 -3.85 -0.79
CA HIS D 376 50.20 -3.12 -0.40
C HIS D 376 49.77 -3.62 0.97
N SER D 377 48.71 -2.99 1.51
CA SER D 377 48.30 -3.22 2.90
C SER D 377 48.20 -4.71 3.22
N TYR D 378 47.67 -5.51 2.28
CA TYR D 378 47.45 -6.93 2.51
C TYR D 378 48.46 -7.82 1.81
N PHE D 379 49.58 -7.24 1.36
CA PHE D 379 50.65 -8.03 0.72
C PHE D 379 50.96 -9.31 1.49
N SER D 380 51.08 -9.23 2.81
CA SER D 380 51.50 -10.40 3.59
C SER D 380 50.50 -11.55 3.55
N ARG D 381 49.22 -11.27 3.26
CA ARG D 381 48.25 -12.34 3.16
C ARG D 381 48.51 -13.26 1.97
N TYR D 382 49.41 -12.89 1.07
CA TYR D 382 49.63 -13.68 -0.13
C TYR D 382 50.88 -14.52 -0.02
N GLY D 383 51.44 -14.66 1.18
CA GLY D 383 52.58 -15.53 1.42
C GLY D 383 52.20 -16.99 1.34
N PRO D 384 53.19 -17.87 1.15
CA PRO D 384 54.60 -17.53 1.17
C PRO D 384 55.19 -17.09 -0.17
N ASP D 385 54.52 -17.37 -1.28
CA ASP D 385 55.12 -17.15 -2.60
C ASP D 385 54.77 -15.82 -3.25
N PHE D 386 53.65 -15.18 -2.88
CA PHE D 386 53.32 -13.83 -3.34
C PHE D 386 53.17 -13.76 -4.86
N GLU D 387 52.68 -14.82 -5.46
CA GLU D 387 52.39 -14.85 -6.88
C GLU D 387 50.90 -14.59 -7.12
N LEU D 388 50.59 -14.05 -8.30
CA LEU D 388 49.20 -13.81 -8.72
C LEU D 388 48.49 -15.12 -9.08
N ASP D 389 49.19 -16.04 -9.75
CA ASP D 389 48.66 -17.37 -9.99
C ASP D 389 48.44 -18.08 -8.66
N ILE D 390 47.29 -18.76 -8.52
CA ILE D 390 47.07 -19.53 -7.29
C ILE D 390 48.08 -20.68 -7.21
N ASP D 391 48.31 -21.15 -5.99
CA ASP D 391 49.30 -22.21 -5.76
C ASP D 391 48.64 -23.57 -5.94
N TYR D 392 48.51 -23.98 -7.20
CA TYR D 392 47.94 -25.27 -7.51
C TYR D 392 48.68 -25.90 -8.69
N PHE D 393 49.01 -27.18 -8.58
CA PHE D 393 49.73 -27.87 -9.65
C PHE D 393 48.76 -28.83 -10.33
N PRO D 394 48.16 -28.46 -11.48
CA PRO D 394 47.14 -29.28 -12.16
C PRO D 394 47.72 -30.55 -12.78
N ASP D 403 31.01 -38.27 -21.20
CA ASP D 403 29.90 -39.21 -21.20
C ASP D 403 28.69 -38.65 -20.43
N SER D 404 28.88 -38.44 -19.13
CA SER D 404 27.84 -37.77 -18.34
C SER D 404 27.56 -36.39 -18.92
N ILE D 405 28.61 -35.66 -19.32
CA ILE D 405 28.44 -34.31 -19.82
C ILE D 405 27.79 -34.30 -21.21
N GLN D 406 28.08 -35.28 -22.06
CA GLN D 406 27.39 -35.43 -23.35
C GLN D 406 25.87 -35.54 -23.19
N LYS D 407 25.43 -36.39 -22.26
CA LYS D 407 23.99 -36.55 -22.03
C LYS D 407 23.36 -35.26 -21.50
N HIS D 408 24.03 -34.55 -20.60
CA HIS D 408 23.49 -33.27 -20.12
C HIS D 408 23.34 -32.28 -21.26
N HIS D 409 24.34 -32.22 -22.16
CA HIS D 409 24.26 -31.38 -23.35
C HIS D 409 23.06 -31.73 -24.23
N ARG D 410 22.81 -33.02 -24.48
CA ARG D 410 21.63 -33.39 -25.29
C ARG D 410 20.34 -33.00 -24.59
N ARG D 411 20.27 -33.19 -23.27
CA ARG D 411 19.09 -32.79 -22.51
C ARG D 411 18.89 -31.28 -22.57
N ILE D 412 19.96 -30.52 -22.34
CA ILE D 412 19.87 -29.06 -22.29
C ILE D 412 19.51 -28.48 -23.65
N LEU D 413 20.04 -29.08 -24.73
CA LEU D 413 19.68 -28.61 -26.06
C LEU D 413 18.20 -28.85 -26.33
N GLU D 414 17.70 -30.03 -25.96
CA GLU D 414 16.27 -30.27 -26.10
C GLU D 414 15.45 -29.30 -25.25
N GLN D 415 15.91 -29.01 -24.03
CA GLN D 415 15.18 -28.05 -23.21
C GLN D 415 15.17 -26.68 -23.86
N LEU D 416 16.31 -26.28 -24.43
CA LEU D 416 16.41 -25.00 -25.13
C LEU D 416 15.48 -24.97 -26.34
N ARG D 417 15.39 -26.08 -27.06
CA ARG D 417 14.46 -26.16 -28.17
C ARG D 417 13.02 -26.00 -27.69
N ASN D 418 12.67 -26.71 -26.60
CA ASN D 418 11.33 -26.60 -26.02
C ASN D 418 11.06 -25.19 -25.54
N TYR D 419 12.05 -24.54 -24.93
CA TYR D 419 11.88 -23.16 -24.45
C TYR D 419 11.62 -22.21 -25.62
N ALA D 420 12.38 -22.37 -26.70
CA ALA D 420 12.20 -21.53 -27.89
C ALA D 420 10.86 -21.78 -28.56
N ASP D 421 10.44 -23.05 -28.65
CA ASP D 421 9.14 -23.38 -29.22
C ASP D 421 8.03 -22.74 -28.39
N LEU D 422 8.09 -22.90 -27.06
CA LEU D 422 7.05 -22.39 -26.18
C LEU D 422 6.95 -20.87 -26.25
N ASN D 423 8.07 -20.17 -26.45
CA ASN D 423 8.13 -18.71 -26.38
C ASN D 423 8.21 -18.07 -27.76
N LYS D 424 7.88 -18.83 -28.81
CA LYS D 424 7.81 -18.33 -30.18
C LYS D 424 9.09 -17.59 -30.58
N LEU D 425 10.24 -18.16 -30.22
CA LEU D 425 11.53 -17.56 -30.55
C LEU D 425 12.12 -18.19 -31.81
N ILE D 426 12.64 -17.34 -32.69
CA ILE D 426 13.21 -17.76 -33.96
C ILE D 426 14.69 -18.08 -33.77
N TYR D 427 15.13 -19.20 -34.34
CA TYR D 427 16.54 -19.56 -34.33
C TYR D 427 16.83 -20.80 -35.18
N ASP D 428 18.07 -20.94 -35.66
CA ASP D 428 18.48 -22.08 -36.48
C ASP D 428 18.81 -23.27 -35.59
N TYR D 429 18.13 -24.40 -35.82
CA TYR D 429 18.45 -25.63 -35.07
C TYR D 429 19.87 -26.11 -35.39
N ASP D 430 20.21 -26.23 -36.68
CA ASP D 430 21.48 -26.83 -37.02
C ASP D 430 22.67 -25.92 -36.73
N GLN D 431 22.45 -24.61 -36.58
CA GLN D 431 23.54 -23.73 -36.15
C GLN D 431 23.81 -23.87 -34.66
N VAL D 432 22.77 -24.11 -33.85
CA VAL D 432 23.02 -24.28 -32.42
C VAL D 432 23.45 -25.70 -32.10
N TYR D 433 22.92 -26.69 -32.84
CA TYR D 433 23.39 -28.06 -32.68
C TYR D 433 24.87 -28.16 -32.98
N GLN D 434 25.35 -27.41 -33.99
CA GLN D 434 26.78 -27.43 -34.33
C GLN D 434 27.65 -27.08 -33.12
N LEU D 435 27.17 -26.21 -32.24
CA LEU D 435 27.99 -25.77 -31.11
C LEU D 435 28.45 -26.93 -30.25
N TYR D 436 27.68 -28.02 -30.20
CA TYR D 436 28.09 -29.18 -29.43
C TYR D 436 28.68 -30.27 -30.35
ZN ZN E . -25.69 4.50 25.45
K K F . -24.21 11.30 24.09
K K G . -12.95 17.63 16.57
N T61 H . -23.42 2.79 24.80
C T61 H . -24.26 2.00 25.45
O T61 H . -25.48 2.09 25.30
C1 T61 H . -23.66 1.04 26.43
C10 T61 H . -28.99 -2.50 31.76
C11 T61 H . -29.06 -3.11 30.54
C12 T61 H . -28.07 -2.90 29.59
C13 T61 H . -24.48 0.18 27.17
C2 T61 H . -22.30 1.09 26.72
C3 T61 H . -21.78 0.36 27.78
C4 T61 H . -22.62 -0.44 28.54
C5 T61 H . -23.97 -0.57 28.22
C6 T61 H . -26.07 -1.73 28.75
C7 T61 H . -26.98 -2.06 29.89
C8 T61 H . -26.91 -1.49 31.15
C9 T61 H . -27.92 -1.70 32.08
N1 T61 H . -24.80 -1.39 29.05
O1 T61 H . -23.93 3.82 24.02
O2 T61 H . -26.47 -1.82 27.61
CL T61 H . -21.97 -1.26 29.92
C1 DMF I . -32.21 18.37 6.04
C2 DMF I . -31.82 19.41 3.75
C DMF I . -33.98 19.49 4.89
O DMF I . -34.72 19.02 4.05
N DMF I . -32.70 19.11 4.88
C1 DMF J . -35.76 -11.13 11.44
C2 DMF J . -33.73 -12.38 12.36
C DMF J . -35.50 -11.66 13.81
O DMF J . -34.78 -11.93 14.76
N DMF J . -35.02 -11.71 12.57
C1 DMF K . -39.77 -2.60 4.91
C2 DMF K . -37.97 -2.94 6.68
C DMF K . -40.31 -3.42 7.12
O DMF K . -40.06 -4.26 7.99
N DMF K . -39.38 -3.00 6.27
C1 DMF L . -44.62 11.64 15.68
C2 DMF L . -46.99 12.08 14.79
C DMF L . -45.02 12.93 13.69
O DMF L . -44.32 13.89 13.95
N DMF L . -45.54 12.24 14.69
C1 DMF M . -36.78 24.38 24.74
C2 DMF M . -39.02 25.49 24.35
C DMF M . -38.85 23.11 24.96
O DMF M . -39.68 22.58 24.20
N DMF M . -38.25 24.28 24.70
C1 DMF N . -51.26 -8.48 15.64
C2 DMF N . -53.29 -9.82 14.90
C DMF N . -51.14 -10.89 15.28
O DMF N . -50.29 -11.11 16.16
N DMF N . -51.87 -9.78 15.28
C1 GOL O . -12.92 16.37 28.80
O1 GOL O . -12.30 16.50 30.06
C2 GOL O . -12.74 14.97 28.26
O2 GOL O . -12.99 13.99 29.26
C3 GOL O . -13.73 14.89 27.13
O3 GOL O . -13.96 13.55 26.78
K K P . -21.22 -18.38 -9.36
K K Q . -34.12 -25.56 -6.42
N T61 R . -22.33 -10.15 -10.74
C T61 R . -21.35 -9.32 -11.05
O T61 R . -20.51 -9.61 -11.89
C1 T61 R . -21.28 -8.00 -10.35
C10 T61 R . -14.54 -2.92 -11.74
C11 T61 R . -15.52 -2.88 -12.71
C12 T61 R . -16.81 -3.28 -12.42
C13 T61 R . -20.05 -7.35 -10.38
C2 T61 R . -22.36 -7.36 -9.75
C3 T61 R . -22.21 -6.09 -9.20
C4 T61 R . -20.98 -5.46 -9.25
C5 T61 R . -19.88 -6.06 -9.88
C6 T61 R . -18.56 -4.09 -10.84
C7 T61 R . -17.14 -3.73 -11.14
C8 T61 R . -16.14 -3.80 -10.18
C9 T61 R . -14.85 -3.40 -10.48
N1 T61 R . -18.77 -5.34 -10.37
O1 T61 R . -22.39 -11.38 -11.38
O2 T61 R . -19.46 -3.31 -11.11
CL T61 R . -20.77 -3.99 -8.36
C1 DMF S . -20.30 -10.57 -35.66
C2 DMF S . -21.83 -12.55 -35.11
C DMF S . -21.88 -11.43 -37.25
O DMF S . -21.52 -12.22 -38.11
N DMF S . -21.34 -11.52 -36.04
C1 DMF T . -10.66 -24.14 -27.04
C2 DMF T . -10.75 -25.53 -29.17
C DMF T . -9.08 -23.77 -28.84
O DMF T . -8.77 -22.73 -28.27
N DMF T . -10.14 -24.45 -28.38
C1 DMF U . -11.14 -21.98 -36.38
C2 DMF U . -12.96 -22.20 -38.14
C DMF U . -11.53 -24.09 -37.52
O DMF U . -10.37 -24.44 -37.67
N DMF U . -11.86 -22.79 -37.36
C1 DMF V . -21.13 0.03 -30.98
C2 DMF V . -22.84 -1.66 -31.84
C DMF V . -20.46 -2.08 -31.98
O DMF V . -20.25 -2.44 -33.15
N DMF V . -21.45 -1.26 -31.63
C1 DMF W . -24.90 -31.81 -25.65
C2 DMF W . -26.74 -33.29 -26.64
C DMF W . -24.44 -33.37 -27.46
O DMF W . -23.26 -33.03 -27.47
N DMF W . -25.33 -32.84 -26.62
C1 DMF X . -41.87 -21.25 -11.65
C2 DMF X . -40.82 -19.13 -12.64
C DMF X . -40.22 -19.95 -10.44
O DMF X . -40.13 -18.84 -9.94
N DMF X . -40.95 -20.10 -11.54
C1 DMF Y . -36.13 -17.04 1.45
C2 DMF Y . -35.77 -17.82 -0.96
C DMF Y . -33.93 -17.67 0.58
O DMF Y . -33.20 -17.76 -0.40
N DMF Y . -35.24 -17.51 0.37
C1 DMF Z . -16.95 -18.36 3.15
C2 DMF Z . -15.29 -18.61 1.21
C DMF Z . -15.73 -20.43 2.77
O DMF Z . -16.38 -20.98 3.67
N DMF Z . -15.98 -19.18 2.40
C1 GOL AA . -33.88 -8.07 -30.67
O1 GOL AA . -33.34 -7.79 -29.40
C2 GOL AA . -34.77 -6.90 -31.08
O2 GOL AA . -34.77 -6.86 -32.48
C3 GOL AA . -36.18 -7.24 -30.59
O3 GOL AA . -37.00 -6.10 -30.46
C1 GOL BA . -27.46 -19.73 3.10
O1 GOL BA . -26.46 -20.64 3.53
C2 GOL BA . -27.06 -19.07 1.79
O2 GOL BA . -26.60 -17.78 2.09
C3 GOL BA . -28.22 -19.00 0.80
O3 GOL BA . -27.72 -18.84 -0.52
ZN ZN CA . -19.99 -11.65 -11.33
ZN ZN DA . 18.33 17.09 3.82
K K EA . 20.95 17.37 10.37
K K FA . 34.94 18.74 15.38
N T61 GA . 20.53 16.51 2.14
C T61 GA . 19.42 16.46 1.41
O T61 GA . 18.48 17.24 1.60
C1 T61 GA . 19.35 15.42 0.35
C10 T61 GA . 11.71 14.14 -3.23
C11 T61 GA . 12.45 15.12 -3.85
C12 T61 GA . 13.82 15.13 -3.74
C13 T61 GA . 18.06 15.16 -0.10
C2 T61 GA . 20.43 14.77 -0.24
C3 T61 GA . 20.21 13.87 -1.28
C4 T61 GA . 18.93 13.62 -1.72
C5 T61 GA . 17.82 14.29 -1.16
C6 T61 GA . 15.98 14.09 -2.95
C7 T61 GA . 14.49 14.14 -3.00
C8 T61 GA . 13.72 13.17 -2.36
C9 T61 GA . 12.33 13.17 -2.47
N1 T61 GA . 16.52 14.31 -1.74
O1 T61 GA . 20.67 17.47 3.12
O2 T61 GA . 16.64 13.95 -3.97
CL T61 GA . 18.68 12.32 -2.83
C1 DMF HA . 14.14 42.68 -3.10
C2 DMF HA . 15.33 40.95 -1.67
C DMF HA . 14.04 40.30 -3.61
O DMF HA . 12.93 39.82 -3.45
N DMF HA . 14.48 41.27 -2.81
C1 DMF IA . 7.73 36.26 14.14
C2 DMF IA . 8.07 33.74 14.20
C DMF IA . 6.67 34.79 12.51
O DMF IA . 5.60 34.18 12.58
N DMF IA . 7.46 34.92 13.58
C1 DMF JA . 7.15 44.09 8.31
C2 DMF JA . 6.06 42.03 9.31
C DMF JA . 6.10 44.17 10.50
O DMF JA . 5.58 43.63 11.49
N DMF JA . 6.42 43.45 9.41
C1 DMF KA . 22.46 36.38 17.79
C2 DMF KA . 24.20 38.15 18.36
C DMF KA . 21.87 38.34 19.04
O DMF KA . 21.90 39.56 19.05
N DMF KA . 22.82 37.65 18.42
C1 DMF LA . 12.52 11.69 20.39
C2 DMF LA . 10.97 11.24 22.36
C DMF LA . 10.35 10.71 20.07
O DMF LA . 10.38 9.52 19.76
N DMF LA . 11.25 11.18 20.92
C1 DMF MA . 28.57 37.72 -9.36
C2 DMF MA . 27.19 36.26 -7.76
C DMF MA . 27.28 38.68 -7.54
O DMF MA . 26.58 38.57 -6.53
N DMF MA . 27.66 37.59 -8.20
C1 GOL NA . 29.27 7.81 14.41
O1 GOL NA . 29.42 6.42 14.63
C2 GOL NA . 29.52 8.15 12.94
O2 GOL NA . 28.58 7.45 12.10
C3 GOL NA . 29.39 9.66 12.85
O3 GOL NA . 29.13 10.14 11.57
ZN ZN OA . 29.16 -21.37 -3.24
K K PA . 26.40 -22.24 -9.71
K K QA . 13.01 -18.60 -15.38
N T61 RA . 26.99 -20.98 -1.54
C T61 RA . 28.03 -20.90 -0.72
O T61 RA . 29.05 -20.28 -1.01
C1 T61 RA . 27.93 -21.65 0.57
C10 T61 RA . 35.08 -24.00 4.54
C11 T61 RA . 34.62 -22.74 4.87
C12 T61 RA . 33.28 -22.43 4.75
C13 T61 RA . 29.13 -22.09 1.12
C2 T61 RA . 26.73 -21.92 1.24
C3 T61 RA . 26.74 -22.64 2.41
C4 T61 RA . 27.94 -23.07 2.94
C5 T61 RA . 29.16 -22.79 2.32
C6 T61 RA . 30.92 -23.05 4.20
C7 T61 RA . 32.37 -23.37 4.28
C8 T61 RA . 32.84 -24.64 3.94
C9 T61 RA . 34.18 -24.95 4.07
N1 T61 RA . 30.43 -22.94 2.94
O1 T61 RA . 27.06 -20.37 -2.79
O2 T61 RA . 30.26 -22.84 5.21
CL T61 RA . 27.90 -24.12 4.33
C1 DMF SA . 28.28 -4.05 -24.47
C2 DMF SA . 29.21 -5.52 -22.60
C DMF SA . 30.55 -4.85 -24.49
O DMF SA . 31.54 -4.37 -23.97
N DMF SA . 29.39 -4.81 -23.87
C1 DMF TA . 38.02 0.65 -2.50
C2 DMF TA . 39.42 2.45 -3.68
C DMF TA . 40.19 0.17 -3.44
O DMF TA . 41.26 0.22 -2.83
N DMF TA . 39.24 1.06 -3.22
C1 DMF UA . 10.76 -12.88 -8.36
C2 DMF UA . 8.47 -12.49 -7.34
C DMF UA . 9.80 -10.70 -8.38
O DMF UA . 10.86 -10.12 -8.22
N DMF UA . 9.67 -11.97 -8.02
C1 DMF VA . 24.61 -35.08 -10.76
C2 DMF VA . 24.22 -36.02 -13.09
C DMF VA . 26.41 -35.22 -12.40
O DMF VA . 26.79 -35.01 -13.55
N DMF VA . 25.13 -35.43 -12.09
C1 DMF WA . 11.57 -23.36 -7.60
C2 DMF WA . 9.22 -24.11 -7.03
C DMF WA . 10.99 -25.69 -7.72
O DMF WA . 12.08 -26.08 -7.29
N DMF WA . 10.59 -24.44 -7.46
C1 GOL XA . 15.40 -27.69 -9.15
O1 GOL XA . 16.66 -27.12 -9.43
C2 GOL XA . 15.52 -29.19 -9.26
O2 GOL XA . 16.57 -29.74 -8.47
C3 GOL XA . 15.73 -29.52 -10.72
O3 GOL XA . 15.21 -30.82 -10.95
#